data_8VA2
#
_entry.id   8VA2
#
_cell.length_a   1.00
_cell.length_b   1.00
_cell.length_c   1.00
_cell.angle_alpha   90.00
_cell.angle_beta   90.00
_cell.angle_gamma   90.00
#
_symmetry.space_group_name_H-M   'P 1'
#
loop_
_entity.id
_entity.type
_entity.pdbx_description
1 polymer 'Tubulin alpha-1B chain'
2 polymer 'Tubulin gamma-1 chain'
3 non-polymer "GUANOSINE-5'-TRIPHOSPHATE"
4 non-polymer 'MAGNESIUM ION'
5 non-polymer "GUANOSINE-5'-DIPHOSPHATE"
#
loop_
_entity_poly.entity_id
_entity_poly.type
_entity_poly.pdbx_seq_one_letter_code
_entity_poly.pdbx_strand_id
1 'polypeptide(L)'
;MRECISIHVGQAGVQIGNACWELYCLEHGIQPDGQMPSDKTIHHHHHHGGGDDSFNTFFSETGAGKHVPRAVFVDLEPTV
IDEVRTGTYRQLFHPEQLITGKEDAANNYARGHYTIGKEIIDLVLDRIRKLADQCTGLQGFLVFHSFGGGTGSGFTSLLM
ERLSVDYGKKSKLEFSIYPAPQVSTAVVEPYNSILTTHTTLEHSDCAFMVDNEAIYDICRRNLDIERPTYTNLNRLISQI
VSSITASLRFDGALNVDLTDFQTNLVPYPRIHFPLATYAPVISAEKAYHEQLSVAEITNACFEPANQMVKCDPRHGKYMA
CCLLYRGDVVPKDVNAAIATIKTKRSIQFVDWCPTGFKVGINYQPPTVVPGGDLAKVQRAVCMLSNTTAIAEAWARLDHK
FDLMYAKRAFVHWYVGEGMEEGEFSEAREDMAALEKDYEEVGVDSVEGEGEEEGEEY
;
a,b
2 'polypeptide(L)'
;MPREIITLQLGQCGNQIGFEFWKQLCAEHGISPEGIVEEFATEGTDRKDVFFYQADDEHYIPRAVLLDLEPRVIHSILNS
PYAKLYNPENIYLSEHGGGAGNNWASGFSQGEKIHEDIFDIIDREADGSDSLEGFVLCHSIAGGTGSGLGSYLLERLNDR
YPKKLVQTYSVFPNQDEMSDVVVQPYNSLLTLKRLTQNADCVVVLDNTALNRIATDRLHIQNPSFSQINQLVSTIMSAST
TTLRYPGYMNNDLIGLIASLIPTPRLHFLMTGYTPLTTDQSVASVRKTTVLDVMRRLLQPKNVMVSTGRDRQTNHCYIAI
LNIIQGEVDPTQVHKSLQRIRERKLANFIPWGPASIQVALSRKSPYLPSAHRVSGLMMANHTSISSLFERTCRQYDKLRK
REAFLEQFRKEDMFKDNFDEMDTSREIVQQLIDEYHAATRP
;
g,h
#
# COMPACT_ATOMS: atom_id res chain seq x y z
N GLU A 3 -4.65 -9.97 8.58
CA GLU A 3 -5.18 -8.61 8.63
C GLU A 3 -6.68 -8.62 8.87
N CYS A 4 -7.07 -8.93 10.11
CA CYS A 4 -8.48 -9.04 10.47
C CYS A 4 -8.74 -8.22 11.73
N ILE A 5 -9.98 -7.75 11.85
CA ILE A 5 -10.41 -6.91 12.96
C ILE A 5 -11.31 -7.71 13.87
N SER A 6 -11.07 -7.60 15.18
CA SER A 6 -11.89 -8.27 16.19
C SER A 6 -12.92 -7.29 16.71
N ILE A 7 -14.17 -7.75 16.77
CA ILE A 7 -15.27 -6.95 17.31
C ILE A 7 -15.96 -7.77 18.38
N HIS A 8 -16.62 -7.09 19.30
CA HIS A 8 -17.30 -7.76 20.39
C HIS A 8 -18.51 -6.93 20.82
N VAL A 9 -19.51 -7.61 21.35
CA VAL A 9 -20.72 -6.95 21.85
C VAL A 9 -21.23 -7.74 23.04
N GLY A 10 -21.79 -7.02 24.02
CA GLY A 10 -22.35 -7.65 25.19
C GLY A 10 -21.29 -8.08 26.19
N GLN A 11 -21.75 -8.37 27.40
CA GLN A 11 -20.86 -8.86 28.45
C GLN A 11 -20.08 -10.09 27.97
N ALA A 12 -20.78 -11.02 27.31
CA ALA A 12 -20.11 -12.19 26.76
C ALA A 12 -19.04 -11.79 25.77
N GLY A 13 -19.39 -10.88 24.85
CA GLY A 13 -18.41 -10.46 23.87
C GLY A 13 -17.18 -9.88 24.51
N VAL A 14 -17.37 -9.01 25.50
CA VAL A 14 -16.24 -8.36 26.15
C VAL A 14 -15.36 -9.40 26.83
N GLN A 15 -15.97 -10.34 27.56
CA GLN A 15 -15.16 -11.33 28.29
C GLN A 15 -14.43 -12.26 27.35
N ILE A 16 -15.09 -12.70 26.26
CA ILE A 16 -14.40 -13.53 25.28
C ILE A 16 -13.26 -12.76 24.64
N GLY A 17 -13.48 -11.48 24.34
CA GLY A 17 -12.39 -10.66 23.83
C GLY A 17 -11.22 -10.63 24.79
N ASN A 18 -11.51 -10.41 26.07
CA ASN A 18 -10.45 -10.40 27.08
C ASN A 18 -9.67 -11.70 27.03
N ALA A 19 -10.37 -12.83 27.09
CA ALA A 19 -9.70 -14.12 27.16
C ALA A 19 -8.87 -14.37 25.91
N CYS A 20 -9.44 -14.12 24.74
CA CYS A 20 -8.74 -14.43 23.50
C CYS A 20 -7.52 -13.54 23.33
N TRP A 21 -7.64 -12.25 23.64
CA TRP A 21 -6.50 -11.36 23.50
C TRP A 21 -5.42 -11.72 24.51
N GLU A 22 -5.81 -12.12 25.71
CA GLU A 22 -4.82 -12.61 26.67
C GLU A 22 -4.10 -13.82 26.12
N LEU A 23 -4.83 -14.76 25.53
CA LEU A 23 -4.19 -15.95 24.96
C LEU A 23 -3.22 -15.57 23.85
N TYR A 24 -3.64 -14.67 22.96
CA TYR A 24 -2.75 -14.26 21.87
C TYR A 24 -1.49 -13.61 22.43
N CYS A 25 -1.65 -12.72 23.40
CA CYS A 25 -0.48 -12.13 24.05
C CYS A 25 0.44 -13.21 24.58
N LEU A 26 -0.13 -14.22 25.24
CA LEU A 26 0.67 -15.30 25.77
C LEU A 26 1.48 -15.98 24.67
N GLU A 27 0.81 -16.36 23.59
CA GLU A 27 1.45 -17.20 22.59
C GLU A 27 2.33 -16.42 21.63
N HIS A 28 2.32 -15.08 21.70
CA HIS A 28 3.30 -14.28 20.98
C HIS A 28 4.42 -13.76 21.89
N GLY A 29 4.47 -14.20 23.14
CA GLY A 29 5.51 -13.74 24.03
C GLY A 29 5.48 -12.25 24.22
N ILE A 30 4.29 -11.70 24.48
CA ILE A 30 4.09 -10.26 24.66
C ILE A 30 3.84 -10.00 26.13
N GLN A 31 4.48 -8.96 26.67
CA GLN A 31 4.21 -8.54 28.02
C GLN A 31 2.79 -7.99 28.11
N PRO A 32 2.20 -7.98 29.31
CA PRO A 32 0.81 -7.49 29.45
C PRO A 32 0.62 -6.09 28.87
N ASP A 33 1.71 -5.35 28.70
CA ASP A 33 1.66 -3.99 28.14
C ASP A 33 2.10 -3.96 26.68
N GLY A 34 1.93 -5.06 25.95
CA GLY A 34 2.21 -5.07 24.54
C GLY A 34 3.68 -5.07 24.18
N GLN A 35 4.57 -5.33 25.13
CA GLN A 35 6.01 -5.29 24.90
C GLN A 35 6.55 -6.69 24.65
N MET A 36 7.37 -6.82 23.61
CA MET A 36 7.94 -8.11 23.24
C MET A 36 9.38 -8.17 23.72
N PRO A 37 9.74 -9.06 24.65
CA PRO A 37 11.14 -9.19 25.07
C PRO A 37 12.08 -9.54 23.92
N ASP A 53 4.67 -10.56 9.66
CA ASP A 53 5.04 -11.59 10.63
C ASP A 53 3.79 -12.25 11.21
N SER A 54 4.01 -13.27 12.04
CA SER A 54 2.89 -14.03 12.61
C SER A 54 1.85 -13.09 13.23
N PHE A 55 2.27 -12.31 14.24
CA PHE A 55 1.37 -11.40 14.92
C PHE A 55 0.91 -10.24 14.06
N ASN A 56 1.54 -10.05 12.89
CA ASN A 56 1.27 -8.86 12.09
C ASN A 56 -0.21 -8.68 11.82
N THR A 57 -0.94 -9.78 11.63
CA THR A 57 -2.34 -9.66 11.26
C THR A 57 -3.15 -9.00 12.37
N PHE A 58 -3.06 -9.50 13.59
CA PHE A 58 -3.85 -8.95 14.69
C PHE A 58 -3.16 -7.81 15.40
N PHE A 59 -1.82 -7.81 15.44
CA PHE A 59 -1.06 -6.84 16.19
C PHE A 59 -0.27 -5.97 15.22
N SER A 60 -0.76 -4.76 14.97
CA SER A 60 0.05 -3.77 14.30
C SER A 60 1.11 -3.23 15.28
N GLU A 61 2.11 -2.56 14.74
CA GLU A 61 3.22 -2.06 15.53
C GLU A 61 3.34 -0.55 15.40
N THR A 62 3.88 0.08 16.45
CA THR A 62 4.09 1.52 16.48
C THR A 62 5.55 1.83 16.23
N GLY A 63 5.89 3.11 16.34
CA GLY A 63 7.27 3.52 16.14
C GLY A 63 8.22 2.80 17.09
N ALA A 64 7.84 2.72 18.36
CA ALA A 64 8.61 1.97 19.33
C ALA A 64 8.15 0.52 19.35
N GLY A 65 8.77 -0.28 20.20
CA GLY A 65 8.42 -1.68 20.31
C GLY A 65 7.10 -1.91 21.01
N LYS A 66 6.03 -1.30 20.47
CA LYS A 66 4.70 -1.42 21.05
C LYS A 66 3.72 -1.82 19.98
N HIS A 67 2.81 -2.72 20.33
CA HIS A 67 1.76 -3.18 19.44
C HIS A 67 0.40 -2.80 20.00
N VAL A 68 -0.63 -2.99 19.18
CA VAL A 68 -1.99 -2.64 19.57
C VAL A 68 -2.95 -3.68 19.01
N PRO A 69 -3.72 -4.36 19.84
CA PRO A 69 -4.76 -5.27 19.31
C PRO A 69 -5.75 -4.51 18.44
N ARG A 70 -6.14 -5.15 17.34
CA ARG A 70 -7.17 -4.60 16.46
C ARG A 70 -8.56 -4.90 17.03
N ALA A 71 -8.80 -4.36 18.22
CA ALA A 71 -9.98 -4.68 19.01
C ALA A 71 -10.91 -3.48 19.08
N VAL A 72 -12.21 -3.77 19.06
CA VAL A 72 -13.25 -2.75 19.21
C VAL A 72 -14.37 -3.35 20.04
N PHE A 73 -14.49 -2.93 21.30
CA PHE A 73 -15.52 -3.42 22.20
C PHE A 73 -16.56 -2.33 22.41
N VAL A 74 -17.84 -2.67 22.22
CA VAL A 74 -18.93 -1.71 22.31
C VAL A 74 -20.04 -2.31 23.15
N ASP A 75 -20.50 -1.56 24.15
CA ASP A 75 -21.62 -1.97 24.99
C ASP A 75 -22.29 -0.73 25.57
N LEU A 76 -23.59 -0.82 25.79
CA LEU A 76 -24.31 0.29 26.41
C LEU A 76 -23.80 0.56 27.82
N GLU A 77 -23.97 -0.41 28.71
CA GLU A 77 -23.57 -0.23 30.10
C GLU A 77 -22.05 -0.10 30.17
N PRO A 78 -21.51 0.96 30.77
CA PRO A 78 -20.05 1.09 30.82
C PRO A 78 -19.38 0.06 31.72
N THR A 79 -20.11 -0.49 32.69
CA THR A 79 -19.51 -1.28 33.76
C THR A 79 -18.38 -2.20 33.28
N VAL A 80 -18.69 -3.09 32.34
CA VAL A 80 -17.70 -4.07 31.90
C VAL A 80 -16.51 -3.38 31.25
N ILE A 81 -16.78 -2.37 30.41
CA ILE A 81 -15.69 -1.70 29.72
C ILE A 81 -14.78 -0.99 30.71
N ASP A 82 -15.37 -0.33 31.72
CA ASP A 82 -14.57 0.31 32.74
C ASP A 82 -13.75 -0.71 33.51
N GLU A 83 -14.35 -1.85 33.85
CA GLU A 83 -13.61 -2.86 34.58
C GLU A 83 -12.42 -3.36 33.77
N VAL A 84 -12.59 -3.51 32.46
CA VAL A 84 -11.45 -3.83 31.61
C VAL A 84 -10.43 -2.70 31.65
N ARG A 85 -10.91 -1.45 31.58
CA ARG A 85 -10.00 -0.31 31.61
C ARG A 85 -9.19 -0.25 32.90
N THR A 86 -9.69 -0.84 33.98
CA THR A 86 -8.96 -0.93 35.24
C THR A 86 -8.41 -2.33 35.48
N GLY A 87 -8.32 -3.16 34.44
CA GLY A 87 -7.82 -4.51 34.57
C GLY A 87 -6.32 -4.59 34.35
N THR A 88 -5.82 -5.83 34.42
CA THR A 88 -4.38 -6.05 34.25
C THR A 88 -3.91 -5.60 32.87
N TYR A 89 -4.67 -5.92 31.83
CA TYR A 89 -4.36 -5.45 30.47
C TYR A 89 -5.10 -4.16 30.15
N ARG A 90 -4.98 -3.17 31.04
CA ARG A 90 -5.57 -1.86 30.75
C ARG A 90 -4.74 -1.10 29.73
N GLN A 91 -3.40 -1.15 29.86
CA GLN A 91 -2.54 -0.36 29.00
C GLN A 91 -2.43 -0.93 27.59
N LEU A 92 -2.85 -2.19 27.38
CA LEU A 92 -2.63 -2.82 26.08
C LEU A 92 -3.41 -2.12 24.98
N PHE A 93 -4.66 -1.75 25.25
CA PHE A 93 -5.53 -1.26 24.20
C PHE A 93 -5.37 0.25 24.00
N HIS A 94 -5.58 0.68 22.76
CA HIS A 94 -5.59 2.09 22.44
C HIS A 94 -6.83 2.72 23.08
N PRO A 95 -6.68 3.72 23.95
CA PRO A 95 -7.81 4.10 24.82
C PRO A 95 -9.09 4.42 24.06
N GLU A 96 -9.01 4.88 22.82
CA GLU A 96 -10.22 5.21 22.08
C GLU A 96 -10.97 3.98 21.62
N GLN A 97 -10.31 2.81 21.57
CA GLN A 97 -10.96 1.62 21.05
C GLN A 97 -12.18 1.24 21.88
N LEU A 98 -12.06 1.28 23.21
CA LEU A 98 -13.08 0.74 24.08
C LEU A 98 -14.30 1.65 24.12
N ILE A 99 -15.00 1.77 22.99
CA ILE A 99 -16.18 2.60 22.93
C ILE A 99 -17.25 2.05 23.87
N THR A 100 -17.94 2.94 24.57
CA THR A 100 -19.01 2.55 25.48
C THR A 100 -20.38 2.87 24.90
N ASN A 108 -33.67 -6.59 25.57
CA ASN A 108 -34.69 -6.15 24.63
C ASN A 108 -34.05 -5.75 23.30
N TYR A 109 -34.35 -6.53 22.26
CA TYR A 109 -33.76 -6.27 20.95
C TYR A 109 -34.18 -4.90 20.42
N ALA A 110 -35.46 -4.55 20.60
CA ALA A 110 -35.92 -3.25 20.11
C ALA A 110 -35.15 -2.12 20.75
N ARG A 111 -34.90 -2.21 22.06
CA ARG A 111 -34.16 -1.16 22.76
C ARG A 111 -32.77 -1.01 22.16
N GLY A 112 -32.07 -2.11 21.95
CA GLY A 112 -30.69 -2.09 21.48
C GLY A 112 -30.54 -2.15 19.98
N HIS A 113 -31.61 -1.96 19.22
CA HIS A 113 -31.53 -1.95 17.76
C HIS A 113 -32.10 -0.71 17.11
N TYR A 114 -32.97 0.02 17.79
CA TYR A 114 -33.67 1.15 17.17
C TYR A 114 -33.35 2.49 17.82
N THR A 115 -33.45 2.59 19.15
CA THR A 115 -33.44 3.88 19.80
C THR A 115 -32.14 4.21 20.51
N ILE A 116 -31.26 3.24 20.77
CA ILE A 116 -30.03 3.50 21.51
C ILE A 116 -28.81 3.20 20.66
N GLY A 117 -28.64 1.94 20.26
CA GLY A 117 -27.51 1.61 19.42
C GLY A 117 -27.44 2.44 18.16
N LYS A 118 -28.60 2.85 17.65
CA LYS A 118 -28.63 3.71 16.47
C LYS A 118 -27.90 5.02 16.72
N GLU A 119 -27.86 5.48 17.97
CA GLU A 119 -27.26 6.77 18.30
C GLU A 119 -25.78 6.67 18.60
N ILE A 120 -25.20 5.48 18.51
CA ILE A 120 -23.76 5.28 18.60
C ILE A 120 -23.21 4.55 17.40
N ILE A 121 -24.08 4.14 16.47
CA ILE A 121 -23.62 3.46 15.26
C ILE A 121 -22.62 4.32 14.51
N ASP A 122 -22.88 5.63 14.42
CA ASP A 122 -21.99 6.50 13.67
C ASP A 122 -20.61 6.55 14.31
N LEU A 123 -20.56 6.67 15.64
CA LEU A 123 -19.27 6.73 16.33
C LEU A 123 -18.50 5.43 16.13
N VAL A 124 -19.18 4.28 16.28
CA VAL A 124 -18.48 3.02 16.12
C VAL A 124 -18.01 2.86 14.68
N LEU A 125 -18.80 3.36 13.72
CA LEU A 125 -18.35 3.33 12.33
C LEU A 125 -17.11 4.18 12.13
N ASP A 126 -17.06 5.35 12.76
CA ASP A 126 -15.88 6.20 12.65
C ASP A 126 -14.65 5.47 13.17
N ARG A 127 -14.75 4.87 14.35
CA ARG A 127 -13.62 4.16 14.91
C ARG A 127 -13.22 2.98 14.02
N ILE A 128 -14.21 2.25 13.51
CA ILE A 128 -13.93 1.11 12.64
C ILE A 128 -13.18 1.56 11.40
N ARG A 129 -13.63 2.65 10.78
CA ARG A 129 -12.96 3.15 9.60
C ARG A 129 -11.53 3.57 9.93
N LYS A 130 -11.35 4.24 11.07
CA LYS A 130 -10.01 4.65 11.46
C LYS A 130 -9.09 3.44 11.58
N LEU A 131 -9.57 2.38 12.22
CA LEU A 131 -8.74 1.20 12.37
C LEU A 131 -8.46 0.53 11.03
N ALA A 132 -9.51 0.31 10.23
CA ALA A 132 -9.37 -0.43 8.99
C ALA A 132 -8.45 0.29 8.02
N ASP A 133 -8.57 1.61 7.91
CA ASP A 133 -7.73 2.35 6.99
C ASP A 133 -6.25 2.09 7.25
N GLN A 134 -5.89 1.80 8.50
CA GLN A 134 -4.53 1.43 8.80
C GLN A 134 -4.12 0.15 8.07
N CYS A 135 -5.07 -0.75 7.83
CA CYS A 135 -4.76 -2.06 7.28
C CYS A 135 -4.37 -1.94 5.81
N THR A 136 -3.82 -3.03 5.28
CA THR A 136 -3.47 -3.16 3.88
C THR A 136 -4.10 -4.37 3.22
N GLY A 137 -4.17 -5.50 3.92
CA GLY A 137 -4.64 -6.74 3.34
C GLY A 137 -5.87 -7.31 4.03
N LEU A 138 -6.84 -6.45 4.31
CA LEU A 138 -8.01 -6.89 5.07
C LEU A 138 -8.68 -8.09 4.41
N GLN A 139 -9.06 -9.07 5.22
CA GLN A 139 -9.77 -10.26 4.77
C GLN A 139 -11.22 -10.28 5.24
N GLY A 140 -11.45 -10.14 6.53
CA GLY A 140 -12.81 -10.22 7.04
C GLY A 140 -12.88 -9.73 8.46
N PHE A 141 -14.00 -10.05 9.11
CA PHE A 141 -14.28 -9.62 10.47
C PHE A 141 -14.54 -10.84 11.35
N LEU A 142 -14.10 -10.75 12.60
CA LEU A 142 -14.40 -11.73 13.63
C LEU A 142 -15.30 -11.05 14.65
N VAL A 143 -16.60 -11.07 14.40
CA VAL A 143 -17.56 -10.40 15.27
C VAL A 143 -18.06 -11.40 16.31
N PHE A 144 -17.80 -11.09 17.57
CA PHE A 144 -18.24 -11.94 18.68
C PHE A 144 -19.42 -11.27 19.38
N HIS A 145 -20.37 -12.09 19.81
CA HIS A 145 -21.58 -11.60 20.46
C HIS A 145 -22.33 -12.79 21.02
N SER A 146 -23.49 -12.51 21.60
CA SER A 146 -24.35 -13.54 22.14
C SER A 146 -25.80 -13.20 21.84
N PHE A 147 -26.62 -14.24 21.71
CA PHE A 147 -28.05 -14.05 21.54
C PHE A 147 -28.74 -13.68 22.85
N GLY A 148 -28.04 -13.77 23.98
CA GLY A 148 -28.65 -13.51 25.27
C GLY A 148 -29.00 -12.06 25.49
N GLY A 149 -27.99 -11.20 25.60
CA GLY A 149 -28.24 -9.79 25.82
C GLY A 149 -29.00 -9.17 24.68
N GLY A 150 -30.26 -8.79 24.94
CA GLY A 150 -31.07 -8.18 23.88
C GLY A 150 -30.43 -6.93 23.33
N THR A 151 -29.88 -6.08 24.21
CA THR A 151 -29.17 -4.90 23.75
C THR A 151 -28.02 -5.28 22.83
N GLY A 152 -27.21 -6.24 23.28
CA GLY A 152 -26.07 -6.68 22.47
C GLY A 152 -26.51 -7.25 21.13
N SER A 153 -27.56 -8.08 21.13
CA SER A 153 -28.02 -8.66 19.88
C SER A 153 -28.52 -7.60 18.91
N GLY A 154 -29.33 -6.66 19.39
CA GLY A 154 -29.83 -5.62 18.51
C GLY A 154 -28.71 -4.77 17.94
N PHE A 155 -27.77 -4.36 18.80
CA PHE A 155 -26.66 -3.57 18.31
C PHE A 155 -25.82 -4.37 17.32
N THR A 156 -25.64 -5.67 17.58
CA THR A 156 -24.90 -6.50 16.64
C THR A 156 -25.58 -6.54 15.29
N SER A 157 -26.90 -6.68 15.28
CA SER A 157 -27.63 -6.67 14.02
C SER A 157 -27.40 -5.36 13.27
N LEU A 158 -27.57 -4.23 13.96
CA LEU A 158 -27.43 -2.95 13.29
C LEU A 158 -26.02 -2.76 12.75
N LEU A 159 -25.01 -3.01 13.59
CA LEU A 159 -23.63 -2.86 13.16
C LEU A 159 -23.30 -3.78 12.01
N MET A 160 -23.77 -5.02 12.07
CA MET A 160 -23.50 -5.97 11.00
C MET A 160 -24.08 -5.50 9.69
N GLU A 161 -25.33 -5.03 9.72
CA GLU A 161 -25.94 -4.51 8.50
C GLU A 161 -25.15 -3.34 7.96
N ARG A 162 -24.72 -2.43 8.85
CA ARG A 162 -24.03 -1.24 8.39
C ARG A 162 -22.67 -1.60 7.78
N LEU A 163 -21.95 -2.53 8.39
CA LEU A 163 -20.70 -2.99 7.78
C LEU A 163 -20.96 -3.65 6.44
N SER A 164 -21.99 -4.48 6.35
CA SER A 164 -22.29 -5.14 5.08
C SER A 164 -22.52 -4.11 3.98
N VAL A 165 -23.34 -3.10 4.25
CA VAL A 165 -23.62 -2.10 3.24
C VAL A 165 -22.37 -1.27 2.94
N ASP A 166 -21.55 -1.01 3.97
CA ASP A 166 -20.39 -0.15 3.79
C ASP A 166 -19.32 -0.86 2.98
N TYR A 167 -18.83 -1.99 3.46
CA TYR A 167 -17.74 -2.72 2.82
C TYR A 167 -18.33 -3.74 1.86
N GLY A 168 -17.92 -3.67 0.60
CA GLY A 168 -18.53 -4.45 -0.45
C GLY A 168 -18.47 -5.94 -0.24
N LYS A 169 -17.27 -6.51 -0.33
CA LYS A 169 -17.09 -7.97 -0.32
C LYS A 169 -15.94 -8.33 0.60
N LYS A 170 -16.25 -8.60 1.86
CA LYS A 170 -15.26 -9.07 2.82
C LYS A 170 -15.96 -10.00 3.81
N SER A 171 -15.24 -11.03 4.24
CA SER A 171 -15.84 -12.06 5.07
C SER A 171 -16.28 -11.47 6.41
N LYS A 172 -17.31 -12.06 6.99
CA LYS A 172 -17.96 -11.54 8.19
C LYS A 172 -18.21 -12.65 9.20
N LEU A 173 -17.16 -13.44 9.49
CA LEU A 173 -17.26 -14.50 10.48
C LEU A 173 -17.90 -14.00 11.76
N GLU A 174 -18.61 -14.90 12.44
CA GLU A 174 -19.17 -14.61 13.75
C GLU A 174 -19.04 -15.83 14.66
N PHE A 175 -18.68 -15.58 15.91
CA PHE A 175 -18.64 -16.59 16.96
C PHE A 175 -19.72 -16.21 17.97
N SER A 176 -20.95 -16.63 17.70
CA SER A 176 -22.06 -16.29 18.55
C SER A 176 -22.28 -17.38 19.60
N ILE A 177 -23.12 -17.06 20.58
CA ILE A 177 -23.47 -17.99 21.65
C ILE A 177 -24.92 -18.39 21.46
N TYR A 178 -25.15 -19.68 21.28
CA TYR A 178 -26.50 -20.20 21.05
C TYR A 178 -27.07 -20.65 22.39
N PRO A 179 -28.12 -20.00 22.90
CA PRO A 179 -28.69 -20.44 24.18
C PRO A 179 -29.27 -21.84 24.08
N ALA A 180 -29.22 -22.56 25.20
CA ALA A 180 -29.80 -23.88 25.26
C ALA A 180 -31.31 -23.79 25.11
N PRO A 181 -31.96 -24.87 24.67
CA PRO A 181 -33.43 -24.85 24.59
C PRO A 181 -34.13 -24.95 25.92
N GLN A 182 -33.47 -25.49 26.95
CA GLN A 182 -34.02 -25.54 28.29
C GLN A 182 -33.17 -24.79 29.30
N VAL A 183 -31.85 -24.95 29.25
CA VAL A 183 -30.95 -24.43 30.27
C VAL A 183 -30.53 -23.03 29.84
N SER A 184 -31.23 -22.01 30.36
CA SER A 184 -30.90 -20.62 30.08
C SER A 184 -31.77 -19.74 30.95
N THR A 185 -31.38 -18.48 31.08
CA THR A 185 -32.20 -17.48 31.76
C THR A 185 -33.35 -17.05 30.84
N ALA A 186 -34.15 -18.05 30.46
CA ALA A 186 -35.17 -17.90 29.43
C ALA A 186 -36.28 -17.01 29.97
N VAL A 187 -36.25 -15.73 29.61
CA VAL A 187 -37.30 -14.79 29.97
C VAL A 187 -37.78 -14.09 28.71
N VAL A 188 -36.84 -13.50 27.96
CA VAL A 188 -37.16 -12.82 26.70
C VAL A 188 -36.20 -13.30 25.63
N GLU A 189 -35.49 -14.39 25.92
CA GLU A 189 -34.49 -14.89 24.98
C GLU A 189 -35.08 -15.24 23.62
N PRO A 190 -36.24 -15.90 23.49
CA PRO A 190 -36.70 -16.28 22.14
C PRO A 190 -36.89 -15.10 21.20
N TYR A 191 -37.42 -13.98 21.69
CA TYR A 191 -37.65 -12.84 20.81
C TYR A 191 -36.33 -12.25 20.31
N ASN A 192 -35.41 -12.01 21.24
CA ASN A 192 -34.08 -11.54 20.87
C ASN A 192 -33.46 -12.47 19.85
N SER A 193 -33.55 -13.78 20.09
CA SER A 193 -32.95 -14.75 19.20
C SER A 193 -33.58 -14.67 17.81
N ILE A 194 -34.90 -14.59 17.74
CA ILE A 194 -35.55 -14.59 16.43
C ILE A 194 -35.14 -13.36 15.64
N LEU A 195 -35.14 -12.18 16.29
CA LEU A 195 -34.82 -10.96 15.56
C LEU A 195 -33.36 -10.98 15.09
N THR A 196 -32.44 -11.31 16.00
CA THR A 196 -31.03 -11.32 15.63
C THR A 196 -30.75 -12.36 14.55
N THR A 197 -31.36 -13.55 14.66
CA THR A 197 -31.16 -14.57 13.65
C THR A 197 -31.68 -14.13 12.30
N HIS A 198 -32.84 -13.47 12.27
CA HIS A 198 -33.36 -12.96 11.00
C HIS A 198 -32.39 -11.97 10.37
N THR A 199 -32.02 -10.93 11.14
CA THR A 199 -31.14 -9.91 10.59
C THR A 199 -29.84 -10.52 10.11
N THR A 200 -29.25 -11.42 10.90
CA THR A 200 -28.02 -12.09 10.50
C THR A 200 -28.23 -12.88 9.21
N LEU A 201 -29.29 -13.70 9.16
CA LEU A 201 -29.55 -14.50 7.98
C LEU A 201 -29.56 -13.65 6.73
N GLU A 202 -30.11 -12.43 6.82
CA GLU A 202 -30.24 -11.62 5.61
C GLU A 202 -28.89 -11.35 4.96
N HIS A 203 -27.86 -11.04 5.75
CA HIS A 203 -26.58 -10.60 5.19
C HIS A 203 -25.37 -11.25 5.85
N SER A 204 -25.52 -12.41 6.46
CA SER A 204 -24.41 -13.01 7.18
C SER A 204 -23.57 -13.90 6.27
N ASP A 205 -22.48 -14.42 6.85
CA ASP A 205 -21.61 -15.38 6.17
C ASP A 205 -21.66 -16.74 6.86
N CYS A 206 -21.31 -16.80 8.14
CA CYS A 206 -21.46 -18.03 8.91
C CYS A 206 -21.32 -17.77 10.40
N ALA A 207 -22.35 -18.11 11.18
CA ALA A 207 -22.33 -17.94 12.62
C ALA A 207 -22.14 -19.29 13.30
N PHE A 208 -21.27 -19.34 14.30
CA PHE A 208 -20.87 -20.59 14.95
C PHE A 208 -21.55 -20.66 16.31
N MET A 209 -22.58 -21.49 16.41
CA MET A 209 -23.32 -21.62 17.65
C MET A 209 -22.44 -22.21 18.74
N VAL A 210 -22.73 -21.81 19.98
CA VAL A 210 -22.13 -22.40 21.17
C VAL A 210 -23.11 -22.23 22.31
N ASP A 211 -23.19 -23.23 23.18
CA ASP A 211 -24.18 -23.25 24.25
C ASP A 211 -23.48 -23.45 25.58
N ASN A 212 -23.83 -22.61 26.56
CA ASN A 212 -23.22 -22.73 27.89
C ASN A 212 -23.55 -24.06 28.53
N GLU A 213 -24.72 -24.62 28.25
CA GLU A 213 -25.06 -25.95 28.76
C GLU A 213 -24.00 -26.96 28.33
N ALA A 214 -23.64 -26.93 27.04
CA ALA A 214 -22.65 -27.87 26.54
C ALA A 214 -21.31 -27.66 27.21
N ILE A 215 -20.89 -26.41 27.39
CA ILE A 215 -19.61 -26.13 28.04
C ILE A 215 -19.62 -26.65 29.46
N TYR A 216 -20.71 -26.38 30.20
CA TYR A 216 -20.83 -26.89 31.56
C TYR A 216 -20.66 -28.39 31.59
N ASP A 217 -21.44 -29.09 30.76
CA ASP A 217 -21.38 -30.55 30.78
C ASP A 217 -19.99 -31.05 30.40
N ILE A 218 -19.36 -30.43 29.40
CA ILE A 218 -18.05 -30.88 28.96
C ILE A 218 -17.03 -30.73 30.07
N CYS A 219 -16.97 -29.55 30.68
CA CYS A 219 -15.97 -29.33 31.72
C CYS A 219 -16.22 -30.23 32.92
N ARG A 220 -17.49 -30.39 33.30
CA ARG A 220 -17.80 -31.25 34.44
C ARG A 220 -17.37 -32.69 34.16
N ARG A 221 -17.82 -33.24 33.02
CA ARG A 221 -17.56 -34.65 32.75
C ARG A 221 -16.08 -34.90 32.48
N ASN A 222 -15.46 -34.05 31.67
CA ASN A 222 -14.10 -34.29 31.18
C ASN A 222 -13.05 -33.54 31.98
N LEU A 223 -13.16 -32.21 32.04
CA LEU A 223 -12.15 -31.42 32.73
C LEU A 223 -12.31 -31.43 34.25
N ASP A 224 -13.46 -31.90 34.76
CA ASP A 224 -13.65 -32.09 36.19
C ASP A 224 -13.44 -30.77 36.95
N ILE A 225 -14.32 -29.82 36.68
CA ILE A 225 -14.43 -28.60 37.46
C ILE A 225 -15.85 -28.51 38.01
N GLU A 226 -15.97 -28.28 39.32
CA GLU A 226 -17.27 -28.36 39.97
C GLU A 226 -18.11 -27.14 39.67
N ARG A 227 -17.66 -25.96 40.10
CA ARG A 227 -18.36 -24.72 39.79
C ARG A 227 -17.60 -24.00 38.68
N PRO A 228 -17.92 -24.24 37.42
CA PRO A 228 -17.20 -23.55 36.35
C PRO A 228 -17.58 -22.07 36.31
N THR A 229 -16.70 -21.22 36.81
CA THR A 229 -16.93 -19.79 36.76
C THR A 229 -16.96 -19.31 35.31
N TYR A 230 -17.79 -18.30 35.06
CA TYR A 230 -17.97 -17.82 33.70
C TYR A 230 -16.65 -17.49 33.05
N THR A 231 -15.68 -17.02 33.82
CA THR A 231 -14.36 -16.76 33.26
C THR A 231 -13.70 -18.04 32.78
N ASN A 232 -13.99 -19.18 33.42
CA ASN A 232 -13.41 -20.44 32.95
C ASN A 232 -14.03 -20.88 31.62
N LEU A 233 -15.34 -20.73 31.50
CA LEU A 233 -15.98 -20.97 30.21
C LEU A 233 -15.38 -20.07 29.16
N ASN A 234 -15.19 -18.78 29.49
CA ASN A 234 -14.56 -17.88 28.55
C ASN A 234 -13.16 -18.34 28.20
N ARG A 235 -12.43 -18.88 29.19
CA ARG A 235 -11.08 -19.36 28.93
C ARG A 235 -11.09 -20.49 27.90
N LEU A 236 -11.97 -21.47 28.10
CA LEU A 236 -12.03 -22.59 27.16
C LEU A 236 -12.47 -22.11 25.78
N ILE A 237 -13.50 -21.27 25.72
CA ILE A 237 -13.98 -20.78 24.44
C ILE A 237 -12.89 -19.98 23.73
N SER A 238 -12.15 -19.19 24.51
CA SER A 238 -11.02 -18.46 23.96
C SER A 238 -9.98 -19.40 23.41
N GLN A 239 -9.74 -20.52 24.08
CA GLN A 239 -8.76 -21.46 23.57
C GLN A 239 -9.24 -22.02 22.24
N ILE A 240 -10.54 -22.28 22.11
CA ILE A 240 -11.10 -22.71 20.83
C ILE A 240 -10.85 -21.65 19.77
N VAL A 241 -11.17 -20.40 20.10
CA VAL A 241 -11.00 -19.31 19.14
C VAL A 241 -9.55 -19.20 18.73
N SER A 242 -8.64 -19.42 19.67
CA SER A 242 -7.22 -19.44 19.33
C SER A 242 -6.92 -20.58 18.37
N SER A 243 -7.37 -21.79 18.71
CA SER A 243 -7.08 -22.94 17.87
C SER A 243 -7.52 -22.72 16.44
N ILE A 244 -8.57 -21.92 16.24
CA ILE A 244 -8.99 -21.60 14.87
C ILE A 244 -8.19 -20.43 14.29
N THR A 245 -8.13 -19.31 15.01
CA THR A 245 -7.59 -18.09 14.41
C THR A 245 -6.08 -18.15 14.26
N ALA A 246 -5.36 -18.58 15.30
CA ALA A 246 -3.91 -18.68 15.19
C ALA A 246 -3.53 -19.67 14.10
N SER A 247 -4.33 -20.72 13.92
CA SER A 247 -4.10 -21.61 12.79
C SER A 247 -4.33 -20.89 11.48
N LEU A 248 -5.34 -20.04 11.41
CA LEU A 248 -5.50 -19.17 10.24
C LEU A 248 -4.26 -18.33 10.02
N ARG A 249 -3.57 -17.96 11.09
CA ARG A 249 -2.43 -17.04 11.00
C ARG A 249 -1.10 -17.78 10.83
N PHE A 250 -0.78 -18.66 11.79
CA PHE A 250 0.51 -19.33 11.74
C PHE A 250 0.67 -20.13 10.46
N ASP A 251 1.84 -19.99 9.85
CA ASP A 251 2.18 -20.83 8.72
C ASP A 251 2.26 -22.29 9.15
N GLY A 252 1.97 -23.18 8.22
CA GLY A 252 1.97 -24.60 8.53
C GLY A 252 2.03 -25.42 7.27
N ALA A 253 2.15 -26.73 7.47
CA ALA A 253 2.22 -27.65 6.33
C ALA A 253 0.97 -27.60 5.48
N LEU A 254 -0.14 -27.08 6.02
CA LEU A 254 -1.36 -26.92 5.22
C LEU A 254 -2.16 -25.77 5.86
N ASN A 255 -2.04 -24.58 5.27
CA ASN A 255 -2.64 -23.38 5.81
C ASN A 255 -4.00 -23.13 5.16
N VAL A 256 -4.64 -22.02 5.56
CA VAL A 256 -5.99 -21.70 5.10
C VAL A 256 -6.24 -20.23 5.37
N ASP A 257 -7.19 -19.65 4.64
CA ASP A 257 -7.60 -18.27 4.80
C ASP A 257 -9.06 -18.20 5.23
N LEU A 258 -9.57 -16.97 5.34
CA LEU A 258 -10.95 -16.78 5.79
C LEU A 258 -11.95 -17.05 4.67
N THR A 259 -11.73 -16.45 3.50
CA THR A 259 -12.63 -16.72 2.38
C THR A 259 -12.73 -18.20 2.10
N ASP A 260 -11.65 -18.93 2.31
CA ASP A 260 -11.71 -20.39 2.20
C ASP A 260 -12.71 -20.96 3.20
N PHE A 261 -12.69 -20.47 4.44
CA PHE A 261 -13.65 -20.93 5.42
C PHE A 261 -15.07 -20.62 4.97
N GLN A 262 -15.30 -19.42 4.46
CA GLN A 262 -16.64 -19.03 4.04
C GLN A 262 -17.13 -19.93 2.91
N THR A 263 -16.30 -20.19 1.92
CA THR A 263 -16.76 -20.92 0.74
C THR A 263 -16.87 -22.41 0.99
N ASN A 264 -16.02 -22.97 1.85
CA ASN A 264 -16.00 -24.42 2.05
C ASN A 264 -17.00 -24.88 3.11
N LEU A 265 -17.77 -23.98 3.71
CA LEU A 265 -18.73 -24.33 4.73
C LEU A 265 -20.17 -23.99 4.38
N VAL A 266 -20.41 -23.20 3.34
CA VAL A 266 -21.74 -22.70 3.06
C VAL A 266 -22.30 -23.41 1.83
N PRO A 267 -22.91 -24.59 1.97
CA PRO A 267 -23.52 -25.23 0.79
C PRO A 267 -24.57 -24.36 0.14
N TYR A 268 -25.29 -23.57 0.93
CA TYR A 268 -26.29 -22.66 0.41
C TYR A 268 -26.21 -21.36 1.19
N PRO A 269 -26.67 -20.25 0.61
CA PRO A 269 -26.47 -18.95 1.27
C PRO A 269 -27.15 -18.85 2.63
N ARG A 270 -28.13 -19.71 2.92
CA ARG A 270 -28.85 -19.61 4.19
C ARG A 270 -28.33 -20.57 5.25
N ILE A 271 -27.81 -21.73 4.85
CA ILE A 271 -27.36 -22.75 5.81
C ILE A 271 -25.86 -22.54 6.00
N HIS A 272 -25.52 -21.69 6.98
CA HIS A 272 -24.12 -21.39 7.28
C HIS A 272 -23.91 -21.30 8.78
N PHE A 273 -24.44 -22.26 9.53
CA PHE A 273 -24.39 -22.23 11.00
C PHE A 273 -23.80 -23.54 11.51
N PRO A 274 -22.52 -23.76 11.29
CA PRO A 274 -21.88 -24.97 11.79
C PRO A 274 -21.71 -24.94 13.31
N LEU A 275 -21.57 -26.13 13.87
CA LEU A 275 -21.32 -26.28 15.29
C LEU A 275 -19.81 -26.21 15.57
N ALA A 276 -19.43 -26.39 16.82
CA ALA A 276 -18.05 -26.34 17.26
C ALA A 276 -17.64 -27.68 17.87
N THR A 277 -16.33 -27.88 17.99
CA THR A 277 -15.81 -29.13 18.54
C THR A 277 -14.36 -28.91 18.95
N TYR A 278 -13.91 -29.67 19.94
CA TYR A 278 -12.53 -29.59 20.41
C TYR A 278 -12.22 -30.81 21.25
N ALA A 279 -11.24 -31.61 20.84
CA ALA A 279 -10.99 -32.89 21.49
C ALA A 279 -10.28 -32.78 22.84
N PRO A 280 -9.05 -32.27 22.89
CA PRO A 280 -8.26 -32.43 24.13
C PRO A 280 -8.75 -31.54 25.25
N VAL A 281 -9.45 -32.13 26.22
CA VAL A 281 -9.99 -31.39 27.35
C VAL A 281 -9.57 -32.07 28.65
N ILE A 282 -8.44 -32.73 28.63
CA ILE A 282 -7.96 -33.48 29.80
C ILE A 282 -7.26 -32.53 30.77
N SER A 283 -7.55 -32.70 32.05
CA SER A 283 -6.83 -31.97 33.08
C SER A 283 -5.39 -32.46 33.16
N ALA A 284 -4.61 -31.83 34.03
CA ALA A 284 -3.18 -32.14 34.11
C ALA A 284 -2.96 -33.59 34.54
N GLU A 285 -3.66 -34.02 35.59
CA GLU A 285 -3.34 -35.31 36.20
C GLU A 285 -3.56 -36.46 35.22
N LYS A 286 -4.68 -36.44 34.49
CA LYS A 286 -4.98 -37.50 33.55
C LYS A 286 -4.38 -37.25 32.17
N ALA A 287 -3.68 -36.13 31.99
CA ALA A 287 -3.00 -35.87 30.73
C ALA A 287 -1.92 -36.90 30.44
N TYR A 288 -1.47 -37.63 31.47
CA TYR A 288 -0.48 -38.69 31.30
C TYR A 288 -1.13 -40.06 31.09
N HIS A 289 -2.46 -40.14 31.08
CA HIS A 289 -3.17 -41.40 30.95
C HIS A 289 -3.57 -41.70 29.51
N GLU A 290 -2.80 -41.22 28.55
CA GLU A 290 -3.15 -41.44 27.15
C GLU A 290 -1.97 -41.05 26.27
N GLN A 291 -1.90 -41.67 25.09
CA GLN A 291 -0.85 -41.38 24.13
C GLN A 291 -1.26 -40.32 23.12
N LEU A 292 -2.47 -39.76 23.24
CA LEU A 292 -2.93 -38.66 22.38
C LEU A 292 -2.96 -39.07 20.91
N SER A 293 -3.57 -40.23 20.65
CA SER A 293 -3.70 -40.70 19.28
C SER A 293 -4.55 -39.72 18.46
N VAL A 294 -4.08 -39.42 17.25
CA VAL A 294 -4.83 -38.53 16.38
C VAL A 294 -6.22 -39.12 16.11
N ALA A 295 -6.29 -40.43 15.89
CA ALA A 295 -7.59 -41.06 15.67
C ALA A 295 -8.47 -40.93 16.89
N GLU A 296 -7.89 -41.06 18.08
CA GLU A 296 -8.69 -40.95 19.30
C GLU A 296 -9.31 -39.55 19.41
N ILE A 297 -8.53 -38.51 19.15
CA ILE A 297 -9.05 -37.17 19.27
C ILE A 297 -10.08 -36.90 18.17
N THR A 298 -9.85 -37.41 16.97
CA THR A 298 -10.83 -37.21 15.91
C THR A 298 -12.14 -37.89 16.27
N ASN A 299 -12.08 -39.11 16.81
CA ASN A 299 -13.29 -39.78 17.26
C ASN A 299 -13.99 -38.98 18.34
N ALA A 300 -13.22 -38.50 19.32
CA ALA A 300 -13.81 -37.66 20.37
C ALA A 300 -14.53 -36.47 19.76
N CYS A 301 -13.92 -35.85 18.75
CA CYS A 301 -14.61 -34.78 18.04
C CYS A 301 -15.92 -35.28 17.46
N PHE A 302 -15.92 -36.47 16.87
CA PHE A 302 -17.15 -37.05 16.36
C PHE A 302 -17.97 -37.74 17.42
N GLU A 303 -17.45 -37.86 18.63
CA GLU A 303 -18.23 -38.42 19.72
C GLU A 303 -19.38 -37.47 20.04
N PRO A 304 -20.64 -37.92 19.99
CA PRO A 304 -21.75 -36.96 20.13
C PRO A 304 -21.73 -36.18 21.43
N ALA A 305 -21.29 -36.81 22.52
CA ALA A 305 -21.28 -36.13 23.81
C ALA A 305 -20.18 -35.10 23.94
N ASN A 306 -19.20 -35.09 23.03
CA ASN A 306 -18.11 -34.13 23.08
C ASN A 306 -18.38 -32.88 22.26
N GLN A 307 -19.49 -32.84 21.52
CA GLN A 307 -19.85 -31.64 20.79
C GLN A 307 -20.29 -30.54 21.76
N MET A 308 -20.15 -29.30 21.32
CA MET A 308 -20.50 -28.13 22.12
C MET A 308 -21.88 -27.59 21.73
N VAL A 309 -22.81 -28.47 21.39
CA VAL A 309 -24.16 -28.07 21.04
C VAL A 309 -25.13 -29.16 21.48
N LYS A 310 -26.29 -28.74 21.96
CA LYS A 310 -27.34 -29.66 22.40
C LYS A 310 -28.09 -30.15 21.17
N CYS A 311 -27.69 -31.32 20.67
CA CYS A 311 -28.35 -31.89 19.50
C CYS A 311 -27.84 -33.32 19.32
N ASP A 312 -28.58 -34.10 18.54
CA ASP A 312 -28.20 -35.47 18.23
C ASP A 312 -27.94 -35.59 16.73
N PRO A 313 -26.69 -35.52 16.29
CA PRO A 313 -26.42 -35.62 14.84
C PRO A 313 -26.93 -36.91 14.24
N ARG A 314 -27.15 -37.95 15.05
CA ARG A 314 -27.75 -39.17 14.53
C ARG A 314 -29.05 -38.87 13.80
N HIS A 315 -29.83 -37.93 14.33
CA HIS A 315 -31.03 -37.49 13.62
C HIS A 315 -30.67 -36.81 12.31
N GLY A 316 -29.64 -35.98 12.32
CA GLY A 316 -29.25 -35.19 11.16
C GLY A 316 -28.11 -35.79 10.38
N LYS A 317 -27.48 -34.97 9.56
CA LYS A 317 -26.35 -35.39 8.74
C LYS A 317 -25.37 -34.24 8.63
N TYR A 318 -24.09 -34.60 8.42
CA TYR A 318 -23.01 -33.62 8.40
C TYR A 318 -22.82 -33.13 6.97
N MET A 319 -23.21 -31.87 6.72
CA MET A 319 -23.06 -31.32 5.38
C MET A 319 -21.59 -31.23 4.98
N ALA A 320 -20.77 -30.61 5.83
CA ALA A 320 -19.36 -30.45 5.53
C ALA A 320 -18.63 -30.13 6.83
N CYS A 321 -17.32 -30.40 6.83
CA CYS A 321 -16.49 -30.22 8.00
C CYS A 321 -15.20 -29.53 7.61
N CYS A 322 -14.63 -28.80 8.57
CA CYS A 322 -13.30 -28.23 8.43
C CYS A 322 -12.50 -28.61 9.68
N LEU A 323 -11.32 -29.17 9.48
CA LEU A 323 -10.53 -29.73 10.56
C LEU A 323 -9.23 -28.95 10.68
N LEU A 324 -9.01 -28.34 11.84
CA LEU A 324 -7.83 -27.56 12.11
C LEU A 324 -7.01 -28.25 13.19
N TYR A 325 -5.73 -28.48 12.92
CA TYR A 325 -4.82 -29.09 13.88
C TYR A 325 -3.62 -28.19 14.07
N ARG A 326 -2.91 -28.42 15.18
CA ARG A 326 -1.73 -27.65 15.51
C ARG A 326 -0.85 -28.49 16.41
N GLY A 327 0.45 -28.31 16.27
CA GLY A 327 1.41 -29.13 16.98
C GLY A 327 1.86 -30.33 16.18
N ASP A 328 2.38 -31.32 16.90
CA ASP A 328 2.94 -32.52 16.28
C ASP A 328 1.80 -33.36 15.74
N VAL A 329 1.47 -33.16 14.46
CA VAL A 329 0.48 -33.94 13.75
C VAL A 329 0.98 -34.18 12.34
N VAL A 330 0.65 -35.35 11.80
CA VAL A 330 1.17 -35.77 10.50
C VAL A 330 0.02 -35.97 9.52
N PRO A 331 0.09 -35.44 8.29
CA PRO A 331 -1.05 -35.57 7.38
C PRO A 331 -1.48 -36.99 7.11
N LYS A 332 -0.53 -37.91 6.96
CA LYS A 332 -0.89 -39.30 6.68
C LYS A 332 -1.64 -39.92 7.85
N ASP A 333 -1.19 -39.65 9.07
CA ASP A 333 -1.90 -40.15 10.24
C ASP A 333 -3.29 -39.55 10.32
N VAL A 334 -3.42 -38.25 9.99
CA VAL A 334 -4.74 -37.64 9.91
C VAL A 334 -5.61 -38.41 8.92
N ASN A 335 -5.06 -38.72 7.75
CA ASN A 335 -5.83 -39.41 6.73
C ASN A 335 -6.29 -40.77 7.22
N ALA A 336 -5.38 -41.51 7.84
CA ALA A 336 -5.73 -42.82 8.38
C ALA A 336 -6.83 -42.70 9.44
N ALA A 337 -6.69 -41.72 10.33
CA ALA A 337 -7.67 -41.55 11.40
C ALA A 337 -9.05 -41.21 10.84
N ILE A 338 -9.10 -40.26 9.90
CA ILE A 338 -10.39 -39.87 9.34
C ILE A 338 -11.01 -41.02 8.58
N ALA A 339 -10.18 -41.78 7.85
CA ALA A 339 -10.69 -42.94 7.14
C ALA A 339 -11.30 -43.93 8.11
N THR A 340 -10.58 -44.25 9.18
CA THR A 340 -11.08 -45.22 10.15
C THR A 340 -12.39 -44.73 10.79
N ILE A 341 -12.43 -43.46 11.18
CA ILE A 341 -13.60 -42.97 11.90
C ILE A 341 -14.82 -42.90 10.98
N LYS A 342 -14.64 -42.38 9.76
CA LYS A 342 -15.78 -42.27 8.85
C LYS A 342 -16.24 -43.64 8.38
N THR A 343 -15.33 -44.60 8.27
CA THR A 343 -15.73 -45.94 7.88
C THR A 343 -16.78 -46.50 8.82
N LYS A 344 -16.77 -46.08 10.09
CA LYS A 344 -17.86 -46.38 11.00
C LYS A 344 -19.18 -45.96 10.36
N ARG A 345 -20.09 -46.93 10.21
CA ARG A 345 -21.34 -46.65 9.51
C ARG A 345 -22.24 -45.69 10.27
N SER A 346 -21.97 -45.44 11.56
CA SER A 346 -22.84 -44.55 12.32
C SER A 346 -22.87 -43.17 11.71
N ILE A 347 -21.72 -42.64 11.28
CA ILE A 347 -21.72 -41.35 10.60
C ILE A 347 -22.51 -41.50 9.31
N GLN A 348 -23.51 -40.64 9.13
CA GLN A 348 -24.41 -40.70 7.98
C GLN A 348 -24.43 -39.33 7.32
N PHE A 349 -23.67 -39.19 6.25
CA PHE A 349 -23.66 -37.96 5.46
C PHE A 349 -24.88 -37.95 4.56
N VAL A 350 -24.94 -36.99 3.63
CA VAL A 350 -25.98 -36.96 2.62
C VAL A 350 -25.42 -37.50 1.32
N ASP A 351 -26.33 -37.89 0.43
CA ASP A 351 -25.95 -38.56 -0.81
C ASP A 351 -25.54 -37.60 -1.92
N TRP A 352 -25.13 -36.37 -1.56
CA TRP A 352 -24.62 -35.44 -2.56
C TRP A 352 -23.39 -34.67 -2.06
N CYS A 353 -22.71 -35.20 -1.04
CA CYS A 353 -21.52 -34.55 -0.48
C CYS A 353 -20.37 -35.55 -0.45
N PRO A 354 -19.97 -36.07 -1.61
CA PRO A 354 -18.86 -37.03 -1.62
C PRO A 354 -17.57 -36.45 -1.09
N THR A 355 -17.42 -35.12 -1.12
CA THR A 355 -16.22 -34.45 -0.61
C THR A 355 -16.67 -33.30 0.26
N GLY A 356 -16.73 -33.53 1.57
CA GLY A 356 -17.18 -32.52 2.51
C GLY A 356 -16.24 -32.28 3.67
N PHE A 357 -14.93 -32.31 3.42
CA PHE A 357 -13.96 -32.08 4.48
C PHE A 357 -12.85 -31.16 4.00
N LYS A 358 -12.21 -30.50 4.97
CA LYS A 358 -11.04 -29.68 4.77
C LYS A 358 -10.19 -29.74 6.02
N VAL A 359 -8.89 -29.93 5.85
CA VAL A 359 -7.98 -30.10 6.97
C VAL A 359 -7.13 -28.84 7.11
N GLY A 360 -6.56 -28.66 8.29
CA GLY A 360 -5.66 -27.56 8.56
C GLY A 360 -4.64 -27.92 9.61
N ILE A 361 -3.36 -27.71 9.31
CA ILE A 361 -2.27 -28.11 10.19
C ILE A 361 -1.33 -26.93 10.35
N ASN A 362 -0.93 -26.67 11.60
CA ASN A 362 -0.03 -25.57 11.92
C ASN A 362 1.11 -26.07 12.79
N TYR A 363 2.31 -25.56 12.50
CA TYR A 363 3.50 -26.01 13.21
C TYR A 363 3.40 -25.70 14.70
N GLN A 364 2.94 -24.50 15.04
CA GLN A 364 2.93 -24.10 16.45
C GLN A 364 1.98 -25.00 17.23
N PRO A 365 2.32 -25.35 18.47
CA PRO A 365 1.41 -26.13 19.30
C PRO A 365 0.46 -25.23 20.06
N PRO A 366 -0.53 -25.79 20.75
CA PRO A 366 -1.39 -24.96 21.59
C PRO A 366 -0.66 -24.41 22.79
N THR A 367 -1.15 -23.29 23.30
CA THR A 367 -0.56 -22.61 24.44
C THR A 367 -1.56 -22.60 25.59
N VAL A 368 -1.04 -22.62 26.81
CA VAL A 368 -1.84 -22.69 28.02
C VAL A 368 -1.47 -21.53 28.92
N VAL A 369 -2.48 -20.83 29.42
CA VAL A 369 -2.23 -19.72 30.35
C VAL A 369 -1.73 -20.29 31.68
N PRO A 370 -0.69 -19.73 32.29
CA PRO A 370 -0.27 -20.21 33.61
C PRO A 370 -1.42 -20.14 34.60
N GLY A 371 -1.55 -21.21 35.39
CA GLY A 371 -2.66 -21.33 36.30
C GLY A 371 -3.97 -21.67 35.63
N GLY A 372 -4.00 -21.78 34.31
CA GLY A 372 -5.23 -22.12 33.63
C GLY A 372 -5.65 -23.55 33.92
N ASP A 373 -6.97 -23.77 33.86
CA ASP A 373 -7.51 -25.10 34.16
C ASP A 373 -7.01 -26.14 33.17
N LEU A 374 -6.95 -25.79 31.89
CA LEU A 374 -6.57 -26.75 30.87
C LEU A 374 -5.12 -27.20 31.07
N ALA A 375 -4.84 -28.41 30.60
CA ALA A 375 -3.51 -28.99 30.65
C ALA A 375 -2.85 -28.91 29.28
N LYS A 376 -1.53 -28.70 29.28
CA LYS A 376 -0.81 -28.58 28.03
C LYS A 376 -0.93 -29.88 27.23
N VAL A 377 -1.12 -29.75 25.92
CA VAL A 377 -1.28 -30.89 25.03
C VAL A 377 -0.44 -30.65 23.78
N GLN A 378 0.32 -31.67 23.37
CA GLN A 378 1.15 -31.54 22.18
C GLN A 378 0.33 -31.36 20.91
N ARG A 379 -0.94 -31.78 20.92
CA ARG A 379 -1.80 -31.72 19.75
C ARG A 379 -3.06 -30.93 20.09
N ALA A 380 -3.90 -30.73 19.07
CA ALA A 380 -5.17 -30.04 19.27
C ALA A 380 -5.96 -30.08 17.98
N VAL A 381 -7.28 -29.98 18.11
CA VAL A 381 -8.19 -30.01 16.98
C VAL A 381 -9.38 -29.12 17.25
N CYS A 382 -9.88 -28.48 16.19
CA CYS A 382 -11.08 -27.66 16.28
C CYS A 382 -11.86 -27.84 14.98
N MET A 383 -13.04 -28.43 15.08
CA MET A 383 -13.82 -28.81 13.91
C MET A 383 -15.08 -27.96 13.83
N LEU A 384 -15.47 -27.64 12.60
CA LEU A 384 -16.71 -26.91 12.32
C LEU A 384 -17.50 -27.78 11.34
N SER A 385 -18.27 -28.71 11.88
CA SER A 385 -19.00 -29.71 11.09
C SER A 385 -20.46 -29.27 11.00
N ASN A 386 -20.82 -28.64 9.90
CA ASN A 386 -22.20 -28.24 9.70
C ASN A 386 -23.11 -29.46 9.73
N THR A 387 -24.19 -29.38 10.49
CA THR A 387 -25.14 -30.49 10.60
C THR A 387 -26.56 -30.00 10.37
N THR A 388 -27.54 -30.87 10.61
CA THR A 388 -28.94 -30.54 10.38
C THR A 388 -29.81 -30.62 11.63
N ALA A 389 -29.35 -31.27 12.70
CA ALA A 389 -30.13 -31.24 13.94
C ALA A 389 -30.33 -29.82 14.42
N ILE A 390 -29.44 -28.91 14.03
CA ILE A 390 -29.69 -27.49 14.27
C ILE A 390 -31.04 -27.11 13.70
N ALA A 391 -31.50 -27.82 12.68
CA ALA A 391 -32.85 -27.60 12.18
C ALA A 391 -33.88 -27.88 13.27
N GLU A 392 -33.71 -29.00 13.99
CA GLU A 392 -34.62 -29.31 15.08
C GLU A 392 -34.51 -28.26 16.19
N ALA A 393 -33.31 -27.78 16.44
CA ALA A 393 -33.15 -26.72 17.44
C ALA A 393 -33.93 -25.48 17.03
N TRP A 394 -33.79 -25.06 15.77
CA TRP A 394 -34.57 -23.93 15.28
C TRP A 394 -36.05 -24.21 15.39
N ALA A 395 -36.46 -25.46 15.14
CA ALA A 395 -37.88 -25.79 15.19
C ALA A 395 -38.43 -25.61 16.59
N ARG A 396 -37.72 -26.12 17.60
CA ARG A 396 -38.19 -25.95 18.97
C ARG A 396 -38.17 -24.48 19.37
N LEU A 397 -37.13 -23.74 18.95
CA LEU A 397 -37.10 -22.32 19.25
C LEU A 397 -38.31 -21.61 18.65
N ASP A 398 -38.64 -21.92 17.40
CA ASP A 398 -39.78 -21.27 16.75
C ASP A 398 -41.08 -21.66 17.43
N HIS A 399 -41.21 -22.91 17.85
CA HIS A 399 -42.42 -23.33 18.56
C HIS A 399 -42.58 -22.56 19.85
N LYS A 400 -41.50 -22.44 20.64
CA LYS A 400 -41.58 -21.70 21.88
C LYS A 400 -41.85 -20.22 21.61
N PHE A 401 -41.26 -19.68 20.55
CA PHE A 401 -41.54 -18.32 20.13
C PHE A 401 -43.02 -18.13 19.86
N ASP A 402 -43.63 -19.03 19.08
CA ASP A 402 -45.05 -18.89 18.77
C ASP A 402 -45.89 -18.99 20.04
N LEU A 403 -45.54 -19.92 20.93
CA LEU A 403 -46.29 -20.06 22.17
C LEU A 403 -46.24 -18.78 22.98
N MET A 404 -45.05 -18.18 23.13
CA MET A 404 -44.94 -16.95 23.88
C MET A 404 -45.61 -15.78 23.17
N TYR A 405 -45.65 -15.81 21.83
CA TYR A 405 -46.28 -14.73 21.09
C TYR A 405 -47.81 -14.84 21.11
N ALA A 406 -48.35 -16.03 21.36
CA ALA A 406 -49.80 -16.19 21.39
C ALA A 406 -50.43 -15.18 22.34
N LYS A 407 -49.93 -15.13 23.57
CA LYS A 407 -50.44 -14.17 24.54
C LYS A 407 -49.94 -12.75 24.31
N ARG A 408 -48.86 -12.58 23.55
CA ARG A 408 -48.24 -11.28 23.34
C ARG A 408 -47.70 -10.67 24.63
N ALA A 409 -47.52 -11.50 25.66
CA ALA A 409 -47.18 -10.98 26.97
C ALA A 409 -45.81 -10.31 26.97
N PHE A 410 -45.71 -9.19 27.68
CA PHE A 410 -44.46 -8.45 27.80
C PHE A 410 -43.88 -8.15 26.42
N VAL A 411 -44.72 -7.56 25.57
CA VAL A 411 -44.32 -7.22 24.21
C VAL A 411 -44.42 -5.71 23.94
N HIS A 412 -45.24 -4.98 24.68
CA HIS A 412 -45.32 -3.54 24.45
C HIS A 412 -43.95 -2.89 24.62
N TRP A 413 -43.07 -3.51 25.41
CA TRP A 413 -41.69 -3.04 25.47
C TRP A 413 -41.08 -2.99 24.07
N TYR A 414 -41.25 -4.07 23.31
CA TYR A 414 -40.84 -4.05 21.91
C TYR A 414 -41.64 -3.03 21.12
N VAL A 415 -42.95 -2.98 21.34
CA VAL A 415 -43.83 -2.20 20.47
C VAL A 415 -43.45 -0.73 20.50
N GLY A 416 -43.20 -0.20 21.68
CA GLY A 416 -42.91 1.21 21.83
C GLY A 416 -41.51 1.63 21.45
N GLU A 417 -40.64 0.68 21.12
CA GLU A 417 -39.24 0.96 20.83
C GLU A 417 -38.92 0.94 19.34
N GLY A 418 -39.94 0.99 18.49
CA GLY A 418 -39.72 1.06 17.06
C GLY A 418 -39.86 -0.26 16.33
N MET A 419 -40.92 -1.00 16.65
CA MET A 419 -41.21 -2.24 15.96
C MET A 419 -42.68 -2.56 16.14
N GLU A 420 -43.19 -3.49 15.32
CA GLU A 420 -44.60 -3.82 15.29
C GLU A 420 -44.75 -5.32 15.08
N GLU A 421 -45.98 -5.80 15.32
CA GLU A 421 -46.26 -7.22 15.16
C GLU A 421 -46.00 -7.70 13.74
N GLY A 422 -46.03 -6.80 12.77
CA GLY A 422 -45.63 -7.18 11.42
C GLY A 422 -44.22 -7.72 11.39
N GLU A 423 -43.33 -7.12 12.19
CA GLU A 423 -41.96 -7.62 12.26
C GLU A 423 -41.93 -9.04 12.83
N PHE A 424 -42.73 -9.31 13.86
CA PHE A 424 -42.78 -10.65 14.41
C PHE A 424 -43.25 -11.65 13.36
N SER A 425 -44.32 -11.30 12.64
CA SER A 425 -44.82 -12.19 11.60
C SER A 425 -43.76 -12.42 10.53
N GLU A 426 -43.08 -11.35 10.12
CA GLU A 426 -42.05 -11.46 9.08
C GLU A 426 -40.93 -12.40 9.51
N ALA A 427 -40.43 -12.22 10.74
CA ALA A 427 -39.36 -13.07 11.22
C ALA A 427 -39.83 -14.52 11.36
N ARG A 428 -41.05 -14.72 11.84
CA ARG A 428 -41.60 -16.06 11.95
C ARG A 428 -41.62 -16.74 10.58
N GLU A 429 -42.13 -16.03 9.57
CA GLU A 429 -42.21 -16.62 8.24
C GLU A 429 -40.82 -16.90 7.69
N ASP A 430 -39.87 -15.98 7.91
CA ASP A 430 -38.53 -16.19 7.37
C ASP A 430 -37.87 -17.41 8.02
N MET A 431 -38.01 -17.57 9.33
CA MET A 431 -37.41 -18.73 9.97
C MET A 431 -38.13 -20.01 9.58
N ALA A 432 -39.44 -19.95 9.33
CA ALA A 432 -40.13 -21.11 8.79
C ALA A 432 -39.57 -21.49 7.43
N ALA A 433 -39.30 -20.49 6.59
CA ALA A 433 -38.69 -20.75 5.30
C ALA A 433 -37.31 -21.38 5.46
N LEU A 434 -36.52 -20.87 6.41
CA LEU A 434 -35.20 -21.45 6.64
C LEU A 434 -35.31 -22.90 7.10
N GLU A 435 -36.26 -23.19 7.99
CA GLU A 435 -36.47 -24.55 8.43
C GLU A 435 -36.90 -25.44 7.27
N LYS A 436 -37.75 -24.92 6.39
CA LYS A 436 -38.14 -25.68 5.21
C LYS A 436 -36.93 -25.98 4.33
N ASP A 437 -36.02 -25.01 4.20
CA ASP A 437 -34.79 -25.26 3.46
C ASP A 437 -33.95 -26.34 4.14
N TYR A 438 -33.89 -26.31 5.48
CA TYR A 438 -33.17 -27.34 6.20
C TYR A 438 -33.76 -28.72 5.90
N GLU A 439 -35.08 -28.82 5.93
CA GLU A 439 -35.73 -30.10 5.61
C GLU A 439 -35.41 -30.52 4.18
N GLU A 440 -35.46 -29.57 3.24
CA GLU A 440 -35.12 -29.87 1.86
C GLU A 440 -33.73 -30.48 1.77
N VAL A 441 -32.73 -29.80 2.34
CA VAL A 441 -31.37 -30.35 2.32
C VAL A 441 -31.26 -31.61 3.16
N GLY A 442 -32.27 -31.92 3.96
CA GLY A 442 -32.28 -33.16 4.70
C GLY A 442 -32.65 -34.38 3.89
N VAL A 443 -33.13 -34.20 2.66
CA VAL A 443 -33.52 -35.31 1.81
C VAL A 443 -32.58 -35.41 0.61
N GLU B 3 12.42 37.55 6.84
CA GLU B 3 12.40 38.57 7.88
C GLU B 3 11.03 39.25 7.92
N CYS B 4 10.14 38.74 8.76
CA CYS B 4 8.78 39.24 8.85
C CYS B 4 8.48 39.67 10.28
N ILE B 5 7.51 40.57 10.41
CA ILE B 5 7.11 41.11 11.71
C ILE B 5 5.74 40.57 12.06
N SER B 6 5.32 40.83 13.30
CA SER B 6 4.02 40.41 13.80
C SER B 6 3.37 41.56 14.54
N ILE B 7 2.05 41.61 14.49
CA ILE B 7 1.26 42.58 15.23
C ILE B 7 0.05 41.88 15.81
N HIS B 8 -0.32 42.26 17.03
CA HIS B 8 -1.42 41.62 17.75
C HIS B 8 -2.37 42.68 18.26
N VAL B 9 -3.67 42.41 18.15
CA VAL B 9 -4.70 43.35 18.54
C VAL B 9 -5.71 42.62 19.43
N GLY B 10 -6.35 43.38 20.32
CA GLY B 10 -7.33 42.81 21.22
C GLY B 10 -6.70 41.87 22.23
N GLN B 11 -7.43 41.56 23.31
CA GLN B 11 -6.89 40.65 24.31
C GLN B 11 -6.62 39.28 23.70
N ALA B 12 -7.49 38.85 22.78
CA ALA B 12 -7.25 37.60 22.07
C ALA B 12 -5.90 37.63 21.38
N GLY B 13 -5.65 38.68 20.60
CA GLY B 13 -4.38 38.79 19.91
C GLY B 13 -3.21 38.83 20.87
N VAL B 14 -3.37 39.53 21.99
CA VAL B 14 -2.28 39.63 22.96
C VAL B 14 -1.91 38.26 23.50
N GLN B 15 -2.92 37.51 23.95
CA GLN B 15 -2.65 36.19 24.53
C GLN B 15 -2.11 35.24 23.47
N ILE B 16 -2.65 35.30 22.25
CA ILE B 16 -2.15 34.45 21.18
C ILE B 16 -0.69 34.76 20.90
N GLY B 17 -0.33 36.04 20.88
CA GLY B 17 1.06 36.40 20.69
C GLY B 17 1.93 35.89 21.82
N ASN B 18 1.44 35.99 23.05
CA ASN B 18 2.18 35.43 24.18
C ASN B 18 2.49 33.96 23.93
N ALA B 19 1.45 33.19 23.59
CA ALA B 19 1.63 31.76 23.36
C ALA B 19 2.59 31.51 22.21
N CYS B 20 2.43 32.25 21.12
CA CYS B 20 3.29 32.05 19.95
C CYS B 20 4.74 32.33 20.28
N TRP B 21 5.01 33.40 21.03
CA TRP B 21 6.38 33.78 21.31
C TRP B 21 7.02 32.83 22.31
N GLU B 22 6.28 32.39 23.32
CA GLU B 22 6.84 31.40 24.24
C GLU B 22 7.16 30.11 23.49
N LEU B 23 6.24 29.67 22.62
CA LEU B 23 6.50 28.47 21.85
C LEU B 23 7.74 28.65 20.97
N TYR B 24 7.88 29.82 20.33
CA TYR B 24 9.05 30.08 19.50
C TYR B 24 10.32 29.97 20.32
N CYS B 25 10.39 30.72 21.44
CA CYS B 25 11.61 30.71 22.23
C CYS B 25 11.93 29.30 22.71
N LEU B 26 10.90 28.48 22.94
CA LEU B 26 11.15 27.06 23.19
C LEU B 26 11.78 26.39 21.97
N GLU B 27 11.31 26.74 20.77
CA GLU B 27 11.89 26.14 19.57
C GLU B 27 13.37 26.47 19.44
N HIS B 28 13.74 27.71 19.73
CA HIS B 28 15.12 28.16 19.59
C HIS B 28 15.87 28.19 20.91
N GLY B 29 15.27 27.66 21.98
CA GLY B 29 15.95 27.57 23.25
C GLY B 29 16.40 28.91 23.78
N ILE B 30 15.50 29.89 23.76
CA ILE B 30 15.79 31.24 24.23
C ILE B 30 15.15 31.44 25.59
N GLN B 31 15.96 31.84 26.56
CA GLN B 31 15.46 32.07 27.91
C GLN B 31 14.56 33.30 27.92
N PRO B 32 13.76 33.47 28.97
CA PRO B 32 12.90 34.65 29.05
C PRO B 32 13.67 35.96 28.92
N ASP B 33 14.89 36.02 29.43
CA ASP B 33 15.69 37.23 29.27
C ASP B 33 15.96 37.52 27.80
N GLY B 34 16.29 36.49 27.03
CA GLY B 34 16.59 36.64 25.62
C GLY B 34 17.99 36.20 25.26
N GLN B 35 18.66 35.50 26.17
CA GLN B 35 20.03 35.04 25.96
C GLN B 35 20.01 33.52 25.81
N MET B 36 20.39 33.04 24.64
CA MET B 36 20.42 31.61 24.40
C MET B 36 21.51 30.96 25.26
N PRO B 37 21.33 29.69 25.66
CA PRO B 37 22.40 28.98 26.36
C PRO B 37 23.64 28.77 25.48
N ASP B 53 20.60 32.73 9.17
CA ASP B 53 20.24 31.61 10.03
C ASP B 53 18.77 31.68 10.42
N SER B 54 18.25 30.60 11.00
CA SER B 54 16.84 30.54 11.34
C SER B 54 16.47 31.57 12.40
N PHE B 55 17.36 31.81 13.37
CA PHE B 55 16.98 32.58 14.54
C PHE B 55 16.54 34.00 14.16
N ASN B 56 17.26 34.63 13.24
CA ASN B 56 16.92 36.01 12.87
C ASN B 56 15.62 36.10 12.08
N THR B 57 15.08 34.96 11.63
CA THR B 57 13.89 34.98 10.79
C THR B 57 12.78 35.79 11.44
N PHE B 58 12.68 35.74 12.77
CA PHE B 58 11.72 36.54 13.50
C PHE B 58 12.31 37.28 14.69
N PHE B 59 13.52 36.94 15.11
CA PHE B 59 14.17 37.58 16.23
C PHE B 59 15.23 38.56 15.74
N SER B 60 15.52 39.56 16.58
CA SER B 60 16.54 40.55 16.31
C SER B 60 17.59 40.50 17.41
N GLU B 61 18.85 40.39 17.03
CA GLU B 61 19.96 40.44 17.96
C GLU B 61 20.65 41.80 17.81
N THR B 62 20.71 42.54 18.90
CA THR B 62 21.35 43.85 18.90
C THR B 62 22.87 43.65 18.95
N GLY B 63 23.61 44.72 19.22
CA GLY B 63 25.06 44.62 19.27
C GLY B 63 25.52 43.48 20.16
N ALA B 64 24.93 43.38 21.34
CA ALA B 64 25.21 42.26 22.22
C ALA B 64 24.42 41.03 21.76
N GLY B 65 24.72 39.89 22.38
CA GLY B 65 24.03 38.66 22.03
C GLY B 65 22.55 38.69 22.32
N LYS B 66 22.09 39.65 23.13
CA LYS B 66 20.68 39.70 23.48
C LYS B 66 19.81 39.78 22.24
N HIS B 67 18.75 38.98 22.23
CA HIS B 67 17.81 38.91 21.12
C HIS B 67 16.47 39.49 21.53
N VAL B 68 15.69 39.87 20.51
CA VAL B 68 14.34 40.38 20.74
C VAL B 68 13.48 40.04 19.53
N PRO B 69 12.20 39.73 19.70
CA PRO B 69 11.34 39.47 18.55
C PRO B 69 10.75 40.76 17.98
N ARG B 70 10.37 40.68 16.71
CA ARG B 70 9.71 41.79 16.02
C ARG B 70 8.23 41.78 16.40
N ALA B 71 7.97 42.06 17.66
CA ALA B 71 6.64 41.92 18.24
C ALA B 71 6.11 43.27 18.68
N VAL B 72 4.83 43.52 18.40
CA VAL B 72 4.13 44.71 18.86
C VAL B 72 2.66 44.37 19.04
N PHE B 73 2.13 44.70 20.21
CA PHE B 73 0.73 44.45 20.54
C PHE B 73 0.02 45.79 20.71
N VAL B 74 -1.25 45.72 21.09
CA VAL B 74 -2.03 46.93 21.34
C VAL B 74 -3.29 46.54 22.10
N ASP B 75 -3.70 47.42 23.02
CA ASP B 75 -4.93 47.20 23.78
C ASP B 75 -5.31 48.48 24.51
N LEU B 76 -6.57 48.91 24.38
CA LEU B 76 -7.05 50.06 25.12
C LEU B 76 -6.85 49.88 26.62
N GLU B 77 -7.34 48.77 27.16
CA GLU B 77 -7.27 48.55 28.59
C GLU B 77 -5.87 48.05 28.96
N PRO B 78 -5.13 48.74 29.82
CA PRO B 78 -3.73 48.38 30.08
C PRO B 78 -3.54 47.19 31.01
N THR B 79 -4.60 46.45 31.36
CA THR B 79 -4.43 45.35 32.30
C THR B 79 -3.55 44.25 31.72
N VAL B 80 -3.87 43.79 30.52
CA VAL B 80 -3.13 42.68 29.91
C VAL B 80 -1.71 43.13 29.60
N ILE B 81 -1.55 44.35 29.09
CA ILE B 81 -0.22 44.85 28.77
C ILE B 81 0.62 44.96 30.04
N ASP B 82 0.01 45.45 31.12
CA ASP B 82 0.73 45.56 32.38
C ASP B 82 1.15 44.19 32.91
N GLU B 83 0.24 43.23 32.90
CA GLU B 83 0.59 41.92 33.45
C GLU B 83 1.67 41.25 32.60
N VAL B 84 1.60 41.37 31.27
CA VAL B 84 2.65 40.79 30.45
C VAL B 84 3.96 41.52 30.68
N ARG B 85 3.91 42.84 30.91
CA ARG B 85 5.12 43.56 31.30
C ARG B 85 5.70 42.97 32.57
N THR B 86 4.86 42.64 33.53
CA THR B 86 5.29 41.93 34.72
C THR B 86 5.21 40.41 34.57
N GLY B 87 4.66 39.92 33.46
CA GLY B 87 4.54 38.50 33.25
C GLY B 87 5.89 37.79 33.29
N THR B 88 5.82 36.47 33.15
CA THR B 88 7.04 35.67 33.19
C THR B 88 8.02 36.13 32.13
N TYR B 89 7.53 36.42 30.93
CA TYR B 89 8.37 36.98 29.88
C TYR B 89 8.45 38.50 29.98
N ARG B 90 8.77 38.97 31.17
CA ARG B 90 8.88 40.41 31.40
C ARG B 90 10.14 40.97 30.73
N GLN B 91 11.21 40.19 30.74
CA GLN B 91 12.53 40.66 30.33
C GLN B 91 12.81 40.43 28.85
N LEU B 92 11.82 39.98 28.09
CA LEU B 92 12.04 39.63 26.68
C LEU B 92 11.72 40.81 25.76
N PHE B 93 10.48 41.28 25.78
CA PHE B 93 10.06 42.28 24.82
C PHE B 93 10.70 43.64 25.12
N HIS B 94 10.79 44.46 24.08
CA HIS B 94 11.22 45.84 24.26
C HIS B 94 10.12 46.61 25.00
N PRO B 95 10.49 47.44 25.98
CA PRO B 95 9.44 48.15 26.74
C PRO B 95 8.53 48.98 25.84
N GLU B 96 9.08 49.60 24.81
CA GLU B 96 8.25 50.39 23.90
C GLU B 96 7.50 49.53 22.89
N GLN B 97 7.97 48.31 22.62
CA GLN B 97 7.28 47.45 21.66
C GLN B 97 5.81 47.28 22.04
N LEU B 98 5.53 47.23 23.33
CA LEU B 98 4.16 47.14 23.81
C LEU B 98 3.50 48.52 23.73
N ILE B 99 2.23 48.54 23.33
CA ILE B 99 1.49 49.78 23.15
C ILE B 99 0.15 49.66 23.86
N THR B 100 -0.20 50.68 24.63
CA THR B 100 -1.46 50.70 25.36
C THR B 100 -2.44 51.68 24.72
N ASN B 108 -17.48 48.28 20.84
CA ASN B 108 -17.94 49.23 19.83
C ASN B 108 -16.87 49.44 18.76
N TYR B 109 -17.14 48.89 17.57
CA TYR B 109 -16.17 48.95 16.48
C TYR B 109 -15.80 50.39 16.14
N ALA B 110 -16.81 51.25 16.01
CA ALA B 110 -16.55 52.63 15.62
C ALA B 110 -15.62 53.30 16.63
N ARG B 111 -15.84 53.04 17.92
CA ARG B 111 -14.91 53.55 18.93
C ARG B 111 -13.52 52.96 18.72
N GLY B 112 -13.45 51.67 18.39
CA GLY B 112 -12.17 51.03 18.16
C GLY B 112 -11.43 51.58 16.96
N HIS B 113 -12.15 52.25 16.05
CA HIS B 113 -11.55 52.78 14.84
C HIS B 113 -11.47 54.29 14.82
N TYR B 114 -12.59 54.98 15.04
CA TYR B 114 -12.69 56.41 14.75
C TYR B 114 -12.39 57.30 15.96
N THR B 115 -13.19 57.18 17.03
CA THR B 115 -13.06 58.15 18.11
C THR B 115 -11.84 57.92 18.96
N ILE B 116 -11.39 56.67 19.11
CA ILE B 116 -10.25 56.33 19.94
C ILE B 116 -9.05 55.92 19.10
N GLY B 117 -9.23 54.98 18.18
CA GLY B 117 -8.11 54.46 17.42
C GLY B 117 -7.35 55.55 16.68
N LYS B 118 -8.09 56.49 16.06
CA LYS B 118 -7.43 57.53 15.27
C LYS B 118 -6.44 58.32 16.10
N GLU B 119 -6.68 58.42 17.42
CA GLU B 119 -5.82 59.26 18.25
C GLU B 119 -4.41 58.69 18.34
N ILE B 120 -4.29 57.40 18.67
CA ILE B 120 -2.99 56.81 18.94
C ILE B 120 -2.43 56.02 17.75
N ILE B 121 -3.22 55.83 16.70
CA ILE B 121 -2.78 54.99 15.59
C ILE B 121 -1.45 55.50 15.04
N ASP B 122 -1.25 56.81 15.04
CA ASP B 122 -0.02 57.39 14.51
C ASP B 122 1.19 56.92 15.29
N LEU B 123 1.10 56.87 16.62
CA LEU B 123 2.22 56.36 17.42
C LEU B 123 2.49 54.90 17.09
N VAL B 124 1.43 54.12 16.91
CA VAL B 124 1.61 52.71 16.58
C VAL B 124 2.36 52.58 15.26
N LEU B 125 1.97 53.37 14.26
CA LEU B 125 2.67 53.32 12.98
C LEU B 125 4.11 53.79 13.11
N ASP B 126 4.36 54.79 13.95
CA ASP B 126 5.73 55.22 14.19
C ASP B 126 6.57 54.06 14.67
N ARG B 127 6.08 53.36 15.70
CA ARG B 127 6.81 52.21 16.22
C ARG B 127 6.96 51.14 15.15
N ILE B 128 5.90 50.91 14.37
CA ILE B 128 5.95 49.86 13.36
C ILE B 128 7.05 50.15 12.34
N ARG B 129 7.11 51.39 11.85
CA ARG B 129 8.14 51.76 10.90
C ARG B 129 9.52 51.68 11.54
N LYS B 130 9.63 52.13 12.79
CA LYS B 130 10.92 52.04 13.48
C LYS B 130 11.39 50.60 13.54
N LEU B 131 10.46 49.64 13.67
CA LEU B 131 10.84 48.24 13.64
C LEU B 131 11.19 47.79 12.23
N ALA B 132 10.38 48.19 11.25
CA ALA B 132 10.54 47.68 9.90
C ALA B 132 11.84 48.14 9.26
N ASP B 133 12.12 49.44 9.31
CA ASP B 133 13.33 49.96 8.68
C ASP B 133 14.57 49.26 9.22
N GLN B 134 14.53 48.83 10.48
CA GLN B 134 15.65 48.07 11.02
C GLN B 134 15.87 46.78 10.22
N CYS B 135 14.79 46.07 9.91
CA CYS B 135 14.91 44.85 9.14
C CYS B 135 15.27 45.17 7.69
N THR B 136 15.68 44.13 6.97
CA THR B 136 16.09 44.27 5.58
C THR B 136 15.17 43.53 4.61
N GLY B 137 14.97 42.23 4.81
CA GLY B 137 14.17 41.43 3.91
C GLY B 137 12.74 41.30 4.36
N LEU B 138 12.00 42.40 4.39
CA LEU B 138 10.61 42.36 4.83
C LEU B 138 9.72 41.85 3.71
N GLN B 139 8.70 41.09 4.09
CA GLN B 139 7.75 40.54 3.13
C GLN B 139 6.30 40.85 3.49
N GLY B 140 5.96 40.87 4.78
CA GLY B 140 4.58 41.11 5.16
C GLY B 140 4.47 41.30 6.65
N PHE B 141 3.22 41.29 7.12
CA PHE B 141 2.90 41.45 8.52
C PHE B 141 1.89 40.39 8.95
N LEU B 142 2.01 39.94 10.19
CA LEU B 142 1.10 38.97 10.76
C LEU B 142 0.10 39.70 11.63
N VAL B 143 -1.18 39.60 11.28
CA VAL B 143 -2.24 40.34 11.97
C VAL B 143 -2.97 39.37 12.88
N PHE B 144 -2.94 39.64 14.18
CA PHE B 144 -3.59 38.82 15.18
C PHE B 144 -4.68 39.66 15.84
N HIS B 145 -5.93 39.33 15.56
CA HIS B 145 -7.05 40.12 16.08
C HIS B 145 -8.28 39.22 16.17
N SER B 146 -9.41 39.83 16.49
CA SER B 146 -10.68 39.13 16.66
C SER B 146 -11.71 39.71 15.70
N PHE B 147 -12.96 39.28 15.85
CA PHE B 147 -14.06 39.79 15.07
C PHE B 147 -15.22 40.31 15.92
N GLY B 148 -15.20 40.10 17.23
CA GLY B 148 -16.25 40.59 18.09
C GLY B 148 -15.81 41.80 18.91
N GLY B 149 -14.58 41.76 19.42
CA GLY B 149 -14.06 42.85 20.21
C GLY B 149 -14.09 44.16 19.46
N GLY B 150 -14.98 45.08 19.86
CA GLY B 150 -15.15 46.30 19.11
C GLY B 150 -13.86 47.09 18.98
N THR B 151 -13.16 47.27 20.10
CA THR B 151 -11.90 48.01 20.06
C THR B 151 -10.91 47.33 19.12
N GLY B 152 -10.77 46.00 19.25
CA GLY B 152 -9.83 45.29 18.40
C GLY B 152 -10.22 45.39 16.95
N SER B 153 -11.50 45.20 16.64
CA SER B 153 -11.95 45.24 15.26
C SER B 153 -11.69 46.60 14.64
N GLY B 154 -12.14 47.66 15.30
CA GLY B 154 -11.96 49.00 14.74
C GLY B 154 -10.51 49.37 14.59
N PHE B 155 -9.70 49.10 15.62
CA PHE B 155 -8.28 49.44 15.52
C PHE B 155 -7.60 48.64 14.43
N THR B 156 -7.94 47.36 14.28
CA THR B 156 -7.36 46.57 13.21
C THR B 156 -7.74 47.14 11.85
N SER B 157 -9.01 47.54 11.69
CA SER B 157 -9.43 48.14 10.44
C SER B 157 -8.58 49.35 10.12
N LEU B 158 -8.47 50.28 11.06
CA LEU B 158 -7.71 51.50 10.82
C LEU B 158 -6.25 51.17 10.51
N LEU B 159 -5.66 50.29 11.31
CA LEU B 159 -4.25 49.97 11.15
C LEU B 159 -3.97 49.39 9.77
N MET B 160 -4.73 48.36 9.39
CA MET B 160 -4.46 47.73 8.10
C MET B 160 -4.76 48.68 6.96
N GLU B 161 -5.78 49.53 7.10
CA GLU B 161 -6.04 50.52 6.05
C GLU B 161 -4.82 51.41 5.85
N ARG B 162 -4.28 51.95 6.94
CA ARG B 162 -3.13 52.84 6.82
C ARG B 162 -1.92 52.08 6.28
N LEU B 163 -1.71 50.85 6.74
CA LEU B 163 -0.58 50.07 6.25
C LEU B 163 -0.68 49.86 4.75
N SER B 164 -1.87 49.47 4.28
CA SER B 164 -2.06 49.26 2.85
C SER B 164 -1.82 50.55 2.07
N VAL B 165 -2.29 51.68 2.60
CA VAL B 165 -2.07 52.95 1.91
C VAL B 165 -0.58 53.23 1.81
N ASP B 166 0.17 53.00 2.88
CA ASP B 166 1.59 53.31 2.90
C ASP B 166 2.46 52.12 2.49
N TYR B 167 1.99 50.89 2.70
CA TYR B 167 2.80 49.71 2.42
C TYR B 167 2.07 48.77 1.47
N GLY B 168 1.53 49.31 0.38
CA GLY B 168 0.66 48.52 -0.48
C GLY B 168 1.33 47.26 -0.98
N LYS B 169 2.57 47.38 -1.45
CA LYS B 169 3.22 46.25 -2.09
C LYS B 169 3.82 45.29 -1.08
N LYS B 170 3.04 44.84 -0.11
CA LYS B 170 3.51 43.91 0.90
C LYS B 170 2.36 43.04 1.37
N SER B 171 2.70 41.86 1.88
CA SER B 171 1.67 40.91 2.30
C SER B 171 1.02 41.36 3.61
N LYS B 172 -0.21 40.92 3.81
CA LYS B 172 -0.97 41.21 5.02
C LYS B 172 -1.96 40.08 5.24
N LEU B 173 -1.84 39.41 6.38
CA LEU B 173 -2.60 38.20 6.65
C LEU B 173 -3.30 38.31 7.99
N GLU B 174 -4.60 38.00 8.00
CA GLU B 174 -5.39 37.98 9.23
C GLU B 174 -5.47 36.56 9.78
N PHE B 175 -5.42 36.44 11.09
CA PHE B 175 -5.65 35.18 11.79
C PHE B 175 -6.63 35.50 12.90
N SER B 176 -7.91 35.50 12.55
CA SER B 176 -8.95 36.03 13.41
C SER B 176 -9.71 34.89 14.10
N ILE B 177 -10.79 35.24 14.79
CA ILE B 177 -11.62 34.28 15.48
C ILE B 177 -13.05 34.53 14.99
N TYR B 178 -13.46 33.80 13.96
CA TYR B 178 -14.79 33.97 13.42
C TYR B 178 -15.81 33.55 14.48
N PRO B 179 -16.91 34.28 14.64
CA PRO B 179 -17.85 33.97 15.73
C PRO B 179 -18.50 32.61 15.53
N ALA B 180 -18.54 31.83 16.61
CA ALA B 180 -19.12 30.50 16.54
C ALA B 180 -20.60 30.60 16.19
N PRO B 181 -21.13 29.62 15.44
CA PRO B 181 -22.54 29.72 15.02
C PRO B 181 -23.53 29.68 16.17
N GLN B 182 -23.13 29.21 17.35
CA GLN B 182 -24.07 29.01 18.43
C GLN B 182 -23.70 29.72 19.72
N VAL B 183 -22.42 29.99 19.97
CA VAL B 183 -21.97 30.58 21.22
C VAL B 183 -21.35 31.94 20.91
N SER B 184 -21.89 32.98 21.55
CA SER B 184 -21.41 34.35 21.38
C SER B 184 -21.05 34.91 22.76
N THR B 185 -19.81 35.36 22.92
CA THR B 185 -19.39 35.94 24.19
C THR B 185 -20.13 37.24 24.46
N ALA B 186 -20.12 38.15 23.50
CA ALA B 186 -20.83 39.42 23.58
C ALA B 186 -22.11 39.34 22.75
N VAL B 187 -22.78 40.48 22.59
CA VAL B 187 -24.05 40.52 21.88
C VAL B 187 -23.99 41.30 20.57
N VAL B 188 -22.96 42.12 20.35
CA VAL B 188 -22.90 42.96 19.17
C VAL B 188 -21.87 42.41 18.18
N GLU B 189 -21.59 41.11 18.28
CA GLU B 189 -20.62 40.51 17.35
C GLU B 189 -20.95 40.79 15.90
N PRO B 190 -22.19 40.65 15.43
CA PRO B 190 -22.46 40.93 14.01
C PRO B 190 -22.04 42.32 13.58
N TYR B 191 -22.26 43.34 14.41
CA TYR B 191 -21.83 44.69 14.05
C TYR B 191 -20.34 44.72 13.79
N ASN B 192 -19.55 44.24 14.74
CA ASN B 192 -18.10 44.30 14.57
C ASN B 192 -17.66 43.50 13.37
N SER B 193 -18.21 42.30 13.20
CA SER B 193 -17.79 41.45 12.10
C SER B 193 -18.10 42.09 10.76
N ILE B 194 -19.33 42.57 10.59
CA ILE B 194 -19.71 43.14 9.30
C ILE B 194 -18.88 44.39 9.02
N LEU B 195 -18.70 45.25 10.03
CA LEU B 195 -17.90 46.46 9.80
C LEU B 195 -16.48 46.11 9.38
N THR B 196 -15.81 45.25 10.14
CA THR B 196 -14.42 44.94 9.82
C THR B 196 -14.31 44.27 8.46
N THR B 197 -15.23 43.35 8.15
CA THR B 197 -15.18 42.67 6.86
C THR B 197 -15.40 43.66 5.72
N HIS B 198 -16.46 44.47 5.80
CA HIS B 198 -16.72 45.43 4.74
C HIS B 198 -15.54 46.36 4.54
N THR B 199 -14.84 46.71 5.62
CA THR B 199 -13.70 47.61 5.48
C THR B 199 -12.46 46.90 4.94
N THR B 200 -12.28 45.61 5.24
CA THR B 200 -11.01 44.94 5.03
C THR B 200 -10.98 43.94 3.89
N LEU B 201 -12.14 43.56 3.35
CA LEU B 201 -12.18 42.47 2.37
C LEU B 201 -11.20 42.74 1.23
N GLU B 202 -11.22 43.95 0.68
CA GLU B 202 -10.33 44.27 -0.42
C GLU B 202 -8.86 44.19 0.02
N HIS B 203 -8.57 44.67 1.23
CA HIS B 203 -7.19 44.86 1.64
C HIS B 203 -6.59 43.64 2.32
N SER B 204 -7.32 43.00 3.22
CA SER B 204 -6.81 41.79 3.88
C SER B 204 -6.50 40.76 2.81
N ASP B 205 -5.21 40.45 2.64
CA ASP B 205 -4.80 39.63 1.50
C ASP B 205 -5.32 38.19 1.64
N CYS B 206 -5.10 37.58 2.79
CA CYS B 206 -5.54 36.20 3.01
C CYS B 206 -5.72 35.98 4.50
N ALA B 207 -6.93 35.63 4.91
CA ALA B 207 -7.30 35.52 6.32
C ALA B 207 -7.57 34.07 6.67
N PHE B 208 -7.20 33.69 7.89
CA PHE B 208 -7.41 32.34 8.40
C PHE B 208 -8.40 32.41 9.56
N MET B 209 -9.69 32.33 9.24
CA MET B 209 -10.70 32.25 10.28
C MET B 209 -10.48 30.99 11.10
N VAL B 210 -10.67 31.10 12.41
CA VAL B 210 -10.58 29.96 13.31
C VAL B 210 -11.61 30.16 14.41
N ASP B 211 -12.63 29.31 14.45
CA ASP B 211 -13.69 29.43 15.44
C ASP B 211 -13.29 28.72 16.72
N ASN B 212 -13.50 29.40 17.85
CA ASN B 212 -13.11 28.83 19.14
C ASN B 212 -13.89 27.56 19.44
N GLU B 213 -15.19 27.56 19.13
CA GLU B 213 -16.01 26.39 19.42
C GLU B 213 -15.40 25.12 18.83
N ALA B 214 -14.77 25.24 17.66
CA ALA B 214 -14.06 24.11 17.10
C ALA B 214 -12.93 23.66 18.03
N ILE B 215 -12.20 24.62 18.61
CA ILE B 215 -11.17 24.26 19.58
C ILE B 215 -11.80 23.51 20.74
N TYR B 216 -12.92 24.02 21.26
CA TYR B 216 -13.59 23.34 22.37
C TYR B 216 -13.86 21.90 22.00
N ASP B 217 -14.51 21.68 20.86
CA ASP B 217 -14.93 20.34 20.49
C ASP B 217 -13.73 19.42 20.29
N ILE B 218 -12.75 19.88 19.51
CA ILE B 218 -11.61 19.03 19.20
C ILE B 218 -10.83 18.69 20.46
N CYS B 219 -10.62 19.68 21.34
CA CYS B 219 -9.90 19.43 22.57
C CYS B 219 -10.64 18.42 23.44
N ARG B 220 -11.95 18.58 23.57
CA ARG B 220 -12.72 17.62 24.35
C ARG B 220 -12.61 16.22 23.76
N ARG B 221 -12.64 16.13 22.43
CA ARG B 221 -12.64 14.83 21.77
C ARG B 221 -11.27 14.18 21.75
N ASN B 222 -10.20 14.97 21.65
CA ASN B 222 -8.86 14.44 21.43
C ASN B 222 -7.96 14.61 22.64
N LEU B 223 -7.81 15.84 23.15
CA LEU B 223 -6.94 16.04 24.30
C LEU B 223 -7.48 15.39 25.55
N ASP B 224 -8.77 15.09 25.61
CA ASP B 224 -9.38 14.45 26.77
C ASP B 224 -9.34 15.39 27.98
N ILE B 225 -9.84 16.61 27.79
CA ILE B 225 -9.90 17.61 28.85
C ILE B 225 -11.35 17.82 29.24
N GLU B 226 -11.56 18.31 30.47
CA GLU B 226 -12.89 18.53 31.00
C GLU B 226 -13.31 20.00 30.95
N ARG B 227 -12.44 20.92 31.36
CA ARG B 227 -12.75 22.36 31.34
C ARG B 227 -11.76 23.07 30.42
N PRO B 228 -12.12 23.36 29.18
CA PRO B 228 -11.24 24.19 28.36
C PRO B 228 -11.10 25.59 28.96
N THR B 229 -9.89 26.13 28.89
CA THR B 229 -9.62 27.49 29.34
C THR B 229 -8.85 28.22 28.25
N TYR B 230 -9.06 29.54 28.20
CA TYR B 230 -8.52 30.31 27.09
C TYR B 230 -7.02 30.11 26.95
N THR B 231 -6.33 29.82 28.05
CA THR B 231 -4.90 29.56 27.97
C THR B 231 -4.60 28.35 27.10
N ASN B 232 -5.29 27.24 27.34
CA ASN B 232 -5.07 26.03 26.56
C ASN B 232 -5.45 26.25 25.10
N LEU B 233 -6.60 26.89 24.86
CA LEU B 233 -7.01 27.15 23.49
C LEU B 233 -5.98 28.00 22.76
N ASN B 234 -5.48 29.05 23.42
CA ASN B 234 -4.50 29.91 22.78
C ASN B 234 -3.18 29.18 22.58
N ARG B 235 -2.82 28.28 23.48
CA ARG B 235 -1.65 27.45 23.25
C ARG B 235 -1.81 26.64 21.97
N LEU B 236 -2.97 26.03 21.78
CA LEU B 236 -3.22 25.29 20.54
C LEU B 236 -3.15 26.21 19.33
N ILE B 237 -3.78 27.37 19.40
CA ILE B 237 -3.78 28.27 18.26
C ILE B 237 -2.36 28.68 17.91
N SER B 238 -1.57 29.03 18.91
CA SER B 238 -0.16 29.29 18.64
C SER B 238 0.53 28.08 18.06
N GLN B 239 0.09 26.88 18.42
CA GLN B 239 0.67 25.68 17.81
C GLN B 239 0.43 25.67 16.30
N ILE B 240 -0.80 25.95 15.88
CA ILE B 240 -1.09 26.03 14.44
C ILE B 240 -0.30 27.15 13.80
N VAL B 241 -0.19 28.30 14.47
CA VAL B 241 0.55 29.41 13.90
C VAL B 241 2.01 29.02 13.71
N SER B 242 2.60 28.35 14.69
CA SER B 242 3.95 27.84 14.55
C SER B 242 4.04 26.86 13.41
N SER B 243 3.01 26.02 13.23
CA SER B 243 3.02 25.07 12.14
C SER B 243 3.10 25.79 10.80
N ILE B 244 2.31 26.85 10.63
CA ILE B 244 2.32 27.56 9.35
C ILE B 244 3.63 28.30 9.15
N THR B 245 4.20 28.87 10.22
CA THR B 245 5.43 29.63 10.07
C THR B 245 6.67 28.75 10.06
N ALA B 246 6.54 27.45 10.34
CA ALA B 246 7.71 26.58 10.41
C ALA B 246 8.42 26.50 9.07
N SER B 247 7.66 26.43 7.97
CA SER B 247 8.28 26.31 6.66
C SER B 247 9.23 27.47 6.40
N LEU B 248 9.02 28.61 7.04
CA LEU B 248 9.98 29.70 6.99
C LEU B 248 11.05 29.58 8.06
N ARG B 249 10.64 29.30 9.29
CA ARG B 249 11.56 29.36 10.43
C ARG B 249 12.62 28.26 10.42
N PHE B 250 12.66 27.40 9.40
CA PHE B 250 13.68 26.37 9.31
C PHE B 250 13.75 25.87 7.88
N ASP B 251 14.83 25.14 7.59
CA ASP B 251 15.03 24.58 6.27
C ASP B 251 13.96 23.54 5.97
N GLY B 252 13.85 23.19 4.69
CA GLY B 252 12.93 22.15 4.27
C GLY B 252 13.17 21.73 2.84
N ALA B 253 13.01 20.44 2.55
CA ALA B 253 13.18 19.96 1.20
C ALA B 253 12.17 20.56 0.24
N LEU B 254 11.08 21.12 0.77
CA LEU B 254 10.07 21.80 -0.05
C LEU B 254 9.62 23.00 0.77
N ASN B 255 10.28 24.14 0.53
CA ASN B 255 10.04 25.35 1.31
C ASN B 255 9.00 26.23 0.63
N VAL B 256 8.58 27.26 1.36
CA VAL B 256 7.51 28.15 0.91
C VAL B 256 7.57 29.42 1.73
N ASP B 257 7.02 30.51 1.20
CA ASP B 257 7.09 31.82 1.82
C ASP B 257 5.73 32.52 1.71
N LEU B 258 5.67 33.74 2.25
CA LEU B 258 4.38 34.44 2.36
C LEU B 258 3.73 34.66 1.01
N THR B 259 4.51 35.08 0.02
CA THR B 259 3.94 35.29 -1.31
C THR B 259 3.22 34.04 -1.79
N ASP B 260 3.81 32.88 -1.56
CA ASP B 260 3.14 31.64 -1.94
C ASP B 260 1.81 31.49 -1.22
N PHE B 261 1.79 31.75 0.09
CA PHE B 261 0.54 31.63 0.84
C PHE B 261 -0.53 32.52 0.25
N GLN B 262 -0.19 33.78 -0.04
CA GLN B 262 -1.18 34.76 -0.47
C GLN B 262 -1.40 34.74 -1.98
N THR B 263 -0.71 33.87 -2.71
CA THR B 263 -0.96 33.69 -4.14
C THR B 263 -1.69 32.39 -4.45
N ASN B 264 -1.16 31.26 -3.97
CA ASN B 264 -1.79 29.98 -4.27
C ASN B 264 -3.23 29.91 -3.78
N LEU B 265 -3.53 30.59 -2.67
CA LEU B 265 -4.82 30.45 -2.02
C LEU B 265 -5.82 31.53 -2.43
N VAL B 266 -5.48 32.36 -3.42
CA VAL B 266 -6.33 33.48 -3.80
C VAL B 266 -6.86 33.24 -5.21
N PRO B 267 -7.84 32.36 -5.39
CA PRO B 267 -8.47 32.26 -6.72
C PRO B 267 -9.04 33.58 -7.18
N TYR B 268 -9.58 34.38 -6.27
CA TYR B 268 -10.01 35.73 -6.56
C TYR B 268 -9.67 36.60 -5.36
N PRO B 269 -9.50 37.91 -5.57
CA PRO B 269 -9.13 38.77 -4.44
C PRO B 269 -10.12 38.72 -3.30
N ARG B 270 -11.40 38.52 -3.60
CA ARG B 270 -12.42 38.53 -2.55
C ARG B 270 -12.43 37.24 -1.75
N ILE B 271 -12.20 36.11 -2.40
CA ILE B 271 -12.30 34.80 -1.76
C ILE B 271 -10.90 34.42 -1.30
N HIS B 272 -10.56 34.85 -0.08
CA HIS B 272 -9.25 34.54 0.51
C HIS B 272 -9.40 34.24 1.99
N PHE B 273 -10.40 33.43 2.35
CA PHE B 273 -10.69 33.12 3.75
C PHE B 273 -10.60 31.61 3.99
N PRO B 274 -9.42 31.02 3.79
CA PRO B 274 -9.28 29.58 4.01
C PRO B 274 -9.40 29.25 5.49
N LEU B 275 -9.76 27.99 5.74
CA LEU B 275 -9.92 27.48 7.09
C LEU B 275 -8.58 26.97 7.63
N ALA B 276 -8.61 26.46 8.84
CA ALA B 276 -7.42 25.94 9.51
C ALA B 276 -7.66 24.50 9.93
N THR B 277 -6.59 23.83 10.36
CA THR B 277 -6.70 22.44 10.79
C THR B 277 -5.35 21.99 11.34
N TYR B 278 -5.40 21.11 12.33
CA TYR B 278 -4.19 20.52 12.91
C TYR B 278 -4.56 19.13 13.40
N ALA B 279 -4.25 18.10 12.59
CA ALA B 279 -4.76 16.77 12.86
C ALA B 279 -4.07 16.11 14.05
N PRO B 280 -2.75 15.92 14.03
CA PRO B 280 -2.16 15.09 15.09
C PRO B 280 -2.23 15.80 16.43
N VAL B 281 -3.19 15.38 17.25
CA VAL B 281 -3.39 15.96 18.57
C VAL B 281 -3.81 14.85 19.52
N ILE B 282 -2.93 14.46 20.44
CA ILE B 282 -3.20 13.35 21.33
C ILE B 282 -2.44 13.59 22.64
N SER B 283 -3.06 13.16 23.74
CA SER B 283 -2.41 13.23 25.03
C SER B 283 -1.27 12.22 25.11
N ALA B 284 -0.34 12.46 26.03
CA ALA B 284 0.81 11.58 26.18
C ALA B 284 0.39 10.13 26.33
N GLU B 285 -0.70 9.90 27.07
CA GLU B 285 -1.19 8.53 27.23
C GLU B 285 -1.57 7.94 25.88
N LYS B 286 -2.28 8.71 25.06
CA LYS B 286 -2.64 8.26 23.72
C LYS B 286 -1.50 8.44 22.71
N ALA B 287 -0.41 9.09 23.12
CA ALA B 287 0.73 9.26 22.21
C ALA B 287 1.16 7.91 21.65
N TYR B 288 1.30 6.92 22.51
CA TYR B 288 1.55 5.56 22.09
C TYR B 288 0.23 4.95 21.62
N HIS B 289 0.20 3.63 21.45
CA HIS B 289 -0.98 2.90 21.00
C HIS B 289 -1.33 3.23 19.56
N GLU B 290 -0.36 3.67 18.76
CA GLU B 290 -0.61 4.01 17.37
C GLU B 290 0.73 4.35 16.73
N GLN B 291 0.71 4.54 15.41
CA GLN B 291 1.92 4.77 14.64
C GLN B 291 2.01 6.14 14.00
N LEU B 292 0.92 6.91 13.99
CA LEU B 292 0.89 8.20 13.30
C LEU B 292 1.16 8.01 11.81
N SER B 293 0.35 7.16 11.19
CA SER B 293 0.43 6.97 9.75
C SER B 293 0.08 8.28 9.05
N VAL B 294 1.05 8.79 8.28
CA VAL B 294 0.86 10.10 7.66
C VAL B 294 -0.38 10.12 6.78
N ALA B 295 -0.72 8.99 6.15
CA ALA B 295 -1.97 8.90 5.43
C ALA B 295 -3.16 9.06 6.38
N GLU B 296 -3.11 8.39 7.52
CA GLU B 296 -4.16 8.53 8.51
C GLU B 296 -4.22 9.96 9.04
N ILE B 297 -3.06 10.59 9.25
CA ILE B 297 -3.04 11.96 9.74
C ILE B 297 -3.67 12.89 8.73
N THR B 298 -3.36 12.71 7.44
CA THR B 298 -3.95 13.56 6.42
C THR B 298 -5.46 13.35 6.35
N ASN B 299 -5.92 12.11 6.38
CA ASN B 299 -7.35 11.87 6.38
C ASN B 299 -8.00 12.53 7.59
N ALA B 300 -7.34 12.46 8.76
CA ALA B 300 -7.82 13.16 9.94
C ALA B 300 -7.95 14.66 9.66
N CYS B 301 -6.93 15.24 9.03
CA CYS B 301 -7.02 16.64 8.62
C CYS B 301 -8.28 16.86 7.79
N PHE B 302 -8.64 15.89 6.97
CA PHE B 302 -9.80 16.03 6.10
C PHE B 302 -11.08 15.47 6.71
N GLU B 303 -11.04 14.89 7.90
CA GLU B 303 -12.25 14.40 8.52
C GLU B 303 -13.15 15.58 8.90
N PRO B 304 -14.43 15.57 8.50
CA PRO B 304 -15.28 16.74 8.80
C PRO B 304 -15.34 17.06 10.28
N ALA B 305 -15.35 16.05 11.15
CA ALA B 305 -15.37 16.31 12.58
C ALA B 305 -14.09 17.01 13.02
N ASN B 306 -12.95 16.56 12.52
CA ASN B 306 -11.67 17.13 12.94
C ASN B 306 -11.48 18.55 12.43
N GLN B 307 -12.31 19.00 11.50
CA GLN B 307 -12.15 20.34 10.96
C GLN B 307 -12.20 21.37 12.08
N MET B 308 -11.60 22.54 11.83
CA MET B 308 -11.38 23.54 12.85
C MET B 308 -12.35 24.71 12.77
N VAL B 309 -13.43 24.57 12.00
CA VAL B 309 -14.49 25.57 11.97
C VAL B 309 -15.82 24.86 11.84
N LYS B 310 -16.82 25.36 12.56
CA LYS B 310 -18.15 24.74 12.57
C LYS B 310 -18.87 25.14 11.28
N CYS B 311 -18.40 24.57 10.18
CA CYS B 311 -18.99 24.80 8.86
C CYS B 311 -18.88 23.51 8.08
N ASP B 312 -20.02 22.93 7.73
CA ASP B 312 -20.05 21.60 7.13
C ASP B 312 -19.17 21.57 5.88
N PRO B 313 -17.99 20.95 5.94
CA PRO B 313 -17.16 20.88 4.73
C PRO B 313 -17.82 20.10 3.62
N ARG B 314 -18.61 19.08 3.96
CA ARG B 314 -19.20 18.22 2.94
C ARG B 314 -20.20 18.96 2.07
N HIS B 315 -20.75 20.08 2.55
CA HIS B 315 -21.65 20.88 1.73
C HIS B 315 -20.88 21.65 0.66
N GLY B 316 -19.75 22.22 1.03
CA GLY B 316 -18.98 23.06 0.14
C GLY B 316 -17.78 22.33 -0.46
N LYS B 317 -17.39 22.76 -1.65
CA LYS B 317 -16.26 22.16 -2.35
C LYS B 317 -14.97 22.81 -1.92
N TYR B 318 -13.94 22.00 -1.67
CA TYR B 318 -12.64 22.50 -1.24
C TYR B 318 -11.98 23.18 -2.45
N MET B 319 -12.36 24.45 -2.65
CA MET B 319 -11.88 25.19 -3.81
C MET B 319 -10.36 25.15 -3.88
N ALA B 320 -9.69 25.52 -2.78
CA ALA B 320 -8.25 25.51 -2.71
C ALA B 320 -7.81 24.90 -1.38
N CYS B 321 -6.67 24.22 -1.41
CA CYS B 321 -6.12 23.62 -0.22
C CYS B 321 -4.61 23.82 -0.19
N CYS B 322 -4.08 23.86 1.03
CA CYS B 322 -2.65 24.01 1.25
C CYS B 322 -2.25 23.17 2.45
N LEU B 323 -1.09 22.52 2.36
CA LEU B 323 -0.60 21.65 3.42
C LEU B 323 0.85 22.00 3.70
N LEU B 324 1.16 22.27 4.96
CA LEU B 324 2.48 22.70 5.38
C LEU B 324 2.98 21.70 6.42
N TYR B 325 3.57 20.61 5.96
CA TYR B 325 4.04 19.59 6.89
C TYR B 325 5.32 20.04 7.57
N ARG B 326 5.63 19.38 8.69
CA ARG B 326 6.88 19.61 9.38
C ARG B 326 7.24 18.34 10.14
N GLY B 327 8.52 18.23 10.50
CA GLY B 327 9.00 17.03 11.17
C GLY B 327 9.56 16.03 10.20
N ASP B 328 9.35 14.74 10.48
CA ASP B 328 9.87 13.66 9.63
C ASP B 328 8.80 13.22 8.64
N VAL B 329 8.56 14.07 7.65
CA VAL B 329 7.66 13.79 6.55
C VAL B 329 8.50 13.46 5.32
N VAL B 330 7.87 12.84 4.34
CA VAL B 330 8.59 12.38 3.16
C VAL B 330 7.75 12.59 1.91
N PRO B 331 8.32 13.10 0.82
CA PRO B 331 7.52 13.28 -0.41
C PRO B 331 6.82 12.03 -0.89
N LYS B 332 7.47 10.87 -0.84
CA LYS B 332 6.82 9.65 -1.28
C LYS B 332 5.57 9.36 -0.45
N ASP B 333 5.71 9.45 0.87
CA ASP B 333 4.61 9.12 1.76
C ASP B 333 3.46 10.09 1.58
N VAL B 334 3.77 11.39 1.44
CA VAL B 334 2.70 12.36 1.24
C VAL B 334 2.03 12.16 -0.10
N ASN B 335 2.80 11.79 -1.13
CA ASN B 335 2.18 11.48 -2.42
C ASN B 335 1.19 10.34 -2.28
N ALA B 336 1.63 9.23 -1.68
CA ALA B 336 0.73 8.09 -1.51
C ALA B 336 -0.49 8.48 -0.69
N ALA B 337 -0.30 9.23 0.39
CA ALA B 337 -1.40 9.60 1.26
C ALA B 337 -2.41 10.46 0.52
N ILE B 338 -1.93 11.46 -0.22
CA ILE B 338 -2.85 12.35 -0.90
C ILE B 338 -3.58 11.61 -2.01
N ALA B 339 -2.91 10.68 -2.70
CA ALA B 339 -3.61 9.86 -3.69
C ALA B 339 -4.71 9.04 -3.03
N THR B 340 -4.41 8.44 -1.88
CA THR B 340 -5.41 7.67 -1.16
C THR B 340 -6.60 8.55 -0.76
N ILE B 341 -6.32 9.77 -0.31
CA ILE B 341 -7.40 10.70 -0.01
C ILE B 341 -8.19 11.00 -1.28
N LYS B 342 -7.50 11.14 -2.40
CA LYS B 342 -8.17 11.45 -3.66
C LYS B 342 -9.16 10.37 -4.03
N THR B 343 -8.78 9.09 -3.88
CA THR B 343 -9.67 8.03 -4.34
C THR B 343 -11.01 8.05 -3.62
N LYS B 344 -11.09 8.72 -2.47
CA LYS B 344 -12.36 8.85 -1.77
C LYS B 344 -13.19 9.96 -2.41
N ARG B 345 -14.43 9.63 -2.76
CA ARG B 345 -15.29 10.58 -3.46
C ARG B 345 -15.93 11.60 -2.54
N SER B 346 -15.94 11.35 -1.23
CA SER B 346 -16.62 12.25 -0.30
C SER B 346 -16.03 13.66 -0.36
N ILE B 347 -14.80 13.81 -0.83
CA ILE B 347 -14.18 15.11 -1.02
C ILE B 347 -14.26 15.46 -2.50
N GLN B 348 -14.86 16.61 -2.80
CA GLN B 348 -15.02 17.06 -4.18
C GLN B 348 -14.61 18.52 -4.28
N PHE B 349 -14.07 18.88 -5.43
CA PHE B 349 -13.59 20.23 -5.71
C PHE B 349 -14.47 20.88 -6.78
N VAL B 350 -14.11 22.09 -7.15
CA VAL B 350 -14.80 22.79 -8.24
C VAL B 350 -14.42 22.15 -9.56
N ASP B 351 -15.39 22.04 -10.46
CA ASP B 351 -15.17 21.37 -11.74
C ASP B 351 -14.28 22.16 -12.68
N TRP B 352 -13.68 23.27 -12.25
CA TRP B 352 -12.82 24.06 -13.12
C TRP B 352 -11.42 24.26 -12.57
N CYS B 353 -11.10 23.66 -11.42
CA CYS B 353 -9.75 23.73 -10.85
C CYS B 353 -9.31 22.32 -10.50
N PRO B 354 -8.62 21.62 -11.40
CA PRO B 354 -8.17 20.26 -11.10
C PRO B 354 -6.87 20.16 -10.32
N THR B 355 -6.19 21.28 -10.07
CA THR B 355 -4.91 21.26 -9.35
C THR B 355 -4.92 22.41 -8.34
N GLY B 356 -5.07 22.06 -7.07
CA GLY B 356 -5.21 23.07 -6.03
C GLY B 356 -4.55 22.73 -4.70
N PHE B 357 -3.53 21.88 -4.70
CA PHE B 357 -2.74 21.64 -3.49
C PHE B 357 -1.44 22.43 -3.55
N LYS B 358 -1.08 23.01 -2.41
CA LYS B 358 0.19 23.70 -2.22
C LYS B 358 0.94 22.92 -1.14
N VAL B 359 1.66 21.88 -1.55
CA VAL B 359 2.31 21.01 -0.58
C VAL B 359 3.41 21.78 0.15
N GLY B 360 3.74 21.30 1.34
CA GLY B 360 4.74 21.94 2.17
C GLY B 360 5.36 21.00 3.17
N ILE B 361 6.68 21.01 3.28
CA ILE B 361 7.41 20.10 4.15
C ILE B 361 8.47 20.89 4.92
N ASN B 362 8.94 20.28 6.01
CA ASN B 362 10.00 20.88 6.81
C ASN B 362 10.54 19.82 7.77
N TYR B 363 11.87 19.77 7.91
CA TYR B 363 12.48 18.71 8.69
C TYR B 363 12.14 18.83 10.17
N GLN B 364 12.18 20.03 10.72
CA GLN B 364 11.99 20.21 12.15
C GLN B 364 10.60 19.73 12.57
N PRO B 365 10.48 18.96 13.64
CA PRO B 365 9.15 18.60 14.14
C PRO B 365 8.68 19.58 15.20
N PRO B 366 7.40 19.57 15.54
CA PRO B 366 6.92 20.46 16.60
C PRO B 366 7.56 20.13 17.94
N THR B 367 7.74 21.16 18.76
CA THR B 367 8.32 21.01 20.08
C THR B 367 7.21 21.11 21.12
N VAL B 368 7.06 20.06 21.93
CA VAL B 368 6.03 20.04 22.95
C VAL B 368 6.42 20.99 24.07
N VAL B 369 5.55 21.94 24.38
CA VAL B 369 5.81 22.84 25.50
C VAL B 369 5.72 22.05 26.80
N PRO B 370 6.63 22.25 27.75
CA PRO B 370 6.58 21.45 28.98
C PRO B 370 5.25 21.62 29.70
N GLY B 371 4.73 20.51 30.21
CA GLY B 371 3.48 20.55 30.97
C GLY B 371 2.32 21.15 30.21
N GLY B 372 2.31 21.02 28.89
CA GLY B 372 1.28 21.60 28.05
C GLY B 372 0.12 20.66 27.83
N ASP B 373 -0.70 20.99 26.82
CA ASP B 373 -1.85 20.17 26.49
C ASP B 373 -1.45 18.99 25.61
N LEU B 374 -0.73 19.26 24.53
CA LEU B 374 -0.34 18.22 23.59
C LEU B 374 0.83 17.42 24.14
N ALA B 375 1.15 16.33 23.44
CA ALA B 375 2.25 15.45 23.79
C ALA B 375 3.24 15.39 22.62
N LYS B 376 4.36 14.71 22.87
CA LYS B 376 5.40 14.62 21.87
C LYS B 376 4.86 13.98 20.59
N VAL B 377 5.24 14.55 19.45
CA VAL B 377 4.87 14.02 18.15
C VAL B 377 6.06 14.21 17.20
N GLN B 378 6.26 13.24 16.31
CA GLN B 378 7.35 13.29 15.35
C GLN B 378 6.92 13.84 13.99
N ARG B 379 5.75 13.45 13.51
CA ARG B 379 5.21 13.93 12.24
C ARG B 379 4.04 14.85 12.53
N ALA B 380 4.04 16.02 11.91
CA ALA B 380 2.99 17.00 12.11
C ALA B 380 2.65 17.68 10.80
N VAL B 381 1.35 17.87 10.56
CA VAL B 381 0.85 18.51 9.36
C VAL B 381 -0.13 19.60 9.78
N CYS B 382 -0.26 20.62 8.93
CA CYS B 382 -1.17 21.74 9.16
C CYS B 382 -1.91 22.05 7.87
N MET B 383 -3.10 21.50 7.73
CA MET B 383 -3.89 21.73 6.54
C MET B 383 -4.43 23.16 6.52
N LEU B 384 -4.87 23.58 5.34
CA LEU B 384 -5.47 24.89 5.15
C LEU B 384 -6.15 24.93 3.79
N SER B 385 -7.41 25.35 3.74
CA SER B 385 -8.16 25.22 2.51
C SER B 385 -9.32 26.21 2.50
N ASN B 386 -9.86 26.41 1.31
CA ASN B 386 -11.02 27.26 1.08
C ASN B 386 -12.19 26.42 0.63
N THR B 387 -13.36 26.63 1.24
CA THR B 387 -14.55 25.87 0.92
C THR B 387 -15.68 26.84 0.62
N THR B 388 -16.88 26.27 0.44
CA THR B 388 -18.08 27.07 0.22
C THR B 388 -18.97 27.15 1.46
N ALA B 389 -18.81 26.24 2.42
CA ALA B 389 -19.63 26.30 3.63
C ALA B 389 -19.42 27.61 4.37
N ILE B 390 -18.27 28.25 4.19
CA ILE B 390 -18.09 29.58 4.76
C ILE B 390 -19.14 30.52 4.21
N ALA B 391 -19.62 30.27 3.00
CA ALA B 391 -20.75 31.04 2.50
C ALA B 391 -21.98 30.84 3.38
N GLU B 392 -22.21 29.61 3.83
CA GLU B 392 -23.32 29.34 4.74
C GLU B 392 -23.10 30.07 6.06
N ALA B 393 -21.86 30.10 6.55
CA ALA B 393 -21.57 30.85 7.77
C ALA B 393 -21.87 32.34 7.57
N TRP B 394 -21.47 32.88 6.42
CA TRP B 394 -21.76 34.27 6.11
C TRP B 394 -23.26 34.52 6.08
N ALA B 395 -24.02 33.59 5.50
CA ALA B 395 -25.47 33.74 5.45
C ALA B 395 -26.06 33.70 6.85
N ARG B 396 -25.53 32.84 7.72
CA ARG B 396 -25.99 32.83 9.11
C ARG B 396 -25.72 34.17 9.78
N LEU B 397 -24.52 34.71 9.57
CA LEU B 397 -24.20 36.01 10.15
C LEU B 397 -25.12 37.08 9.61
N ASP B 398 -25.42 37.02 8.30
CA ASP B 398 -26.32 37.99 7.69
C ASP B 398 -27.73 37.88 8.24
N HIS B 399 -28.19 36.66 8.52
CA HIS B 399 -29.51 36.50 9.10
C HIS B 399 -29.56 37.08 10.52
N LYS B 400 -28.52 36.81 11.31
CA LYS B 400 -28.44 37.43 12.63
C LYS B 400 -28.44 38.95 12.50
N PHE B 401 -27.75 39.47 11.47
CA PHE B 401 -27.76 40.90 11.25
C PHE B 401 -29.14 41.41 10.82
N ASP B 402 -29.89 40.61 10.08
CA ASP B 402 -31.24 40.98 9.73
C ASP B 402 -32.08 41.14 10.98
N LEU B 403 -31.95 40.19 11.91
CA LEU B 403 -32.65 40.33 13.19
C LEU B 403 -32.20 41.59 13.93
N MET B 404 -30.88 41.84 13.95
CA MET B 404 -30.35 42.98 14.70
C MET B 404 -30.82 44.30 14.10
N TYR B 405 -30.92 44.37 12.78
CA TYR B 405 -31.41 45.56 12.10
C TYR B 405 -32.92 45.69 12.24
N ALA B 406 -33.64 44.59 12.40
CA ALA B 406 -35.09 44.65 12.55
C ALA B 406 -35.47 45.53 13.72
N LYS B 407 -34.89 45.28 14.89
CA LYS B 407 -35.12 46.14 16.04
C LYS B 407 -34.23 47.37 16.05
N ARG B 408 -33.19 47.41 15.21
CA ARG B 408 -32.22 48.51 15.22
C ARG B 408 -31.67 48.70 16.63
N ALA B 409 -31.38 47.58 17.30
CA ALA B 409 -31.11 47.62 18.72
C ALA B 409 -29.86 48.42 19.03
N PHE B 410 -29.99 49.33 20.01
CA PHE B 410 -28.84 50.00 20.62
C PHE B 410 -27.88 50.58 19.58
N VAL B 411 -28.40 50.91 18.39
CA VAL B 411 -27.56 51.54 17.38
C VAL B 411 -27.06 52.90 17.83
N HIS B 412 -27.71 53.51 18.82
CA HIS B 412 -27.25 54.79 19.32
C HIS B 412 -25.87 54.68 19.96
N TRP B 413 -25.44 53.46 20.28
CA TRP B 413 -24.06 53.23 20.69
C TRP B 413 -23.08 53.37 19.52
N TYR B 414 -23.57 53.63 18.32
CA TYR B 414 -22.73 53.78 17.14
C TYR B 414 -23.02 55.08 16.41
N VAL B 415 -24.26 55.56 16.53
CA VAL B 415 -24.70 56.69 15.71
C VAL B 415 -23.79 57.90 15.94
N GLY B 416 -23.41 58.15 17.18
CA GLY B 416 -22.60 59.30 17.51
C GLY B 416 -21.12 59.13 17.26
N GLU B 417 -20.70 57.99 16.72
CA GLU B 417 -19.29 57.72 16.46
C GLU B 417 -18.85 58.19 15.08
N GLY B 418 -19.72 58.83 14.32
CA GLY B 418 -19.39 59.29 12.99
C GLY B 418 -19.88 58.40 11.87
N MET B 419 -20.53 57.28 12.19
CA MET B 419 -21.04 56.37 11.18
C MET B 419 -22.48 56.73 10.83
N GLU B 420 -23.10 55.92 9.98
CA GLU B 420 -24.45 56.22 9.51
C GLU B 420 -25.12 54.94 9.06
N GLU B 421 -26.45 55.00 8.99
CA GLU B 421 -27.22 53.85 8.52
C GLU B 421 -26.85 53.48 7.08
N GLY B 422 -26.47 54.48 6.27
CA GLY B 422 -26.00 54.18 4.94
C GLY B 422 -24.79 53.27 4.96
N GLU B 423 -23.92 53.44 5.97
CA GLU B 423 -22.82 52.52 6.15
C GLU B 423 -23.33 51.10 6.36
N PHE B 424 -24.37 50.94 7.18
CA PHE B 424 -24.95 49.62 7.40
C PHE B 424 -25.48 49.05 6.10
N SER B 425 -26.19 49.87 5.32
CA SER B 425 -26.76 49.38 4.07
C SER B 425 -25.67 48.93 3.12
N GLU B 426 -24.62 49.75 2.95
CA GLU B 426 -23.56 49.40 2.02
C GLU B 426 -22.81 48.15 2.48
N ALA B 427 -22.52 48.03 3.78
CA ALA B 427 -21.83 46.84 4.26
C ALA B 427 -22.69 45.59 4.08
N ARG B 428 -23.99 45.72 4.35
CA ARG B 428 -24.89 44.58 4.22
C ARG B 428 -24.98 44.12 2.77
N GLU B 429 -25.19 45.06 1.84
CA GLU B 429 -25.22 44.67 0.44
C GLU B 429 -23.86 44.15 -0.02
N ASP B 430 -22.77 44.63 0.58
CA ASP B 430 -21.45 44.09 0.28
C ASP B 430 -21.36 42.62 0.68
N MET B 431 -21.86 42.29 1.88
CA MET B 431 -21.87 40.90 2.30
C MET B 431 -22.74 40.06 1.38
N ALA B 432 -23.89 40.62 0.97
CA ALA B 432 -24.75 39.91 0.04
C ALA B 432 -24.04 39.64 -1.28
N ALA B 433 -23.32 40.64 -1.78
CA ALA B 433 -22.57 40.47 -3.02
C ALA B 433 -21.49 39.41 -2.86
N LEU B 434 -20.83 39.37 -1.69
CA LEU B 434 -19.83 38.35 -1.44
C LEU B 434 -20.45 36.96 -1.47
N GLU B 435 -21.63 36.81 -0.84
CA GLU B 435 -22.32 35.53 -0.88
C GLU B 435 -22.69 35.16 -2.32
N LYS B 436 -23.13 36.14 -3.10
CA LYS B 436 -23.49 35.88 -4.49
C LYS B 436 -22.27 35.45 -5.30
N ASP B 437 -21.12 36.07 -5.04
CA ASP B 437 -19.88 35.67 -5.71
C ASP B 437 -19.50 34.24 -5.33
N TYR B 438 -19.63 33.89 -4.06
CA TYR B 438 -19.37 32.52 -3.65
C TYR B 438 -20.29 31.56 -4.37
N GLU B 439 -21.57 31.91 -4.47
CA GLU B 439 -22.51 31.09 -5.21
C GLU B 439 -22.05 30.91 -6.65
N GLU B 440 -21.62 31.99 -7.29
CA GLU B 440 -21.13 31.89 -8.66
C GLU B 440 -19.96 30.93 -8.75
N VAL B 441 -19.00 31.06 -7.83
CA VAL B 441 -17.84 30.19 -7.87
C VAL B 441 -18.26 28.74 -7.66
N GLY B 442 -19.33 28.51 -6.90
CA GLY B 442 -19.79 27.15 -6.68
C GLY B 442 -20.22 26.47 -7.97
N VAL B 443 -20.99 27.16 -8.79
CA VAL B 443 -21.49 26.59 -10.04
C VAL B 443 -20.35 26.48 -11.04
N GLU C 4 17.12 -25.40 -22.39
CA GLU C 4 16.83 -24.99 -21.01
C GLU C 4 15.35 -25.15 -20.71
N ILE C 5 14.92 -24.66 -19.55
CA ILE C 5 13.58 -24.97 -19.04
C ILE C 5 13.23 -23.94 -17.98
N ILE C 6 11.93 -23.78 -17.72
CA ILE C 6 11.43 -22.89 -16.68
C ILE C 6 10.49 -23.68 -15.79
N THR C 7 10.36 -23.25 -14.54
CA THR C 7 9.48 -23.87 -13.57
C THR C 7 8.43 -22.86 -13.12
N LEU C 8 7.16 -23.27 -13.16
CA LEU C 8 6.04 -22.43 -12.76
C LEU C 8 5.30 -23.15 -11.64
N GLN C 9 5.66 -22.87 -10.40
CA GLN C 9 5.06 -23.53 -9.25
C GLN C 9 4.09 -22.60 -8.56
N LEU C 10 2.89 -23.10 -8.29
CA LEU C 10 1.79 -22.29 -7.81
C LEU C 10 1.22 -22.92 -6.54
N GLY C 11 0.54 -22.11 -5.75
CA GLY C 11 -0.11 -22.58 -4.54
C GLY C 11 0.90 -23.12 -3.53
N GLN C 12 0.43 -23.44 -2.32
CA GLN C 12 1.34 -23.96 -1.30
C GLN C 12 2.01 -25.25 -1.78
N CYS C 13 1.22 -26.13 -2.40
CA CYS C 13 1.78 -27.36 -2.94
C CYS C 13 2.93 -27.06 -3.89
N GLY C 14 2.71 -26.17 -4.85
CA GLY C 14 3.77 -25.85 -5.80
C GLY C 14 4.96 -25.20 -5.13
N ASN C 15 4.71 -24.31 -4.18
CA ASN C 15 5.82 -23.65 -3.50
C ASN C 15 6.73 -24.68 -2.85
N GLN C 16 6.15 -25.60 -2.07
CA GLN C 16 6.97 -26.63 -1.45
C GLN C 16 7.66 -27.47 -2.52
N ILE C 17 6.87 -28.02 -3.45
CA ILE C 17 7.40 -28.85 -4.52
C ILE C 17 8.68 -28.22 -5.05
N GLY C 18 8.61 -26.92 -5.35
CA GLY C 18 9.79 -26.24 -5.84
C GLY C 18 10.91 -26.20 -4.83
N PHE C 19 10.58 -25.92 -3.56
CA PHE C 19 11.63 -25.86 -2.55
C PHE C 19 12.44 -27.14 -2.51
N GLU C 20 11.76 -28.27 -2.37
CA GLU C 20 12.49 -29.54 -2.26
C GLU C 20 13.06 -30.00 -3.61
N PHE C 21 12.44 -29.61 -4.72
CA PHE C 21 13.03 -29.93 -6.02
C PHE C 21 14.38 -29.24 -6.17
N TRP C 22 14.44 -27.96 -5.81
CA TRP C 22 15.71 -27.24 -5.89
C TRP C 22 16.69 -27.72 -4.84
N LYS C 23 16.21 -28.15 -3.67
CA LYS C 23 17.09 -28.78 -2.71
C LYS C 23 17.75 -30.02 -3.30
N GLN C 24 16.95 -30.87 -3.95
CA GLN C 24 17.50 -32.06 -4.59
C GLN C 24 18.50 -31.69 -5.67
N LEU C 25 18.15 -30.70 -6.50
CA LEU C 25 19.05 -30.32 -7.59
C LEU C 25 20.37 -29.79 -7.05
N CYS C 26 20.32 -28.92 -6.04
CA CYS C 26 21.53 -28.38 -5.48
C CYS C 26 22.39 -29.47 -4.87
N ALA C 27 21.75 -30.47 -4.24
CA ALA C 27 22.50 -31.61 -3.75
C ALA C 27 23.18 -32.35 -4.91
N GLU C 28 22.45 -32.56 -6.00
CA GLU C 28 22.98 -33.37 -7.09
C GLU C 28 24.15 -32.68 -7.79
N HIS C 29 24.04 -31.38 -8.03
CA HIS C 29 25.06 -30.66 -8.79
C HIS C 29 26.12 -30.02 -7.92
N GLY C 30 26.14 -30.33 -6.63
CA GLY C 30 27.13 -29.75 -5.74
C GLY C 30 27.03 -28.24 -5.72
N ILE C 31 25.93 -27.72 -5.20
CA ILE C 31 25.66 -26.29 -5.16
C ILE C 31 25.52 -25.88 -3.70
N SER C 32 26.31 -24.89 -3.30
CA SER C 32 26.21 -24.40 -1.93
C SER C 32 24.83 -23.81 -1.69
N PRO C 33 24.30 -23.91 -0.47
CA PRO C 33 22.98 -23.32 -0.21
C PRO C 33 22.90 -21.85 -0.60
N GLU C 34 23.98 -21.10 -0.37
CA GLU C 34 24.01 -19.70 -0.76
C GLU C 34 24.16 -19.49 -2.26
N GLY C 35 24.41 -20.56 -3.02
CA GLY C 35 24.68 -20.47 -4.43
C GLY C 35 26.13 -20.63 -4.81
N ILE C 36 27.05 -20.60 -3.85
CA ILE C 36 28.44 -20.85 -4.15
C ILE C 36 28.59 -22.30 -4.62
N VAL C 37 29.70 -22.57 -5.29
CA VAL C 37 30.02 -23.90 -5.79
C VAL C 37 31.15 -24.47 -4.96
N GLU C 38 31.01 -25.74 -4.56
CA GLU C 38 31.99 -26.38 -3.72
C GLU C 38 33.31 -26.55 -4.46
N GLU C 39 34.39 -26.62 -3.69
CA GLU C 39 35.71 -26.76 -4.30
C GLU C 39 35.84 -28.07 -5.07
N PHE C 40 35.31 -29.17 -4.52
CA PHE C 40 35.44 -30.45 -5.18
C PHE C 40 34.69 -30.47 -6.51
N ALA C 41 33.63 -29.68 -6.63
CA ALA C 41 32.83 -29.64 -7.84
C ALA C 41 33.31 -28.60 -8.84
N THR C 42 34.44 -27.94 -8.56
CA THR C 42 34.90 -26.86 -9.42
C THR C 42 35.11 -27.35 -10.85
N GLU C 43 35.81 -28.46 -11.01
CA GLU C 43 36.08 -29.03 -12.32
C GLU C 43 34.94 -29.89 -12.85
N GLY C 44 33.73 -29.72 -12.30
CA GLY C 44 32.65 -30.63 -12.63
C GLY C 44 32.37 -30.67 -14.12
N THR C 45 31.88 -31.83 -14.56
CA THR C 45 31.50 -32.03 -15.95
C THR C 45 29.99 -31.98 -16.17
N ASP C 46 29.20 -32.21 -15.13
CA ASP C 46 27.75 -32.19 -15.26
C ASP C 46 27.28 -30.84 -15.79
N ARG C 47 26.38 -30.88 -16.76
CA ARG C 47 25.82 -29.65 -17.30
C ARG C 47 25.00 -28.94 -16.23
N LYS C 48 25.04 -27.61 -16.24
CA LYS C 48 24.32 -26.79 -15.27
C LYS C 48 23.28 -25.87 -15.89
N ASP C 49 23.45 -25.49 -17.16
CA ASP C 49 22.49 -24.58 -17.79
C ASP C 49 21.07 -25.11 -17.76
N VAL C 50 20.92 -26.44 -17.68
CA VAL C 50 19.60 -27.04 -17.83
C VAL C 50 18.62 -26.46 -16.82
N PHE C 51 19.06 -26.33 -15.57
CA PHE C 51 18.21 -25.80 -14.51
C PHE C 51 18.80 -24.56 -13.85
N PHE C 52 19.79 -23.94 -14.45
CA PHE C 52 20.50 -22.86 -13.79
C PHE C 52 21.13 -21.93 -14.80
N TYR C 53 21.53 -20.75 -14.33
CA TYR C 53 22.29 -19.81 -15.13
C TYR C 53 23.17 -19.03 -14.17
N GLN C 54 24.48 -19.22 -14.28
CA GLN C 54 25.41 -18.68 -13.30
C GLN C 54 25.38 -17.16 -13.32
N ALA C 55 26.12 -16.56 -12.39
CA ALA C 55 26.15 -15.12 -12.24
C ALA C 55 27.58 -14.66 -11.99
N ASP C 56 27.80 -13.35 -12.18
CA ASP C 56 29.13 -12.78 -12.02
C ASP C 56 29.75 -13.19 -10.70
N ASP C 57 28.95 -13.24 -9.65
CA ASP C 57 29.42 -13.66 -8.33
C ASP C 57 29.63 -15.16 -8.24
N GLU C 58 29.59 -15.88 -9.35
CA GLU C 58 29.81 -17.32 -9.45
C GLU C 58 28.64 -18.12 -8.86
N HIS C 59 27.64 -17.46 -8.29
CA HIS C 59 26.49 -18.17 -7.78
C HIS C 59 25.52 -18.49 -8.91
N TYR C 60 24.78 -19.58 -8.75
CA TYR C 60 23.85 -20.05 -9.76
C TYR C 60 22.43 -19.78 -9.30
N ILE C 61 21.62 -19.22 -10.18
CA ILE C 61 20.28 -18.75 -9.88
C ILE C 61 19.28 -19.72 -10.49
N PRO C 62 18.37 -20.30 -9.71
CA PRO C 62 17.38 -21.22 -10.28
C PRO C 62 16.49 -20.51 -11.28
N ARG C 63 16.14 -21.22 -12.35
CA ARG C 63 15.24 -20.69 -13.37
C ARG C 63 13.78 -20.90 -12.93
N ALA C 64 13.46 -20.36 -11.77
CA ALA C 64 12.19 -20.59 -11.12
C ALA C 64 11.49 -19.28 -10.81
N VAL C 65 10.17 -19.32 -10.81
CA VAL C 65 9.33 -18.19 -10.41
C VAL C 65 8.37 -18.68 -9.34
N LEU C 66 8.25 -17.91 -8.26
CA LEU C 66 7.37 -18.25 -7.15
C LEU C 66 6.09 -17.44 -7.26
N LEU C 67 4.95 -18.13 -7.25
CA LEU C 67 3.65 -17.49 -7.31
C LEU C 67 2.80 -17.99 -6.16
N ASP C 68 1.92 -17.12 -5.67
CA ASP C 68 1.07 -17.49 -4.54
C ASP C 68 0.06 -16.38 -4.28
N LEU C 69 -1.12 -16.79 -3.81
CA LEU C 69 -2.13 -15.84 -3.35
C LEU C 69 -1.90 -15.38 -1.93
N GLU C 70 -1.02 -16.03 -1.18
CA GLU C 70 -0.74 -15.70 0.21
C GLU C 70 0.75 -15.68 0.46
N PRO C 71 1.22 -14.90 1.43
CA PRO C 71 2.66 -14.78 1.66
C PRO C 71 3.27 -15.91 2.47
N ARG C 72 2.49 -16.46 3.41
CA ARG C 72 3.03 -17.30 4.48
C ARG C 72 4.10 -18.27 4.01
N VAL C 73 3.76 -19.12 3.04
CA VAL C 73 4.67 -20.19 2.65
C VAL C 73 5.98 -19.63 2.14
N ILE C 74 5.91 -18.68 1.21
CA ILE C 74 7.13 -18.16 0.60
C ILE C 74 7.94 -17.39 1.63
N HIS C 75 7.25 -16.66 2.52
CA HIS C 75 7.96 -15.95 3.58
C HIS C 75 8.75 -16.93 4.45
N SER C 76 8.14 -18.06 4.78
CA SER C 76 8.88 -19.09 5.51
C SER C 76 10.06 -19.59 4.70
N ILE C 77 9.86 -19.80 3.39
CA ILE C 77 10.96 -20.26 2.54
C ILE C 77 12.12 -19.29 2.61
N LEU C 78 11.84 -17.98 2.55
CA LEU C 78 12.91 -17.00 2.57
C LEU C 78 13.61 -16.90 3.92
N ASN C 79 13.08 -17.55 4.95
CA ASN C 79 13.79 -17.69 6.21
C ASN C 79 14.58 -18.99 6.30
N SER C 80 14.52 -19.83 5.27
CA SER C 80 15.25 -21.08 5.25
C SER C 80 16.73 -20.84 4.94
N PRO C 81 17.58 -21.83 5.23
CA PRO C 81 19.00 -21.70 4.85
C PRO C 81 19.20 -21.54 3.36
N TYR C 82 18.25 -21.97 2.55
CA TYR C 82 18.33 -21.86 1.10
C TYR C 82 17.74 -20.56 0.56
N ALA C 83 17.34 -19.66 1.45
CA ALA C 83 16.62 -18.46 1.03
C ALA C 83 17.44 -17.62 0.06
N LYS C 84 18.69 -17.33 0.42
CA LYS C 84 19.47 -16.40 -0.39
C LYS C 84 19.70 -16.91 -1.80
N LEU C 85 19.55 -18.22 -2.01
CA LEU C 85 19.79 -18.77 -3.34
C LEU C 85 18.82 -18.20 -4.37
N TYR C 86 17.56 -18.05 -4.02
CA TYR C 86 16.57 -17.66 -4.99
C TYR C 86 16.81 -16.22 -5.44
N ASN C 87 16.19 -15.87 -6.57
CA ASN C 87 16.32 -14.53 -7.13
C ASN C 87 15.13 -13.70 -6.65
N PRO C 88 15.36 -12.65 -5.85
CA PRO C 88 14.20 -11.88 -5.35
C PRO C 88 13.35 -11.29 -6.45
N GLU C 89 13.94 -10.93 -7.58
CA GLU C 89 13.17 -10.31 -8.66
C GLU C 89 12.06 -11.22 -9.15
N ASN C 90 12.39 -12.49 -9.40
CA ASN C 90 11.42 -13.41 -9.98
C ASN C 90 10.26 -13.66 -9.02
N ILE C 91 10.54 -13.83 -7.73
CA ILE C 91 9.52 -14.13 -6.75
C ILE C 91 8.42 -13.08 -6.84
N TYR C 92 7.19 -13.50 -6.56
CA TYR C 92 6.04 -12.58 -6.61
C TYR C 92 5.02 -13.03 -5.58
N LEU C 93 4.57 -12.07 -4.76
CA LEU C 93 3.60 -12.35 -3.71
C LEU C 93 2.45 -11.36 -3.82
N SER C 94 1.22 -11.88 -3.78
CA SER C 94 0.06 -11.01 -3.78
C SER C 94 0.06 -10.15 -2.53
N GLU C 95 -0.34 -8.88 -2.70
CA GLU C 95 -0.26 -7.95 -1.59
C GLU C 95 -1.13 -8.39 -0.42
N HIS C 96 -2.32 -8.91 -0.70
CA HIS C 96 -3.21 -9.36 0.38
C HIS C 96 -2.90 -10.81 0.74
N ASN C 102 -10.28 -18.93 -1.83
CA ASN C 102 -9.79 -20.23 -2.26
C ASN C 102 -10.77 -20.91 -3.21
N ASN C 103 -10.87 -20.39 -4.43
CA ASN C 103 -11.82 -20.89 -5.41
C ASN C 103 -11.26 -20.70 -6.81
N TRP C 104 -11.54 -21.66 -7.69
CA TRP C 104 -10.95 -21.60 -9.02
C TRP C 104 -11.38 -20.34 -9.76
N ALA C 105 -12.65 -19.97 -9.66
CA ALA C 105 -13.11 -18.76 -10.33
C ALA C 105 -12.35 -17.54 -9.84
N SER C 106 -12.17 -17.42 -8.52
CA SER C 106 -11.39 -16.32 -7.99
C SER C 106 -9.96 -16.37 -8.49
N GLY C 107 -9.35 -17.56 -8.51
CA GLY C 107 -7.99 -17.67 -9.01
C GLY C 107 -7.86 -17.18 -10.43
N PHE C 108 -8.79 -17.58 -11.29
CA PHE C 108 -8.73 -17.14 -12.68
C PHE C 108 -8.99 -15.64 -12.80
N SER C 109 -9.86 -15.09 -11.95
CA SER C 109 -10.08 -13.65 -11.96
C SER C 109 -8.80 -12.91 -11.62
N GLN C 110 -8.12 -13.35 -10.56
CA GLN C 110 -6.85 -12.72 -10.23
C GLN C 110 -5.85 -12.87 -11.38
N GLY C 111 -5.79 -14.06 -11.98
CA GLY C 111 -4.91 -14.25 -13.11
C GLY C 111 -5.16 -13.24 -14.21
N GLU C 112 -6.44 -12.97 -14.51
CA GLU C 112 -6.76 -11.89 -15.41
C GLU C 112 -6.27 -10.55 -14.87
N LYS C 113 -6.26 -10.39 -13.55
CA LYS C 113 -5.91 -9.09 -12.97
C LYS C 113 -4.42 -8.81 -13.00
N ILE C 114 -3.58 -9.84 -12.83
CA ILE C 114 -2.14 -9.62 -12.66
C ILE C 114 -1.36 -10.24 -13.82
N HIS C 115 -1.97 -10.23 -15.00
CA HIS C 115 -1.30 -10.70 -16.21
C HIS C 115 0.06 -10.01 -16.39
N GLU C 116 0.08 -8.68 -16.24
CA GLU C 116 1.19 -7.88 -16.73
C GLU C 116 2.50 -8.28 -16.06
N ASP C 117 2.58 -8.13 -14.74
CA ASP C 117 3.84 -8.39 -14.04
C ASP C 117 4.26 -9.84 -14.19
N ILE C 118 3.30 -10.77 -14.17
CA ILE C 118 3.65 -12.18 -14.29
C ILE C 118 4.39 -12.42 -15.58
N PHE C 119 3.83 -11.95 -16.71
CA PHE C 119 4.54 -12.20 -17.96
C PHE C 119 5.75 -11.31 -18.14
N ASP C 120 5.82 -10.16 -17.46
CA ASP C 120 7.10 -9.45 -17.41
C ASP C 120 8.19 -10.37 -16.87
N ILE C 121 7.91 -11.00 -15.72
CA ILE C 121 8.89 -11.90 -15.11
C ILE C 121 9.20 -13.05 -16.07
N ILE C 122 8.16 -13.63 -16.66
CA ILE C 122 8.36 -14.80 -17.51
C ILE C 122 9.21 -14.44 -18.71
N ASP C 123 8.93 -13.31 -19.36
CA ASP C 123 9.70 -12.91 -20.52
C ASP C 123 11.15 -12.63 -20.13
N ARG C 124 11.36 -11.93 -19.01
CA ARG C 124 12.72 -11.65 -18.59
C ARG C 124 13.51 -12.95 -18.41
N GLU C 125 12.89 -13.93 -17.74
CA GLU C 125 13.58 -15.20 -17.54
C GLU C 125 13.81 -15.91 -18.87
N ALA C 126 12.83 -15.88 -19.77
CA ALA C 126 12.94 -16.61 -21.02
C ALA C 126 14.07 -16.07 -21.89
N ASP C 127 14.19 -14.74 -21.97
CA ASP C 127 15.15 -14.14 -22.87
C ASP C 127 16.59 -14.34 -22.43
N GLY C 128 16.83 -14.84 -21.22
CA GLY C 128 18.16 -15.08 -20.72
C GLY C 128 18.76 -16.41 -21.11
N SER C 129 18.09 -17.19 -21.94
CA SER C 129 18.55 -18.51 -22.34
C SER C 129 18.37 -18.70 -23.85
N ASP C 130 19.11 -19.63 -24.40
CA ASP C 130 19.14 -19.89 -25.83
C ASP C 130 18.41 -21.17 -26.23
N SER C 131 18.64 -22.26 -25.51
CA SER C 131 18.11 -23.57 -25.88
C SER C 131 16.93 -23.97 -25.02
N LEU C 132 16.07 -23.01 -24.68
CA LEU C 132 14.86 -23.33 -23.94
C LEU C 132 14.02 -24.33 -24.71
N GLU C 133 13.59 -25.39 -24.02
CA GLU C 133 12.83 -26.46 -24.64
C GLU C 133 11.34 -26.34 -24.34
N GLY C 134 10.97 -26.33 -23.07
CA GLY C 134 9.57 -26.26 -22.70
C GLY C 134 9.35 -25.61 -21.34
N PHE C 135 8.22 -25.91 -20.71
CA PHE C 135 7.89 -25.38 -19.40
C PHE C 135 7.61 -26.52 -18.42
N VAL C 136 7.93 -26.27 -17.15
CA VAL C 136 7.61 -27.18 -16.06
C VAL C 136 6.67 -26.46 -15.12
N LEU C 137 5.58 -27.12 -14.76
CA LEU C 137 4.57 -26.55 -13.88
C LEU C 137 4.30 -27.52 -12.74
N CYS C 138 4.31 -27.00 -11.52
CA CYS C 138 4.07 -27.81 -10.33
C CYS C 138 2.96 -27.15 -9.53
N HIS C 139 1.81 -27.82 -9.45
CA HIS C 139 0.67 -27.21 -8.78
C HIS C 139 -0.28 -28.30 -8.30
N SER C 140 -1.12 -27.94 -7.34
CA SER C 140 -2.21 -28.78 -6.89
C SER C 140 -3.49 -28.35 -7.59
N ILE C 141 -4.37 -29.32 -7.83
CA ILE C 141 -5.58 -29.06 -8.62
C ILE C 141 -6.81 -28.78 -7.76
N ALA C 142 -6.74 -29.01 -6.45
CA ALA C 142 -7.92 -28.85 -5.61
C ALA C 142 -8.10 -27.40 -5.18
N GLY C 143 -7.11 -26.83 -4.50
CA GLY C 143 -7.25 -25.48 -4.00
C GLY C 143 -7.50 -24.49 -5.12
N GLY C 144 -8.31 -23.48 -4.83
CA GLY C 144 -8.62 -22.48 -5.82
C GLY C 144 -7.40 -21.75 -6.33
N THR C 145 -6.42 -21.52 -5.45
CA THR C 145 -5.21 -20.81 -5.84
C THR C 145 -4.50 -21.53 -6.98
N GLY C 146 -4.00 -22.73 -6.69
CA GLY C 146 -3.24 -23.45 -7.69
C GLY C 146 -4.07 -23.71 -8.94
N SER C 147 -5.31 -24.17 -8.76
CA SER C 147 -6.13 -24.52 -9.92
C SER C 147 -6.32 -23.34 -10.85
N GLY C 148 -6.91 -22.25 -10.34
CA GLY C 148 -7.21 -21.11 -11.19
C GLY C 148 -5.96 -20.46 -11.77
N LEU C 149 -4.94 -20.27 -10.93
CA LEU C 149 -3.74 -19.62 -11.43
C LEU C 149 -3.06 -20.46 -12.51
N GLY C 150 -2.99 -21.78 -12.30
CA GLY C 150 -2.43 -22.63 -13.33
C GLY C 150 -3.24 -22.59 -14.60
N SER C 151 -4.58 -22.57 -14.47
CA SER C 151 -5.41 -22.47 -15.66
C SER C 151 -5.06 -21.21 -16.44
N TYR C 152 -4.99 -20.07 -15.74
CA TYR C 152 -4.71 -18.82 -16.44
C TYR C 152 -3.34 -18.85 -17.10
N LEU C 153 -2.32 -19.33 -16.36
CA LEU C 153 -0.98 -19.37 -16.92
C LEU C 153 -0.93 -20.27 -18.14
N LEU C 154 -1.54 -21.45 -18.06
CA LEU C 154 -1.54 -22.37 -19.20
C LEU C 154 -2.21 -21.73 -20.41
N GLU C 155 -3.40 -21.16 -20.20
CA GLU C 155 -4.11 -20.57 -21.32
C GLU C 155 -3.26 -19.51 -22.00
N ARG C 156 -2.76 -18.55 -21.23
CA ARG C 156 -2.05 -17.44 -21.85
C ARG C 156 -0.70 -17.87 -22.39
N LEU C 157 -0.07 -18.88 -21.79
CA LEU C 157 1.21 -19.37 -22.31
C LEU C 157 1.02 -20.06 -23.65
N ASN C 158 0.04 -20.97 -23.73
CA ASN C 158 -0.25 -21.58 -25.02
C ASN C 158 -0.64 -20.53 -26.05
N ASP C 159 -1.30 -19.46 -25.63
CA ASP C 159 -1.63 -18.39 -26.56
C ASP C 159 -0.47 -17.43 -26.81
N ARG C 160 0.65 -17.60 -26.10
CA ARG C 160 1.81 -16.73 -26.27
C ARG C 160 2.99 -17.44 -26.91
N TYR C 161 3.41 -18.58 -26.35
CA TYR C 161 4.56 -19.31 -26.86
C TYR C 161 4.10 -20.61 -27.51
N PRO C 162 3.68 -20.57 -28.77
CA PRO C 162 3.16 -21.77 -29.43
C PRO C 162 4.23 -22.76 -29.89
N LYS C 163 5.48 -22.60 -29.46
CA LYS C 163 6.56 -23.50 -29.86
C LYS C 163 7.39 -23.92 -28.67
N LYS C 164 6.74 -24.17 -27.54
CA LYS C 164 7.43 -24.62 -26.34
C LYS C 164 6.59 -25.70 -25.66
N LEU C 165 7.27 -26.73 -25.18
CA LEU C 165 6.57 -27.81 -24.47
C LEU C 165 6.09 -27.32 -23.10
N VAL C 166 4.96 -27.86 -22.67
CA VAL C 166 4.39 -27.53 -21.37
C VAL C 166 4.27 -28.84 -20.59
N GLN C 167 5.03 -28.95 -19.52
CA GLN C 167 5.05 -30.14 -18.68
C GLN C 167 4.55 -29.76 -17.29
N THR C 168 3.59 -30.54 -16.79
CA THR C 168 2.96 -30.25 -15.51
C THR C 168 2.98 -31.50 -14.64
N TYR C 169 3.18 -31.29 -13.34
CA TYR C 169 3.08 -32.35 -12.35
C TYR C 169 1.95 -31.98 -11.41
N SER C 170 0.73 -32.33 -11.80
CA SER C 170 -0.43 -32.04 -10.99
C SER C 170 -0.52 -33.00 -9.81
N VAL C 171 -1.12 -32.51 -8.73
CA VAL C 171 -1.34 -33.30 -7.53
C VAL C 171 -2.84 -33.42 -7.33
N PHE C 172 -3.36 -34.62 -7.48
CA PHE C 172 -4.80 -34.78 -7.36
C PHE C 172 -5.19 -35.13 -5.93
N PRO C 173 -6.40 -34.73 -5.53
CA PRO C 173 -6.79 -34.90 -4.13
C PRO C 173 -7.08 -36.36 -3.79
N ASN C 174 -6.94 -36.67 -2.51
CA ASN C 174 -7.34 -37.98 -2.02
C ASN C 174 -8.83 -38.21 -2.26
N GLN C 175 -9.20 -39.45 -2.56
CA GLN C 175 -10.57 -39.77 -2.91
C GLN C 175 -11.26 -40.67 -1.90
N ASP C 176 -10.69 -41.85 -1.59
CA ASP C 176 -11.33 -42.75 -0.64
C ASP C 176 -11.56 -42.04 0.69
N GLU C 177 -10.52 -41.41 1.21
CA GLU C 177 -10.71 -40.43 2.26
C GLU C 177 -11.31 -39.16 1.66
N MET C 178 -12.05 -38.43 2.48
CA MET C 178 -12.71 -37.23 1.97
C MET C 178 -11.67 -36.25 1.43
N SER C 179 -11.93 -35.71 0.25
CA SER C 179 -10.98 -34.80 -0.38
C SER C 179 -10.79 -33.57 0.49
N ASP C 180 -9.55 -33.08 0.51
CA ASP C 180 -9.18 -32.00 1.42
C ASP C 180 -9.81 -30.66 1.06
N VAL C 181 -10.64 -30.59 0.02
CA VAL C 181 -11.37 -29.40 -0.32
C VAL C 181 -12.80 -29.78 -0.64
N VAL C 182 -13.76 -29.14 0.05
CA VAL C 182 -15.16 -29.46 -0.18
C VAL C 182 -15.57 -29.09 -1.61
N VAL C 183 -15.00 -28.02 -2.15
CA VAL C 183 -15.34 -27.53 -3.48
C VAL C 183 -14.39 -28.17 -4.47
N GLN C 184 -13.70 -29.22 -4.04
CA GLN C 184 -12.71 -29.88 -4.88
C GLN C 184 -13.25 -30.27 -6.26
N PRO C 185 -14.46 -30.82 -6.40
CA PRO C 185 -14.87 -31.31 -7.72
C PRO C 185 -14.82 -30.25 -8.81
N TYR C 186 -15.30 -29.04 -8.51
CA TYR C 186 -15.33 -28.00 -9.52
C TYR C 186 -13.92 -27.67 -9.98
N ASN C 187 -13.02 -27.40 -9.03
CA ASN C 187 -11.66 -27.01 -9.38
C ASN C 187 -10.97 -28.13 -10.14
N SER C 188 -11.11 -29.37 -9.68
CA SER C 188 -10.46 -30.48 -10.37
C SER C 188 -10.96 -30.59 -11.80
N LEU C 189 -12.27 -30.54 -11.99
CA LEU C 189 -12.83 -30.70 -13.33
C LEU C 189 -12.35 -29.58 -14.24
N LEU C 190 -12.40 -28.34 -13.77
CA LEU C 190 -11.98 -27.21 -14.59
C LEU C 190 -10.49 -27.30 -14.93
N THR C 191 -9.67 -27.65 -13.95
CA THR C 191 -8.23 -27.76 -14.20
C THR C 191 -7.95 -28.86 -15.22
N LEU C 192 -8.64 -29.99 -15.11
CA LEU C 192 -8.45 -31.06 -16.08
C LEU C 192 -8.86 -30.61 -17.47
N LYS C 193 -9.97 -29.88 -17.56
CA LYS C 193 -10.38 -29.37 -18.87
C LYS C 193 -9.31 -28.46 -19.45
N ARG C 194 -8.76 -27.57 -18.63
CA ARG C 194 -7.71 -26.68 -19.12
C ARG C 194 -6.50 -27.48 -19.57
N LEU C 195 -6.12 -28.51 -18.81
CA LEU C 195 -4.98 -29.34 -19.18
C LEU C 195 -5.22 -30.01 -20.53
N THR C 196 -6.42 -30.56 -20.72
CA THR C 196 -6.74 -31.15 -22.01
C THR C 196 -6.67 -30.12 -23.13
N GLN C 197 -7.17 -28.91 -22.86
CA GLN C 197 -7.21 -27.89 -23.90
C GLN C 197 -5.80 -27.47 -24.30
N ASN C 198 -4.89 -27.31 -23.34
CA ASN C 198 -3.59 -26.72 -23.63
C ASN C 198 -2.41 -27.57 -23.22
N ALA C 199 -2.46 -28.23 -22.07
CA ALA C 199 -1.28 -28.88 -21.53
C ALA C 199 -0.73 -29.91 -22.51
N ASP C 200 0.59 -29.94 -22.64
CA ASP C 200 1.23 -30.88 -23.55
C ASP C 200 1.39 -32.26 -22.91
N CYS C 201 2.14 -32.33 -21.81
CA CYS C 201 2.35 -33.57 -21.08
C CYS C 201 2.02 -33.36 -19.62
N VAL C 202 1.58 -34.44 -18.97
CA VAL C 202 1.14 -34.38 -17.58
C VAL C 202 1.72 -35.58 -16.84
N VAL C 203 1.95 -35.39 -15.54
CA VAL C 203 2.35 -36.48 -14.64
C VAL C 203 1.40 -36.40 -13.46
N VAL C 204 0.30 -37.15 -13.52
CA VAL C 204 -0.72 -37.07 -12.48
C VAL C 204 -0.18 -37.63 -11.17
N LEU C 205 -0.70 -37.12 -10.07
CA LEU C 205 -0.24 -37.51 -8.75
C LEU C 205 -1.43 -37.48 -7.79
N ASP C 206 -1.34 -38.29 -6.73
CA ASP C 206 -2.35 -38.27 -5.69
C ASP C 206 -1.69 -38.49 -4.34
N ASN C 207 -2.19 -37.79 -3.32
CA ASN C 207 -1.66 -37.96 -1.98
C ASN C 207 -2.00 -39.33 -1.42
N THR C 208 -3.15 -39.89 -1.80
CA THR C 208 -3.59 -41.15 -1.21
C THR C 208 -2.55 -42.25 -1.40
N ALA C 209 -2.33 -42.67 -2.65
CA ALA C 209 -1.40 -43.75 -2.90
C ALA C 209 0.03 -43.34 -2.63
N LEU C 210 0.34 -42.06 -2.81
CA LEU C 210 1.68 -41.58 -2.49
C LEU C 210 2.02 -41.84 -1.03
N ASN C 211 1.15 -41.39 -0.12
CA ASN C 211 1.39 -41.66 1.28
C ASN C 211 1.26 -43.14 1.60
N ARG C 212 0.39 -43.85 0.90
CA ARG C 212 0.28 -45.29 1.11
C ARG C 212 1.62 -45.98 0.90
N ILE C 213 2.27 -45.69 -0.23
CA ILE C 213 3.57 -46.29 -0.50
C ILE C 213 4.61 -45.74 0.47
N ALA C 214 4.52 -44.45 0.80
CA ALA C 214 5.47 -43.87 1.73
C ALA C 214 5.44 -44.57 3.08
N THR C 215 4.27 -45.02 3.52
CA THR C 215 4.18 -45.69 4.81
C THR C 215 4.43 -47.19 4.70
N ASP C 216 4.09 -47.81 3.58
CA ASP C 216 4.20 -49.26 3.46
C ASP C 216 5.56 -49.73 2.96
N ARG C 217 6.36 -48.86 2.36
CA ARG C 217 7.65 -49.29 1.84
C ARG C 217 8.82 -48.44 2.33
N LEU C 218 8.64 -47.12 2.47
CA LEU C 218 9.70 -46.30 3.02
C LEU C 218 9.89 -46.54 4.51
N HIS C 219 8.97 -47.24 5.16
CA HIS C 219 9.08 -47.58 6.58
C HIS C 219 9.24 -46.32 7.43
N ILE C 220 8.23 -45.47 7.35
CA ILE C 220 8.16 -44.24 8.14
C ILE C 220 6.71 -44.00 8.49
N GLN C 221 6.40 -44.00 9.78
CA GLN C 221 5.02 -43.89 10.25
C GLN C 221 4.61 -42.45 10.56
N ASN C 222 5.50 -41.49 10.36
CA ASN C 222 5.18 -40.07 10.57
C ASN C 222 5.63 -39.26 9.35
N PRO C 223 5.04 -39.50 8.19
CA PRO C 223 5.42 -38.75 6.99
C PRO C 223 4.71 -37.42 6.90
N SER C 224 5.45 -36.34 7.12
CA SER C 224 4.92 -35.00 6.91
C SER C 224 4.93 -34.68 5.42
N PHE C 225 4.37 -33.51 5.08
CA PHE C 225 4.44 -33.08 3.68
C PHE C 225 5.89 -33.03 3.21
N SER C 226 6.82 -32.78 4.13
CA SER C 226 8.23 -32.70 3.74
C SER C 226 8.67 -33.98 3.05
N GLN C 227 8.45 -35.13 3.68
CA GLN C 227 8.92 -36.39 3.10
C GLN C 227 8.14 -36.73 1.83
N ILE C 228 6.82 -36.53 1.84
CA ILE C 228 6.02 -36.81 0.66
C ILE C 228 6.56 -36.06 -0.54
N ASN C 229 6.59 -34.73 -0.44
CA ASN C 229 7.05 -33.95 -1.56
C ASN C 229 8.54 -34.12 -1.81
N GLN C 230 9.30 -34.58 -0.83
CA GLN C 230 10.69 -34.95 -1.09
C GLN C 230 10.76 -36.12 -2.06
N LEU C 231 9.91 -37.13 -1.83
CA LEU C 231 9.84 -38.23 -2.79
C LEU C 231 9.39 -37.73 -4.15
N VAL C 232 8.42 -36.82 -4.16
CA VAL C 232 7.94 -36.28 -5.44
C VAL C 232 9.08 -35.59 -6.18
N SER C 233 9.86 -34.78 -5.46
CA SER C 233 11.01 -34.11 -6.08
C SER C 233 12.02 -35.13 -6.55
N THR C 234 12.17 -36.24 -5.82
CA THR C 234 13.06 -37.30 -6.28
C THR C 234 12.60 -37.81 -7.62
N ILE C 235 11.30 -38.04 -7.77
CA ILE C 235 10.76 -38.49 -9.05
C ILE C 235 11.05 -37.47 -10.14
N MET C 236 10.82 -36.20 -9.83
CA MET C 236 11.09 -35.14 -10.79
C MET C 236 12.54 -35.19 -11.26
N SER C 237 13.46 -35.20 -10.30
CA SER C 237 14.88 -35.13 -10.62
C SER C 237 15.33 -36.36 -11.41
N ALA C 238 14.87 -37.54 -11.01
CA ALA C 238 15.22 -38.74 -11.76
C ALA C 238 14.62 -38.72 -13.15
N SER C 239 13.46 -38.08 -13.32
CA SER C 239 12.89 -37.92 -14.65
C SER C 239 13.79 -37.04 -15.52
N THR C 240 14.33 -35.97 -14.94
CA THR C 240 15.11 -35.03 -15.72
C THR C 240 16.59 -35.40 -15.83
N THR C 241 17.04 -36.41 -15.09
CA THR C 241 18.47 -36.71 -15.01
C THR C 241 19.14 -36.73 -16.38
N THR C 242 18.70 -37.62 -17.27
CA THR C 242 19.44 -37.83 -18.50
C THR C 242 19.52 -36.54 -19.32
N LEU C 243 18.43 -35.79 -19.36
CA LEU C 243 18.46 -34.47 -19.97
C LEU C 243 19.57 -33.64 -19.34
N ARG C 244 19.61 -33.60 -17.99
CA ARG C 244 20.68 -32.88 -17.32
C ARG C 244 22.04 -33.47 -17.65
N TYR C 245 22.14 -34.80 -17.64
CA TYR C 245 23.41 -35.48 -17.83
C TYR C 245 23.51 -35.98 -19.27
N PRO C 246 24.14 -35.21 -20.16
CA PRO C 246 24.17 -35.62 -21.57
C PRO C 246 24.83 -36.98 -21.74
N GLY C 247 24.27 -37.78 -22.65
CA GLY C 247 24.79 -39.10 -22.93
C GLY C 247 24.89 -39.36 -24.42
N TYR C 248 24.25 -40.43 -24.88
CA TYR C 248 24.16 -40.74 -26.29
C TYR C 248 22.74 -40.60 -26.83
N MET C 249 21.79 -41.29 -26.23
CA MET C 249 20.40 -41.26 -26.66
C MET C 249 19.58 -40.41 -25.71
N ASN C 250 18.37 -40.07 -26.15
CA ASN C 250 17.40 -39.34 -25.34
C ASN C 250 18.07 -38.13 -24.68
N ASN C 251 18.67 -37.29 -25.52
CA ASN C 251 19.36 -36.09 -25.07
C ASN C 251 18.51 -34.83 -25.19
N ASP C 252 17.20 -34.97 -25.01
CA ASP C 252 16.31 -33.83 -25.14
C ASP C 252 14.91 -34.22 -24.65
N LEU C 253 14.18 -33.22 -24.17
CA LEU C 253 12.83 -33.48 -23.66
C LEU C 253 11.92 -33.96 -24.78
N ILE C 254 12.06 -33.38 -25.98
CA ILE C 254 11.23 -33.80 -27.10
C ILE C 254 11.42 -35.28 -27.38
N GLY C 255 12.66 -35.77 -27.25
CA GLY C 255 12.88 -37.19 -27.40
C GLY C 255 12.06 -38.00 -26.42
N LEU C 256 12.03 -37.56 -25.16
CA LEU C 256 11.18 -38.23 -24.17
C LEU C 256 9.72 -38.22 -24.59
N ILE C 257 9.19 -37.03 -24.90
CA ILE C 257 7.76 -36.90 -25.13
C ILE C 257 7.33 -37.73 -26.34
N ALA C 258 8.08 -37.61 -27.44
CA ALA C 258 7.72 -38.35 -28.64
C ALA C 258 7.68 -39.85 -28.37
N SER C 259 8.53 -40.33 -27.47
CA SER C 259 8.59 -41.77 -27.20
C SER C 259 7.34 -42.30 -26.54
N LEU C 260 6.46 -41.42 -26.03
CA LEU C 260 5.28 -41.86 -25.30
C LEU C 260 3.98 -41.41 -25.91
N ILE C 261 3.86 -40.13 -26.27
CA ILE C 261 2.57 -39.57 -26.67
C ILE C 261 2.09 -40.23 -27.95
N PRO C 262 0.94 -40.89 -27.96
CA PRO C 262 0.45 -41.50 -29.19
C PRO C 262 -0.41 -40.55 -30.02
N THR C 263 -1.09 -39.64 -29.35
CA THR C 263 -2.04 -38.75 -30.00
C THR C 263 -2.08 -37.46 -29.20
N PRO C 264 -2.78 -36.44 -29.72
CA PRO C 264 -2.80 -35.16 -29.01
C PRO C 264 -3.34 -35.25 -27.59
N ARG C 265 -4.57 -35.73 -27.44
CA ARG C 265 -5.25 -35.68 -26.15
C ARG C 265 -4.78 -36.76 -25.18
N LEU C 266 -4.34 -37.91 -25.68
CA LEU C 266 -4.13 -39.09 -24.84
C LEU C 266 -2.71 -39.07 -24.29
N HIS C 267 -2.45 -38.14 -23.38
CA HIS C 267 -1.10 -37.83 -22.93
C HIS C 267 -1.03 -37.70 -21.40
N PHE C 268 -1.57 -38.67 -20.69
CA PHE C 268 -1.48 -38.70 -19.23
C PHE C 268 -0.58 -39.84 -18.78
N LEU C 269 0.10 -39.65 -17.65
CA LEU C 269 1.16 -40.54 -17.22
C LEU C 269 1.00 -40.94 -15.75
N MET C 270 1.74 -41.98 -15.38
CA MET C 270 1.91 -42.40 -14.00
C MET C 270 3.35 -42.84 -13.80
N THR C 271 3.84 -42.77 -12.56
CA THR C 271 5.26 -42.89 -12.28
C THR C 271 5.48 -43.79 -11.07
N GLY C 272 6.77 -44.02 -10.77
CA GLY C 272 7.17 -44.83 -9.63
C GLY C 272 8.66 -45.08 -9.61
N TYR C 273 9.25 -45.15 -8.41
CA TYR C 273 10.68 -45.39 -8.24
C TYR C 273 10.89 -46.50 -7.23
N THR C 274 11.79 -47.43 -7.54
CA THR C 274 11.96 -48.62 -6.72
C THR C 274 12.75 -48.35 -5.43
N PRO C 275 14.00 -47.88 -5.51
CA PRO C 275 14.84 -47.79 -4.31
C PRO C 275 14.63 -46.51 -3.51
N LEU C 276 13.36 -46.19 -3.24
CA LEU C 276 13.02 -44.97 -2.54
C LEU C 276 13.51 -45.02 -1.10
N THR C 288 20.61 -56.31 -5.86
CA THR C 288 19.77 -55.66 -6.86
C THR C 288 20.29 -55.92 -8.27
N THR C 289 19.37 -56.01 -9.23
CA THR C 289 19.71 -56.31 -10.60
C THR C 289 18.80 -55.52 -11.53
N VAL C 290 19.33 -55.18 -12.71
CA VAL C 290 18.55 -54.48 -13.70
C VAL C 290 17.27 -55.23 -14.04
N LEU C 291 17.28 -56.55 -13.89
CA LEU C 291 16.07 -57.34 -14.13
C LEU C 291 15.03 -57.08 -13.05
N ASP C 292 15.39 -57.36 -11.81
CA ASP C 292 14.43 -57.28 -10.71
C ASP C 292 13.90 -55.86 -10.55
N VAL C 293 14.75 -54.86 -10.76
CA VAL C 293 14.29 -53.48 -10.61
C VAL C 293 13.14 -53.20 -11.57
N MET C 294 13.37 -53.39 -12.87
CA MET C 294 12.32 -53.05 -13.82
C MET C 294 11.10 -53.95 -13.60
N ARG C 295 11.33 -55.19 -13.15
CA ARG C 295 10.22 -56.02 -12.73
C ARG C 295 9.38 -55.27 -11.70
N ARG C 296 10.03 -54.77 -10.65
CA ARG C 296 9.33 -54.07 -9.60
C ARG C 296 8.64 -52.81 -10.12
N LEU C 297 9.19 -52.20 -11.17
CA LEU C 297 8.57 -51.00 -11.72
C LEU C 297 7.22 -51.28 -12.37
N LEU C 298 6.86 -52.55 -12.55
CA LEU C 298 5.64 -52.89 -13.28
C LEU C 298 4.43 -53.05 -12.37
N GLN C 299 4.62 -53.40 -11.10
CA GLN C 299 3.49 -53.76 -10.26
C GLN C 299 2.62 -52.54 -9.98
N PRO C 300 1.30 -52.73 -9.83
CA PRO C 300 0.43 -51.60 -9.49
C PRO C 300 0.82 -50.93 -8.18
N LYS C 301 1.39 -51.68 -7.24
CA LYS C 301 1.78 -51.08 -5.97
C LYS C 301 2.79 -49.96 -6.17
N ASN C 302 3.76 -50.16 -7.05
CA ASN C 302 4.82 -49.18 -7.24
C ASN C 302 4.36 -47.96 -8.02
N VAL C 303 3.35 -48.09 -8.88
CA VAL C 303 2.79 -46.93 -9.57
C VAL C 303 2.25 -46.00 -8.49
N MET C 304 2.86 -44.82 -8.37
CA MET C 304 2.55 -43.97 -7.22
C MET C 304 1.09 -43.58 -7.19
N VAL C 305 0.50 -43.29 -8.35
CA VAL C 305 -0.91 -42.93 -8.39
C VAL C 305 -1.73 -44.10 -7.83
N SER C 306 -2.93 -43.76 -7.34
CA SER C 306 -3.84 -44.75 -6.79
C SER C 306 -4.59 -45.49 -7.91
N THR C 313 -13.32 -55.03 -20.15
CA THR C 313 -12.73 -53.88 -19.48
C THR C 313 -11.27 -54.15 -19.15
N ASN C 314 -10.61 -54.93 -20.00
CA ASN C 314 -9.22 -55.33 -19.77
C ASN C 314 -8.30 -54.16 -20.09
N HIS C 315 -8.32 -53.16 -19.20
CA HIS C 315 -7.50 -51.98 -19.40
C HIS C 315 -6.02 -52.34 -19.42
N CYS C 316 -5.28 -51.70 -20.33
CA CYS C 316 -3.90 -52.10 -20.60
C CYS C 316 -3.04 -50.84 -20.72
N TYR C 317 -1.81 -51.03 -21.19
CA TYR C 317 -0.81 -49.98 -21.24
C TYR C 317 -0.88 -49.21 -22.56
N ILE C 318 -0.04 -48.18 -22.67
CA ILE C 318 0.15 -47.47 -23.93
C ILE C 318 1.64 -47.48 -24.26
N ALA C 319 2.46 -47.00 -23.34
CA ALA C 319 3.90 -46.97 -23.55
C ALA C 319 4.60 -47.12 -22.20
N ILE C 320 5.79 -47.73 -22.23
CA ILE C 320 6.55 -48.02 -21.03
C ILE C 320 7.98 -47.53 -21.25
N LEU C 321 8.52 -46.82 -20.26
CA LEU C 321 9.87 -46.29 -20.32
C LEU C 321 10.53 -46.45 -18.96
N ASN C 322 11.82 -46.81 -18.97
CA ASN C 322 12.59 -46.93 -17.75
C ASN C 322 13.96 -46.30 -17.96
N ILE C 323 14.48 -45.73 -16.88
CA ILE C 323 15.80 -45.12 -16.86
C ILE C 323 16.59 -45.74 -15.72
N ILE C 324 17.84 -46.12 -16.01
CA ILE C 324 18.66 -46.84 -15.04
C ILE C 324 19.89 -46.00 -14.75
N GLN C 325 20.45 -46.19 -13.56
CA GLN C 325 21.56 -45.40 -13.05
C GLN C 325 22.77 -46.29 -12.79
N GLY C 326 23.95 -45.73 -13.00
CA GLY C 326 25.18 -46.46 -12.71
C GLY C 326 25.46 -47.54 -13.73
N GLU C 327 26.18 -48.56 -13.27
CA GLU C 327 26.60 -49.64 -14.15
C GLU C 327 25.39 -50.35 -14.74
N VAL C 328 25.49 -50.71 -16.02
CA VAL C 328 24.47 -51.49 -16.70
C VAL C 328 25.12 -52.24 -17.85
N ASP C 329 24.69 -53.48 -18.06
CA ASP C 329 25.18 -54.28 -19.17
C ASP C 329 24.06 -54.46 -20.19
N PRO C 330 24.20 -53.98 -21.42
CA PRO C 330 23.10 -54.15 -22.39
C PRO C 330 22.74 -55.60 -22.61
N THR C 331 23.69 -56.53 -22.44
CA THR C 331 23.35 -57.94 -22.49
C THR C 331 22.35 -58.29 -21.39
N GLN C 332 22.60 -57.81 -20.17
CA GLN C 332 21.66 -58.02 -19.09
C GLN C 332 20.30 -57.44 -19.43
N VAL C 333 20.28 -56.22 -19.97
CA VAL C 333 19.03 -55.57 -20.29
C VAL C 333 18.25 -56.39 -21.31
N HIS C 334 18.92 -56.81 -22.38
CA HIS C 334 18.25 -57.57 -23.42
C HIS C 334 17.69 -58.88 -22.87
N LYS C 335 18.53 -59.63 -22.15
CA LYS C 335 18.08 -60.92 -21.65
C LYS C 335 16.91 -60.76 -20.68
N SER C 336 17.01 -59.80 -19.76
CA SER C 336 15.95 -59.61 -18.79
C SER C 336 14.66 -59.17 -19.45
N LEU C 337 14.74 -58.21 -20.38
CA LEU C 337 13.54 -57.76 -21.06
C LEU C 337 12.90 -58.89 -21.85
N GLN C 338 13.72 -59.70 -22.52
CA GLN C 338 13.18 -60.88 -23.19
C GLN C 338 12.43 -61.77 -22.20
N ARG C 339 13.11 -62.15 -21.12
CA ARG C 339 12.51 -63.12 -20.20
C ARG C 339 11.19 -62.59 -19.65
N ILE C 340 11.14 -61.32 -19.28
CA ILE C 340 9.87 -60.75 -18.84
C ILE C 340 8.86 -60.78 -19.97
N ARG C 341 9.32 -60.62 -21.22
CA ARG C 341 8.40 -60.60 -22.34
C ARG C 341 7.68 -61.94 -22.48
N GLU C 342 8.41 -63.07 -22.37
CA GLU C 342 7.69 -64.34 -22.39
C GLU C 342 6.75 -64.46 -21.21
N ARG C 343 7.15 -63.98 -20.03
CA ARG C 343 6.27 -64.09 -18.88
C ARG C 343 5.00 -63.26 -19.04
N LYS C 344 4.94 -62.37 -20.03
CA LYS C 344 3.72 -61.66 -20.39
C LYS C 344 3.06 -61.02 -19.17
N LEU C 345 3.90 -60.49 -18.27
CA LEU C 345 3.39 -59.81 -17.10
C LEU C 345 2.69 -58.50 -17.46
N ALA C 346 2.83 -58.02 -18.69
CA ALA C 346 2.25 -56.76 -19.12
C ALA C 346 1.22 -57.01 -20.21
N ASN C 347 0.51 -55.95 -20.57
CA ASN C 347 -0.49 -55.98 -21.64
C ASN C 347 -0.28 -54.77 -22.55
N PHE C 348 -0.52 -54.98 -23.84
CA PHE C 348 -0.37 -53.92 -24.84
C PHE C 348 -1.67 -53.74 -25.62
N ILE C 349 -1.79 -52.57 -26.23
CA ILE C 349 -2.99 -52.30 -27.04
C ILE C 349 -3.05 -53.31 -28.18
N PRO C 350 -4.19 -53.94 -28.44
CA PRO C 350 -4.26 -54.89 -29.56
C PRO C 350 -3.98 -54.25 -30.90
N TRP C 351 -4.33 -52.98 -31.07
CA TRP C 351 -4.33 -52.33 -32.38
C TRP C 351 -3.02 -51.62 -32.71
N GLY C 352 -2.03 -51.64 -31.82
CA GLY C 352 -0.79 -50.96 -32.07
C GLY C 352 0.41 -51.67 -31.47
N PRO C 353 1.59 -51.49 -32.09
CA PRO C 353 2.81 -52.13 -31.57
C PRO C 353 3.23 -51.58 -30.22
N ILE C 356 8.16 -51.29 -26.21
CA ILE C 356 8.44 -50.44 -25.06
C ILE C 356 9.78 -49.75 -25.26
N GLN C 357 10.36 -49.25 -24.16
CA GLN C 357 11.64 -48.57 -24.23
C GLN C 357 12.34 -48.68 -22.88
N VAL C 358 13.66 -48.79 -22.92
CA VAL C 358 14.49 -48.87 -21.72
C VAL C 358 15.70 -47.98 -21.94
N ALA C 359 15.67 -46.78 -21.37
CA ALA C 359 16.79 -45.86 -21.48
C ALA C 359 17.77 -46.07 -20.34
N LEU C 360 18.96 -45.48 -20.49
CA LEU C 360 20.03 -45.63 -19.52
C LEU C 360 20.70 -44.28 -19.30
N SER C 361 21.28 -44.10 -18.13
CA SER C 361 21.96 -42.85 -17.80
C SER C 361 22.93 -43.11 -16.65
N ARG C 362 23.61 -42.04 -16.22
CA ARG C 362 24.65 -42.12 -15.22
C ARG C 362 24.27 -41.33 -13.98
N LYS C 363 24.78 -41.77 -12.84
CA LYS C 363 24.52 -41.13 -11.56
C LYS C 363 25.41 -39.89 -11.39
N SER C 364 24.93 -38.96 -10.57
CA SER C 364 25.73 -37.80 -10.23
C SER C 364 27.01 -38.24 -9.51
N PRO C 365 28.10 -37.48 -9.68
CA PRO C 365 29.37 -37.86 -9.03
C PRO C 365 29.44 -37.53 -7.55
N TYR C 366 28.35 -37.09 -6.94
CA TYR C 366 28.36 -36.61 -5.56
C TYR C 366 27.56 -37.49 -4.61
N LEU C 367 26.30 -37.74 -4.91
CA LEU C 367 25.46 -38.50 -4.01
C LEU C 367 26.03 -39.91 -3.83
N PRO C 368 26.01 -40.46 -2.62
CA PRO C 368 26.49 -41.84 -2.44
C PRO C 368 25.67 -42.82 -3.27
N SER C 369 26.36 -43.83 -3.80
CA SER C 369 25.71 -44.89 -4.55
C SER C 369 25.28 -46.03 -3.62
N ALA C 370 24.46 -45.67 -2.62
CA ALA C 370 23.99 -46.66 -1.67
C ALA C 370 23.26 -47.79 -2.37
N HIS C 371 22.69 -47.52 -3.54
CA HIS C 371 22.05 -48.54 -4.35
C HIS C 371 23.01 -49.06 -5.40
N ARG C 372 23.01 -50.37 -5.58
CA ARG C 372 23.84 -50.96 -6.64
C ARG C 372 23.35 -50.54 -8.01
N VAL C 373 22.05 -50.71 -8.27
CA VAL C 373 21.42 -50.23 -9.49
C VAL C 373 19.94 -49.96 -9.21
N SER C 374 19.44 -48.85 -9.72
CA SER C 374 18.09 -48.38 -9.44
C SER C 374 17.23 -48.49 -10.69
N GLY C 375 16.00 -48.00 -10.59
CA GLY C 375 15.10 -48.00 -11.72
C GLY C 375 13.87 -47.12 -11.53
N LEU C 376 13.60 -46.27 -12.52
CA LEU C 376 12.47 -45.35 -12.50
C LEU C 376 11.62 -45.58 -13.75
N MET C 377 10.30 -45.56 -13.57
CA MET C 377 9.35 -45.82 -14.64
C MET C 377 8.40 -44.64 -14.79
N MET C 378 8.10 -44.30 -16.04
CA MET C 378 7.06 -43.32 -16.38
C MET C 378 6.31 -43.88 -17.57
N ALA C 379 5.26 -44.64 -17.31
CA ALA C 379 4.45 -45.27 -18.35
C ALA C 379 3.09 -44.60 -18.44
N ASN C 380 2.35 -44.97 -19.47
CA ASN C 380 1.00 -44.48 -19.70
C ASN C 380 0.05 -45.66 -19.73
N HIS C 381 -1.04 -45.57 -18.98
CA HIS C 381 -1.98 -46.66 -18.83
C HIS C 381 -3.40 -46.16 -18.97
N THR C 382 -4.26 -46.95 -19.61
CA THR C 382 -5.65 -46.57 -19.80
C THR C 382 -6.43 -46.58 -18.50
N SER C 383 -5.93 -47.26 -17.47
CA SER C 383 -6.65 -47.33 -16.20
C SER C 383 -6.86 -45.96 -15.57
N ILE C 384 -6.06 -44.97 -15.96
CA ILE C 384 -6.20 -43.64 -15.38
C ILE C 384 -7.58 -43.06 -15.64
N SER C 385 -8.31 -43.61 -16.61
CA SER C 385 -9.67 -43.15 -16.86
C SER C 385 -10.54 -43.27 -15.62
N SER C 386 -10.20 -44.19 -14.71
CA SER C 386 -11.02 -44.39 -13.52
C SER C 386 -11.05 -43.14 -12.65
N LEU C 387 -9.91 -42.47 -12.50
CA LEU C 387 -9.88 -41.25 -11.69
C LEU C 387 -10.81 -40.20 -12.28
N PHE C 388 -10.76 -40.02 -13.60
CA PHE C 388 -11.65 -39.07 -14.26
C PHE C 388 -13.10 -39.48 -14.08
N GLU C 389 -13.38 -40.78 -14.15
CA GLU C 389 -14.75 -41.24 -13.96
C GLU C 389 -15.24 -40.88 -12.57
N ARG C 390 -14.41 -41.10 -11.55
CA ARG C 390 -14.78 -40.74 -10.20
C ARG C 390 -15.07 -39.24 -10.09
N THR C 391 -14.15 -38.43 -10.61
CA THR C 391 -14.31 -36.98 -10.48
C THR C 391 -15.55 -36.49 -11.21
N CYS C 392 -15.81 -37.02 -12.41
CA CYS C 392 -17.00 -36.62 -13.15
C CYS C 392 -18.27 -37.04 -12.41
N ARG C 393 -18.27 -38.24 -11.83
CA ARG C 393 -19.43 -38.64 -11.04
C ARG C 393 -19.66 -37.69 -9.89
N GLN C 394 -18.59 -37.29 -9.20
CA GLN C 394 -18.75 -36.33 -8.11
C GLN C 394 -19.29 -35.01 -8.61
N TYR C 395 -18.77 -34.50 -9.72
CA TYR C 395 -19.24 -33.21 -10.21
C TYR C 395 -20.71 -33.28 -10.57
N ASP C 396 -21.13 -34.35 -11.24
CA ASP C 396 -22.55 -34.49 -11.56
C ASP C 396 -23.38 -34.59 -10.29
N LYS C 397 -22.87 -35.33 -9.30
CA LYS C 397 -23.54 -35.43 -8.01
C LYS C 397 -23.82 -34.04 -7.44
N LEU C 398 -22.81 -33.18 -7.43
CA LEU C 398 -23.00 -31.83 -6.90
C LEU C 398 -23.94 -31.02 -7.78
N ARG C 399 -23.71 -31.02 -9.09
CA ARG C 399 -24.50 -30.18 -9.98
C ARG C 399 -25.98 -30.54 -9.93
N LYS C 400 -26.30 -31.80 -9.64
CA LYS C 400 -27.70 -32.17 -9.55
C LYS C 400 -28.43 -31.45 -8.43
N ARG C 401 -27.69 -30.90 -7.46
CA ARG C 401 -28.28 -30.16 -6.35
C ARG C 401 -27.70 -28.77 -6.16
N GLU C 402 -26.76 -28.35 -6.99
CA GLU C 402 -26.25 -26.97 -6.98
C GLU C 402 -25.70 -26.60 -5.61
N ALA C 403 -24.63 -27.30 -5.24
CA ALA C 403 -23.98 -27.12 -3.95
C ALA C 403 -22.80 -26.18 -4.07
N PHE C 404 -22.71 -25.22 -3.15
CA PHE C 404 -21.56 -24.34 -3.03
C PHE C 404 -21.28 -23.58 -4.32
N LEU C 405 -22.33 -23.15 -5.01
CA LEU C 405 -22.20 -22.28 -6.17
C LEU C 405 -22.35 -20.81 -5.82
N GLU C 406 -22.66 -20.48 -4.56
CA GLU C 406 -22.95 -19.10 -4.21
C GLU C 406 -21.77 -18.19 -4.49
N GLN C 407 -20.56 -18.63 -4.13
CA GLN C 407 -19.39 -17.76 -4.29
C GLN C 407 -18.97 -17.67 -5.75
N PHE C 408 -19.04 -18.79 -6.46
CA PHE C 408 -18.64 -18.79 -7.87
C PHE C 408 -19.36 -17.70 -8.63
N ARG C 409 -20.65 -17.52 -8.39
CA ARG C 409 -21.39 -16.47 -9.07
C ARG C 409 -20.82 -15.09 -8.76
N LYS C 410 -20.08 -14.95 -7.67
CA LYS C 410 -19.51 -13.64 -7.32
C LYS C 410 -18.55 -13.18 -8.39
N GLU C 411 -17.70 -14.07 -8.91
CA GLU C 411 -16.73 -13.67 -9.90
C GLU C 411 -17.40 -13.32 -11.23
N ASP C 412 -16.72 -12.49 -12.01
CA ASP C 412 -17.25 -12.11 -13.31
C ASP C 412 -17.42 -13.32 -14.22
N MET C 413 -16.43 -14.22 -14.21
CA MET C 413 -16.45 -15.35 -15.14
C MET C 413 -17.75 -16.14 -15.03
N PHE C 414 -18.19 -16.41 -13.80
CA PHE C 414 -19.44 -17.13 -13.56
C PHE C 414 -20.54 -16.18 -13.10
N LYS C 415 -20.45 -14.91 -13.47
CA LYS C 415 -21.46 -13.93 -13.06
C LYS C 415 -22.78 -14.21 -13.74
N ASP C 416 -22.76 -14.43 -15.06
CA ASP C 416 -24.00 -14.67 -15.78
C ASP C 416 -24.44 -16.12 -15.68
N ASN C 417 -23.61 -17.04 -16.19
CA ASN C 417 -23.97 -18.45 -16.27
C ASN C 417 -22.76 -19.29 -15.90
N PHE C 418 -22.91 -20.60 -16.05
CA PHE C 418 -21.86 -21.58 -15.73
C PHE C 418 -21.55 -22.47 -16.93
N ASP C 419 -21.75 -21.94 -18.14
CA ASP C 419 -21.53 -22.74 -19.34
C ASP C 419 -20.13 -23.32 -19.37
N GLU C 420 -19.16 -22.62 -18.80
CA GLU C 420 -17.80 -23.16 -18.75
C GLU C 420 -17.78 -24.52 -18.08
N MET C 421 -18.53 -24.68 -16.99
CA MET C 421 -18.58 -25.95 -16.29
C MET C 421 -19.13 -27.05 -17.20
N ASP C 422 -20.23 -26.77 -17.89
CA ASP C 422 -20.82 -27.78 -18.75
C ASP C 422 -19.88 -28.17 -19.88
N THR C 423 -19.24 -27.17 -20.50
CA THR C 423 -18.29 -27.45 -21.57
C THR C 423 -17.14 -28.31 -21.06
N SER C 424 -16.62 -28.00 -19.88
CA SER C 424 -15.51 -28.78 -19.34
C SER C 424 -15.94 -30.21 -19.04
N ARG C 425 -17.12 -30.37 -18.46
CA ARG C 425 -17.60 -31.71 -18.16
C ARG C 425 -17.75 -32.53 -19.44
N GLU C 426 -18.33 -31.93 -20.47
CA GLU C 426 -18.48 -32.65 -21.74
C GLU C 426 -17.12 -32.95 -22.35
N ILE C 427 -16.15 -32.05 -22.21
CA ILE C 427 -14.81 -32.30 -22.73
C ILE C 427 -14.19 -33.50 -22.04
N VAL C 428 -14.31 -33.56 -20.72
CA VAL C 428 -13.76 -34.69 -19.98
C VAL C 428 -14.47 -35.98 -20.38
N GLN C 429 -15.77 -35.90 -20.61
CA GLN C 429 -16.51 -37.08 -21.06
C GLN C 429 -16.00 -37.54 -22.43
N GLN C 430 -15.75 -36.60 -23.33
CA GLN C 430 -15.20 -36.97 -24.63
C GLN C 430 -13.83 -37.61 -24.48
N LEU C 431 -13.01 -37.07 -23.59
CA LEU C 431 -11.68 -37.65 -23.37
C LEU C 431 -11.79 -39.07 -22.84
N ILE C 432 -12.72 -39.31 -21.92
CA ILE C 432 -12.91 -40.64 -21.38
C ILE C 432 -13.37 -41.59 -22.48
N ASP C 433 -14.29 -41.13 -23.33
CA ASP C 433 -14.73 -41.94 -24.45
C ASP C 433 -13.56 -42.28 -25.36
N GLU C 434 -12.68 -41.31 -25.61
CA GLU C 434 -11.52 -41.55 -26.45
C GLU C 434 -10.59 -42.59 -25.82
N TYR C 435 -10.35 -42.48 -24.52
CA TYR C 435 -9.55 -43.49 -23.83
C TYR C 435 -10.17 -44.88 -23.98
N HIS C 436 -11.47 -44.99 -23.74
CA HIS C 436 -12.12 -46.28 -23.82
C HIS C 436 -12.05 -46.84 -25.24
N ALA C 437 -12.21 -45.98 -26.23
CA ALA C 437 -12.05 -46.42 -27.62
C ALA C 437 -10.64 -46.90 -27.87
N ALA C 438 -9.64 -46.19 -27.36
CA ALA C 438 -8.25 -46.60 -27.49
C ALA C 438 -7.96 -47.91 -26.78
N THR C 439 -8.75 -48.27 -25.76
CA THR C 439 -8.61 -49.57 -25.12
C THR C 439 -9.04 -50.72 -26.02
N ARG C 440 -9.71 -50.41 -27.13
CA ARG C 440 -10.20 -51.41 -28.06
C ARG C 440 -9.72 -51.11 -29.48
N PRO C 441 -9.58 -52.14 -30.32
CA PRO C 441 -9.11 -51.92 -31.69
C PRO C 441 -10.23 -51.45 -32.63
N GLU D 4 34.72 22.32 -22.85
CA GLU D 4 34.27 22.87 -21.58
C GLU D 4 32.75 22.97 -21.54
N ILE D 5 32.21 23.21 -20.35
CA ILE D 5 30.76 23.24 -20.15
C ILE D 5 30.49 23.88 -18.79
N ILE D 6 29.34 24.52 -18.66
CA ILE D 6 28.93 25.15 -17.41
C ILE D 6 27.57 24.61 -17.03
N THR D 7 27.25 24.77 -15.74
CA THR D 7 25.97 24.34 -15.19
C THR D 7 25.24 25.54 -14.60
N LEU D 8 23.96 25.65 -14.91
CA LEU D 8 23.09 26.67 -14.35
C LEU D 8 22.06 25.99 -13.46
N GLN D 9 21.98 26.42 -12.21
CA GLN D 9 21.21 25.72 -11.19
C GLN D 9 20.23 26.70 -10.57
N LEU D 10 18.93 26.48 -10.82
CA LEU D 10 17.89 27.42 -10.45
C LEU D 10 16.88 26.76 -9.53
N GLY D 11 16.28 27.58 -8.66
CA GLY D 11 15.30 27.07 -7.71
C GLY D 11 15.93 26.14 -6.71
N GLN D 12 15.25 25.91 -5.58
CA GLN D 12 15.80 25.01 -4.58
C GLN D 12 15.96 23.60 -5.15
N CYS D 13 15.02 23.19 -6.01
CA CYS D 13 15.14 21.88 -6.64
C CYS D 13 16.40 21.81 -7.49
N GLY D 14 16.64 22.84 -8.30
CA GLY D 14 17.86 22.85 -9.09
C GLY D 14 19.10 22.84 -8.22
N ASN D 15 19.08 23.61 -7.12
CA ASN D 15 20.24 23.64 -6.24
C ASN D 15 20.52 22.28 -5.64
N GLN D 16 19.49 21.61 -5.15
CA GLN D 16 19.67 20.29 -4.55
C GLN D 16 20.14 19.27 -5.59
N ILE D 17 19.51 19.29 -6.77
CA ILE D 17 19.91 18.38 -7.83
C ILE D 17 21.37 18.61 -8.20
N GLY D 18 21.77 19.87 -8.31
CA GLY D 18 23.15 20.17 -8.64
C GLY D 18 24.12 19.77 -7.56
N PHE D 19 23.73 19.96 -6.29
CA PHE D 19 24.56 19.51 -5.20
C PHE D 19 24.78 18.01 -5.28
N GLU D 20 23.70 17.26 -5.51
CA GLU D 20 23.83 15.82 -5.65
C GLU D 20 24.69 15.47 -6.87
N PHE D 21 24.53 16.23 -7.95
CA PHE D 21 25.29 15.98 -9.16
C PHE D 21 26.78 16.15 -8.91
N TRP D 22 27.16 17.24 -8.25
CA TRP D 22 28.57 17.45 -7.94
C TRP D 22 29.07 16.41 -6.96
N LYS D 23 28.23 16.00 -6.01
CA LYS D 23 28.61 14.92 -5.11
C LYS D 23 28.97 13.67 -5.89
N GLN D 24 28.07 13.25 -6.78
CA GLN D 24 28.31 12.03 -7.56
C GLN D 24 29.54 12.18 -8.43
N LEU D 25 29.72 13.36 -9.03
CA LEU D 25 30.88 13.58 -9.90
C LEU D 25 32.19 13.48 -9.12
N CYS D 26 32.29 14.22 -8.01
CA CYS D 26 33.51 14.20 -7.23
C CYS D 26 33.78 12.80 -6.70
N ALA D 27 32.74 12.05 -6.37
CA ALA D 27 32.95 10.65 -6.02
C ALA D 27 33.52 9.87 -7.20
N GLU D 28 33.01 10.13 -8.41
CA GLU D 28 33.47 9.40 -9.59
C GLU D 28 34.94 9.66 -9.87
N HIS D 29 35.35 10.92 -9.77
CA HIS D 29 36.72 11.32 -10.09
C HIS D 29 37.65 11.27 -8.88
N GLY D 30 37.16 10.81 -7.74
CA GLY D 30 38.00 10.70 -6.56
C GLY D 30 38.49 12.05 -6.07
N ILE D 31 37.58 13.03 -6.00
CA ILE D 31 37.90 14.37 -5.54
C ILE D 31 37.42 14.51 -4.11
N SER D 32 38.27 15.07 -3.25
CA SER D 32 37.89 15.23 -1.86
C SER D 32 36.71 16.20 -1.74
N PRO D 33 35.83 16.00 -0.76
CA PRO D 33 34.68 16.92 -0.62
C PRO D 33 35.08 18.38 -0.55
N GLU D 34 36.20 18.70 0.10
CA GLU D 34 36.63 20.09 0.15
C GLU D 34 36.89 20.64 -1.24
N GLY D 35 37.34 19.80 -2.17
CA GLY D 35 37.72 20.24 -3.48
C GLY D 35 39.18 20.00 -3.79
N ILE D 36 39.74 18.93 -3.22
CA ILE D 36 41.13 18.56 -3.40
C ILE D 36 41.19 17.14 -3.94
N VAL D 37 42.06 16.92 -4.94
CA VAL D 37 42.19 15.60 -5.52
C VAL D 37 42.85 14.66 -4.53
N GLU D 38 42.46 13.39 -4.58
CA GLU D 38 43.03 12.39 -3.70
C GLU D 38 44.43 12.00 -4.18
N GLU D 39 45.25 11.52 -3.25
CA GLU D 39 46.62 11.13 -3.56
C GLU D 39 46.69 10.24 -4.80
N PHE D 40 46.06 9.06 -4.73
CA PHE D 40 46.25 8.07 -5.79
C PHE D 40 45.76 8.59 -7.14
N ALA D 41 44.81 9.50 -7.14
CA ALA D 41 44.19 9.96 -8.38
C ALA D 41 45.10 10.85 -9.22
N THR D 42 46.37 11.02 -8.85
CA THR D 42 47.25 11.91 -9.59
C THR D 42 47.41 11.48 -11.05
N GLU D 43 47.18 10.20 -11.36
CA GLU D 43 47.35 9.68 -12.71
C GLU D 43 46.05 9.63 -13.49
N GLY D 44 44.96 10.15 -12.93
CA GLY D 44 43.66 10.08 -13.57
C GLY D 44 43.68 10.47 -15.04
N THR D 45 43.39 9.50 -15.91
CA THR D 45 43.41 9.76 -17.34
C THR D 45 42.17 10.52 -17.80
N ASP D 46 41.03 10.30 -17.14
CA ASP D 46 39.79 10.95 -17.56
C ASP D 46 39.94 12.47 -17.46
N ARG D 47 39.34 13.16 -18.42
CA ARG D 47 39.47 14.62 -18.53
C ARG D 47 38.64 15.29 -17.44
N LYS D 48 39.28 15.67 -16.35
CA LYS D 48 38.61 16.45 -15.32
C LYS D 48 38.42 17.91 -15.72
N ASP D 49 39.13 18.37 -16.76
CA ASP D 49 38.98 19.74 -17.20
C ASP D 49 37.59 20.01 -17.77
N VAL D 50 36.82 18.98 -18.08
CA VAL D 50 35.52 19.19 -18.70
C VAL D 50 34.61 20.00 -17.80
N PHE D 51 34.58 19.69 -16.50
CA PHE D 51 33.80 20.46 -15.54
C PHE D 51 34.69 21.26 -14.60
N PHE D 52 35.62 20.60 -13.93
CA PHE D 52 36.46 21.27 -12.93
C PHE D 52 37.59 22.00 -13.62
N TYR D 53 38.43 22.66 -12.81
CA TYR D 53 39.60 23.34 -13.34
C TYR D 53 40.46 23.79 -12.17
N GLN D 54 41.77 23.80 -12.40
CA GLN D 54 42.71 24.09 -11.32
C GLN D 54 42.54 25.53 -10.86
N ALA D 55 42.50 25.72 -9.54
CA ALA D 55 42.48 27.04 -8.94
C ALA D 55 43.91 27.51 -8.66
N ASP D 56 44.03 28.81 -8.37
CA ASP D 56 45.36 29.38 -8.14
C ASP D 56 46.05 28.74 -6.94
N ASP D 57 45.31 28.06 -6.07
CA ASP D 57 45.87 27.39 -4.91
C ASP D 57 46.07 25.90 -5.14
N GLU D 58 45.96 25.43 -6.38
CA GLU D 58 46.08 24.03 -6.78
C GLU D 58 44.82 23.23 -6.50
N HIS D 59 43.76 23.85 -6.00
CA HIS D 59 42.50 23.14 -5.82
C HIS D 59 41.81 22.97 -7.17
N TYR D 60 40.61 22.39 -7.13
CA TYR D 60 39.79 22.24 -8.33
C TYR D 60 38.34 22.47 -7.94
N ILE D 61 37.63 23.26 -8.76
CA ILE D 61 36.29 23.72 -8.42
C ILE D 61 35.33 23.47 -9.57
N PRO D 62 34.07 23.16 -9.30
CA PRO D 62 33.12 22.97 -10.40
C PRO D 62 32.78 24.27 -11.10
N ARG D 63 32.56 24.17 -12.40
CA ARG D 63 32.10 25.31 -13.20
C ARG D 63 30.59 25.50 -12.99
N ALA D 64 30.24 25.73 -11.72
CA ALA D 64 28.85 25.76 -11.29
C ALA D 64 28.33 27.19 -11.18
N VAL D 65 27.01 27.30 -11.13
CA VAL D 65 26.33 28.57 -10.93
C VAL D 65 25.03 28.33 -10.17
N LEU D 66 24.90 28.97 -9.00
CA LEU D 66 23.73 28.83 -8.17
C LEU D 66 22.96 30.15 -8.16
N LEU D 67 21.65 30.07 -8.37
CA LEU D 67 20.80 31.25 -8.38
C LEU D 67 19.52 30.95 -7.63
N ASP D 68 19.04 31.93 -6.87
CA ASP D 68 17.85 31.74 -6.05
C ASP D 68 17.47 33.07 -5.42
N LEU D 69 16.19 33.19 -5.09
CA LEU D 69 15.67 34.33 -4.35
C LEU D 69 15.52 34.05 -2.87
N GLU D 70 16.04 32.92 -2.40
CA GLU D 70 15.90 32.51 -1.02
C GLU D 70 17.24 31.95 -0.53
N PRO D 71 17.85 32.56 0.49
CA PRO D 71 19.15 32.07 0.96
C PRO D 71 19.09 30.74 1.67
N ARG D 72 17.92 30.14 1.81
CA ARG D 72 17.72 28.99 2.68
C ARG D 72 18.59 27.80 2.26
N VAL D 73 18.30 27.23 1.09
CA VAL D 73 19.00 26.03 0.65
C VAL D 73 20.45 26.34 0.36
N ILE D 74 20.74 27.52 -0.16
CA ILE D 74 22.13 27.85 -0.48
C ILE D 74 22.97 27.91 0.78
N HIS D 75 22.44 28.54 1.83
CA HIS D 75 23.14 28.54 3.11
C HIS D 75 23.27 27.13 3.66
N SER D 76 22.21 26.33 3.55
CA SER D 76 22.28 24.95 3.99
C SER D 76 23.46 24.24 3.33
N ILE D 77 23.58 24.38 2.01
CA ILE D 77 24.69 23.76 1.29
C ILE D 77 26.01 24.35 1.79
N LEU D 78 26.07 25.66 1.96
CA LEU D 78 27.29 26.31 2.42
C LEU D 78 27.74 25.81 3.78
N ASN D 79 26.81 25.27 4.57
CA ASN D 79 27.16 24.58 5.81
C ASN D 79 27.36 23.09 5.60
N SER D 80 27.13 22.59 4.39
CA SER D 80 27.33 21.19 4.10
C SER D 80 28.82 20.86 4.03
N PRO D 81 29.17 19.58 4.14
CA PRO D 81 30.60 19.21 4.05
C PRO D 81 31.23 19.60 2.73
N TYR D 82 30.44 19.79 1.68
CA TYR D 82 30.97 20.06 0.35
C TYR D 82 30.87 21.53 -0.04
N ALA D 83 30.66 22.42 0.93
CA ALA D 83 30.56 23.84 0.61
C ALA D 83 31.86 24.35 -0.02
N LYS D 84 32.99 23.96 0.53
CA LYS D 84 34.28 24.40 -0.01
C LYS D 84 34.48 23.94 -1.44
N LEU D 85 33.72 22.94 -1.89
CA LEU D 85 33.82 22.50 -3.28
C LEU D 85 33.49 23.63 -4.23
N TYR D 86 32.48 24.42 -3.91
CA TYR D 86 32.07 25.52 -4.78
C TYR D 86 33.00 26.71 -4.61
N ASN D 87 32.97 27.60 -5.60
CA ASN D 87 33.61 28.89 -5.48
C ASN D 87 32.62 29.90 -4.93
N PRO D 88 32.91 30.58 -3.83
CA PRO D 88 31.94 31.56 -3.32
C PRO D 88 31.58 32.61 -4.35
N GLU D 89 32.53 33.03 -5.18
CA GLU D 89 32.25 34.06 -6.18
C GLU D 89 31.28 33.57 -7.24
N ASN D 90 31.08 32.26 -7.37
CA ASN D 90 30.17 31.70 -8.35
C ASN D 90 28.79 31.42 -7.75
N ILE D 91 28.39 32.21 -6.75
CA ILE D 91 27.13 31.99 -6.04
C ILE D 91 26.44 33.34 -5.87
N TYR D 92 25.15 33.38 -6.14
CA TYR D 92 24.37 34.60 -6.01
C TYR D 92 23.12 34.34 -5.17
N LEU D 93 22.74 35.36 -4.40
CA LEU D 93 21.51 35.33 -3.61
C LEU D 93 20.81 36.66 -3.77
N SER D 94 19.48 36.63 -3.64
CA SER D 94 18.71 37.86 -3.71
C SER D 94 18.94 38.70 -2.46
N GLU D 95 18.71 40.01 -2.60
CA GLU D 95 18.93 40.90 -1.47
C GLU D 95 17.95 40.61 -0.33
N HIS D 96 16.69 40.34 -0.65
CA HIS D 96 15.67 40.15 0.37
C HIS D 96 15.85 38.79 1.06
N ASN D 102 5.01 32.18 -5.45
CA ASN D 102 5.61 31.59 -6.64
C ASN D 102 4.84 31.99 -7.89
N ASN D 103 5.51 32.67 -8.82
CA ASN D 103 4.88 33.13 -10.04
C ASN D 103 5.94 33.24 -11.12
N TRP D 104 5.56 32.86 -12.34
CA TRP D 104 6.46 33.01 -13.48
C TRP D 104 6.78 34.47 -13.72
N ALA D 105 5.77 35.34 -13.61
CA ALA D 105 6.00 36.76 -13.87
C ALA D 105 7.01 37.34 -12.89
N SER D 106 6.92 36.96 -11.62
CA SER D 106 7.88 37.45 -10.64
C SER D 106 9.29 37.01 -11.01
N GLY D 107 9.46 35.74 -11.40
CA GLY D 107 10.78 35.29 -11.81
C GLY D 107 11.31 36.04 -13.01
N PHE D 108 10.44 36.30 -13.98
CA PHE D 108 10.82 37.11 -15.13
C PHE D 108 11.29 38.49 -14.69
N SER D 109 10.54 39.10 -13.75
CA SER D 109 10.90 40.43 -13.26
C SER D 109 12.28 40.41 -12.61
N GLN D 110 12.51 39.46 -11.70
CA GLN D 110 13.81 39.40 -11.05
C GLN D 110 14.92 39.16 -12.05
N GLY D 111 14.70 38.26 -13.01
CA GLY D 111 15.71 38.05 -14.04
C GLY D 111 16.04 39.33 -14.78
N GLU D 112 15.01 40.12 -15.10
CA GLU D 112 15.27 41.43 -15.70
C GLU D 112 16.07 42.32 -14.76
N LYS D 113 15.82 42.21 -13.46
CA LYS D 113 16.39 43.15 -12.50
C LYS D 113 17.83 42.82 -12.10
N ILE D 114 18.35 41.64 -12.46
CA ILE D 114 19.66 41.23 -11.99
C ILE D 114 20.52 40.72 -13.15
N HIS D 115 20.07 40.96 -14.37
CA HIS D 115 20.80 40.55 -15.57
C HIS D 115 22.30 40.81 -15.44
N GLU D 116 22.65 41.95 -14.86
CA GLU D 116 24.03 42.41 -14.86
C GLU D 116 24.94 41.38 -14.19
N ASP D 117 24.76 41.16 -12.89
CA ASP D 117 25.64 40.27 -12.15
C ASP D 117 25.57 38.85 -12.70
N ILE D 118 24.38 38.42 -13.13
CA ILE D 118 24.22 37.07 -13.62
C ILE D 118 25.13 36.84 -14.83
N PHE D 119 25.06 37.73 -15.81
CA PHE D 119 25.95 37.59 -16.96
C PHE D 119 27.40 37.87 -16.59
N ASP D 120 27.64 38.71 -15.58
CA ASP D 120 29.01 38.90 -15.12
C ASP D 120 29.63 37.57 -14.72
N ILE D 121 28.95 36.82 -13.86
CA ILE D 121 29.46 35.53 -13.44
C ILE D 121 29.54 34.58 -14.64
N ILE D 122 28.51 34.58 -15.48
CA ILE D 122 28.46 33.63 -16.59
C ILE D 122 29.65 33.83 -17.50
N ASP D 123 29.89 35.06 -17.95
CA ASP D 123 30.97 35.28 -18.90
C ASP D 123 32.33 35.23 -18.22
N ARG D 124 32.39 35.54 -16.92
CA ARG D 124 33.63 35.33 -16.19
C ARG D 124 34.03 33.87 -16.22
N GLU D 125 33.05 32.97 -16.06
CA GLU D 125 33.36 31.54 -16.14
C GLU D 125 33.59 31.10 -17.58
N ALA D 126 32.93 31.75 -18.54
CA ALA D 126 33.02 31.31 -19.93
C ALA D 126 34.36 31.69 -20.56
N ASP D 127 34.84 32.91 -20.31
CA ASP D 127 36.02 33.39 -21.01
C ASP D 127 37.23 32.50 -20.75
N GLY D 128 37.42 32.09 -19.50
CA GLY D 128 38.53 31.20 -19.20
C GLY D 128 38.43 29.88 -19.96
N SER D 129 37.23 29.32 -20.04
CA SER D 129 37.00 28.11 -20.81
C SER D 129 37.39 28.33 -22.26
N ASP D 130 38.45 27.67 -22.71
CA ASP D 130 38.96 27.93 -24.06
C ASP D 130 37.97 27.48 -25.12
N SER D 131 37.49 26.25 -25.02
CA SER D 131 36.61 25.65 -26.02
C SER D 131 35.31 25.22 -25.33
N LEU D 132 34.37 26.15 -25.21
CA LEU D 132 33.07 25.82 -24.64
C LEU D 132 32.29 24.93 -25.60
N GLU D 133 31.37 24.14 -25.03
CA GLU D 133 30.56 23.21 -25.81
C GLU D 133 29.06 23.44 -25.66
N GLY D 134 28.60 24.06 -24.59
CA GLY D 134 27.19 24.31 -24.42
C GLY D 134 26.88 24.71 -22.98
N PHE D 135 25.58 24.69 -22.68
CA PHE D 135 25.08 24.98 -21.35
C PHE D 135 24.10 23.89 -20.92
N VAL D 136 24.17 23.48 -19.66
CA VAL D 136 23.21 22.58 -19.06
C VAL D 136 22.53 23.32 -17.93
N LEU D 137 21.20 23.30 -17.93
CA LEU D 137 20.39 24.11 -17.01
C LEU D 137 19.40 23.20 -16.30
N CYS D 138 19.82 22.63 -15.17
CA CYS D 138 18.92 21.80 -14.39
C CYS D 138 18.05 22.68 -13.51
N HIS D 139 16.75 22.39 -13.52
CA HIS D 139 15.79 23.19 -12.75
C HIS D 139 14.45 22.47 -12.77
N SER D 140 13.45 23.10 -12.17
CA SER D 140 12.08 22.60 -12.15
C SER D 140 11.17 23.62 -12.81
N ILE D 141 10.16 23.14 -13.52
CA ILE D 141 9.28 24.02 -14.30
C ILE D 141 8.02 24.34 -13.51
N ALA D 142 8.05 24.10 -12.20
CA ALA D 142 6.91 24.34 -11.33
C ALA D 142 7.12 25.51 -10.40
N GLY D 143 8.26 25.59 -9.73
CA GLY D 143 8.55 26.70 -8.86
C GLY D 143 8.52 28.02 -9.60
N GLY D 144 7.84 29.02 -9.02
CA GLY D 144 7.78 30.32 -9.66
C GLY D 144 9.16 30.90 -9.91
N THR D 145 10.07 30.74 -8.94
CA THR D 145 11.45 31.18 -9.13
C THR D 145 12.06 30.54 -10.37
N GLY D 146 12.17 29.20 -10.34
CA GLY D 146 12.82 28.51 -11.44
C GLY D 146 12.18 28.83 -12.77
N SER D 147 10.85 28.78 -12.82
CA SER D 147 10.15 28.99 -14.09
C SER D 147 10.55 30.32 -14.74
N GLY D 148 10.21 31.43 -14.07
CA GLY D 148 10.45 32.74 -14.67
C GLY D 148 11.92 33.03 -14.87
N LEU D 149 12.73 32.76 -13.85
CA LEU D 149 14.14 33.12 -13.96
C LEU D 149 14.83 32.30 -15.06
N GLY D 150 14.57 30.99 -15.11
CA GLY D 150 15.15 30.19 -16.16
C GLY D 150 14.67 30.60 -17.54
N SER D 151 13.38 30.94 -17.66
CA SER D 151 12.90 31.45 -18.94
C SER D 151 13.70 32.67 -19.36
N TYR D 152 13.83 33.64 -18.46
CA TYR D 152 14.53 34.88 -18.81
C TYR D 152 15.98 34.60 -19.17
N LEU D 153 16.65 33.75 -18.40
CA LEU D 153 18.06 33.49 -18.64
C LEU D 153 18.28 32.72 -19.93
N LEU D 154 17.42 31.74 -20.21
CA LEU D 154 17.52 31.04 -21.49
C LEU D 154 17.36 32.02 -22.64
N GLU D 155 16.35 32.88 -22.56
CA GLU D 155 16.13 33.85 -23.62
C GLU D 155 17.35 34.74 -23.81
N ARG D 156 17.89 35.26 -22.71
CA ARG D 156 19.00 36.20 -22.83
C ARG D 156 20.26 35.50 -23.34
N LEU D 157 20.55 34.28 -22.86
CA LEU D 157 21.70 33.55 -23.35
C LEU D 157 21.55 33.25 -24.84
N ASN D 158 20.35 32.87 -25.27
CA ASN D 158 20.11 32.69 -26.69
C ASN D 158 20.42 33.98 -27.45
N ASP D 159 19.99 35.12 -26.91
CA ASP D 159 20.28 36.40 -27.56
C ASP D 159 21.79 36.64 -27.65
N ARG D 160 22.52 36.31 -26.59
CA ARG D 160 23.93 36.66 -26.52
C ARG D 160 24.85 35.61 -27.11
N TYR D 161 24.48 34.33 -27.04
CA TYR D 161 25.36 33.23 -27.43
C TYR D 161 24.63 32.37 -28.45
N PRO D 162 24.50 32.86 -29.68
CA PRO D 162 23.75 32.10 -30.70
C PRO D 162 24.45 30.83 -31.15
N LYS D 163 25.76 30.72 -30.97
CA LYS D 163 26.52 29.58 -31.44
C LYS D 163 26.72 28.52 -30.37
N LYS D 164 26.03 28.63 -29.25
CA LYS D 164 26.25 27.75 -28.11
C LYS D 164 25.01 26.92 -27.83
N LEU D 165 25.23 25.66 -27.47
CA LEU D 165 24.15 24.77 -27.10
C LEU D 165 23.60 25.13 -25.73
N VAL D 166 22.38 24.67 -25.47
CA VAL D 166 21.80 24.76 -24.14
C VAL D 166 21.08 23.45 -23.85
N GLN D 167 21.29 22.92 -22.66
CA GLN D 167 20.67 21.68 -22.20
C GLN D 167 19.90 21.96 -20.93
N THR D 168 18.72 21.35 -20.81
CA THR D 168 17.87 21.56 -19.67
C THR D 168 17.37 20.23 -19.13
N TYR D 169 17.19 20.17 -17.82
CA TYR D 169 16.65 19.01 -17.13
C TYR D 169 15.42 19.49 -16.37
N SER D 170 14.29 19.54 -17.05
CA SER D 170 13.06 20.01 -16.44
C SER D 170 12.49 18.96 -15.50
N VAL D 171 11.73 19.43 -14.52
CA VAL D 171 11.04 18.56 -13.56
C VAL D 171 9.56 18.90 -13.67
N PHE D 172 8.84 18.15 -14.49
CA PHE D 172 7.44 18.44 -14.71
C PHE D 172 6.65 18.20 -13.43
N PRO D 173 5.55 18.92 -13.24
CA PRO D 173 4.69 18.65 -12.08
C PRO D 173 4.01 17.30 -12.20
N ASN D 174 3.75 16.70 -11.05
CA ASN D 174 3.18 15.36 -11.01
C ASN D 174 1.78 15.35 -11.63
N GLN D 175 1.53 14.36 -12.49
CA GLN D 175 0.18 14.17 -13.02
C GLN D 175 -0.59 13.13 -12.20
N ASP D 176 0.12 12.20 -11.55
CA ASP D 176 -0.54 11.23 -10.69
C ASP D 176 -1.47 11.93 -9.70
N GLU D 177 -1.02 13.03 -9.12
CA GLU D 177 -1.76 13.72 -8.08
C GLU D 177 -1.99 15.17 -8.48
N MET D 178 -2.99 15.76 -7.83
CA MET D 178 -3.18 17.20 -7.86
C MET D 178 -1.83 17.89 -7.77
N SER D 179 -1.60 18.85 -8.67
CA SER D 179 -0.28 19.44 -8.79
C SER D 179 0.17 20.04 -7.47
N ASP D 180 1.46 19.90 -7.17
CA ASP D 180 1.98 20.34 -5.89
C ASP D 180 1.91 21.86 -5.73
N VAL D 181 1.73 22.60 -6.81
CA VAL D 181 1.62 24.05 -6.76
C VAL D 181 0.33 24.46 -7.45
N VAL D 182 -0.44 25.33 -6.80
CA VAL D 182 -1.80 25.62 -7.27
C VAL D 182 -1.77 26.23 -8.66
N VAL D 183 -0.94 27.25 -8.86
CA VAL D 183 -0.91 27.96 -10.13
C VAL D 183 0.17 27.37 -11.02
N GLN D 184 0.59 26.15 -10.70
CA GLN D 184 1.57 25.47 -11.53
C GLN D 184 1.20 25.44 -13.01
N PRO D 185 -0.06 25.27 -13.40
CA PRO D 185 -0.38 25.31 -14.84
C PRO D 185 0.26 26.48 -15.57
N TYR D 186 0.10 27.70 -15.06
CA TYR D 186 0.65 28.86 -15.75
C TYR D 186 2.17 28.79 -15.82
N ASN D 187 2.81 28.45 -14.69
CA ASN D 187 4.27 28.40 -14.66
C ASN D 187 4.79 27.40 -15.69
N SER D 188 4.25 26.19 -15.67
CA SER D 188 4.68 25.17 -16.62
C SER D 188 4.41 25.60 -18.04
N LEU D 189 3.23 26.17 -18.31
CA LEU D 189 2.91 26.59 -19.66
C LEU D 189 3.93 27.60 -20.17
N LEU D 190 4.16 28.65 -19.41
CA LEU D 190 5.09 29.69 -19.85
C LEU D 190 6.49 29.13 -20.02
N THR D 191 6.96 28.34 -19.06
CA THR D 191 8.32 27.82 -19.13
C THR D 191 8.50 26.90 -20.32
N LEU D 192 7.50 26.04 -20.59
CA LEU D 192 7.60 25.15 -21.74
C LEU D 192 7.55 25.94 -23.04
N LYS D 193 6.72 26.98 -23.10
CA LYS D 193 6.72 27.84 -24.28
C LYS D 193 8.11 28.41 -24.52
N ARG D 194 8.73 28.96 -23.48
CA ARG D 194 10.06 29.52 -23.62
C ARG D 194 11.06 28.45 -24.04
N LEU D 195 10.98 27.27 -23.43
CA LEU D 195 11.93 26.20 -23.74
C LEU D 195 11.82 25.81 -25.21
N THR D 196 10.60 25.59 -25.69
CA THR D 196 10.41 25.24 -27.08
C THR D 196 10.95 26.32 -28.00
N GLN D 197 10.69 27.58 -27.66
CA GLN D 197 11.14 28.66 -28.53
C GLN D 197 12.66 28.80 -28.54
N ASN D 198 13.32 28.45 -27.44
CA ASN D 198 14.75 28.70 -27.31
C ASN D 198 15.58 27.44 -27.04
N ALA D 199 15.10 26.54 -26.21
CA ALA D 199 15.94 25.44 -25.74
C ALA D 199 16.41 24.58 -26.91
N ASP D 200 17.62 24.05 -26.78
CA ASP D 200 18.24 23.21 -27.80
C ASP D 200 18.06 21.73 -27.53
N CYS D 201 18.36 21.28 -26.32
CA CYS D 201 18.12 19.90 -25.92
C CYS D 201 17.44 19.89 -24.56
N VAL D 202 16.54 18.93 -24.37
CA VAL D 202 15.72 18.87 -23.17
C VAL D 202 15.75 17.46 -22.60
N VAL D 203 15.53 17.37 -21.29
CA VAL D 203 15.40 16.09 -20.60
C VAL D 203 14.22 16.20 -19.65
N VAL D 204 13.08 15.69 -20.06
CA VAL D 204 11.84 15.86 -19.30
C VAL D 204 11.80 14.84 -18.17
N LEU D 205 11.60 15.33 -16.95
CA LEU D 205 11.46 14.48 -15.78
C LEU D 205 10.15 14.80 -15.08
N ASP D 206 9.38 13.77 -14.76
CA ASP D 206 8.15 13.91 -13.97
C ASP D 206 8.39 13.24 -12.63
N ASN D 207 8.22 14.01 -11.55
CA ASN D 207 8.44 13.45 -10.23
C ASN D 207 7.55 12.24 -9.96
N THR D 208 6.39 12.16 -10.63
CA THR D 208 5.53 11.01 -10.44
C THR D 208 6.24 9.72 -10.76
N ALA D 209 6.83 9.63 -11.96
CA ALA D 209 7.50 8.40 -12.36
C ALA D 209 8.73 8.14 -11.50
N LEU D 210 9.43 9.20 -11.11
CA LEU D 210 10.57 9.02 -10.21
C LEU D 210 10.13 8.36 -8.92
N ASN D 211 9.05 8.87 -8.32
CA ASN D 211 8.53 8.29 -7.09
C ASN D 211 8.10 6.84 -7.31
N ARG D 212 7.43 6.59 -8.44
CA ARG D 212 6.97 5.23 -8.73
C ARG D 212 8.15 4.26 -8.79
N ILE D 213 9.18 4.62 -9.55
CA ILE D 213 10.33 3.73 -9.67
C ILE D 213 11.02 3.58 -8.33
N ALA D 214 11.16 4.67 -7.58
CA ALA D 214 11.84 4.59 -6.30
C ALA D 214 11.12 3.61 -5.37
N THR D 215 9.80 3.68 -5.31
CA THR D 215 9.07 2.75 -4.46
C THR D 215 9.18 1.32 -4.98
N ASP D 216 8.91 1.12 -6.28
CA ASP D 216 8.77 -0.25 -6.78
C ASP D 216 10.11 -0.97 -6.81
N ARG D 217 11.15 -0.33 -7.35
CA ARG D 217 12.37 -1.04 -7.70
C ARG D 217 13.48 -0.90 -6.68
N LEU D 218 13.50 0.19 -5.90
CA LEU D 218 14.49 0.31 -4.83
C LEU D 218 14.05 -0.42 -3.57
N HIS D 219 12.79 -0.85 -3.49
CA HIS D 219 12.27 -1.55 -2.32
C HIS D 219 12.37 -0.70 -1.07
N ILE D 220 12.36 0.63 -1.25
CA ILE D 220 12.41 1.58 -0.15
C ILE D 220 11.03 2.22 0.00
N GLN D 221 10.58 2.35 1.24
CA GLN D 221 9.25 2.89 1.51
C GLN D 221 9.25 4.41 1.66
N ASN D 222 10.41 5.04 1.86
CA ASN D 222 10.45 6.50 1.94
C ASN D 222 11.67 7.06 1.23
N PRO D 223 11.97 6.61 0.00
CA PRO D 223 13.17 7.12 -0.69
C PRO D 223 13.11 8.62 -0.91
N SER D 224 12.12 9.06 -1.69
CA SER D 224 11.84 10.47 -1.89
C SER D 224 13.05 11.31 -2.27
N PHE D 225 13.09 12.56 -1.78
CA PHE D 225 13.93 13.60 -2.36
C PHE D 225 15.39 13.16 -2.49
N SER D 226 15.97 12.60 -1.43
CA SER D 226 17.37 12.20 -1.50
C SER D 226 17.58 11.16 -2.58
N GLN D 227 16.75 10.11 -2.57
CA GLN D 227 16.97 9.01 -3.51
C GLN D 227 16.64 9.42 -4.94
N ILE D 228 15.57 10.20 -5.13
CA ILE D 228 15.25 10.64 -6.49
C ILE D 228 16.37 11.54 -7.01
N ASN D 229 16.95 12.35 -6.13
CA ASN D 229 18.12 13.13 -6.51
C ASN D 229 19.27 12.22 -6.89
N GLN D 230 19.49 11.15 -6.11
CA GLN D 230 20.50 10.17 -6.48
C GLN D 230 20.28 9.69 -7.91
N LEU D 231 19.04 9.32 -8.23
CA LEU D 231 18.75 8.78 -9.55
C LEU D 231 19.02 9.81 -10.64
N VAL D 232 18.46 11.01 -10.50
CA VAL D 232 18.60 12.01 -11.56
C VAL D 232 20.07 12.40 -11.73
N SER D 233 20.77 12.58 -10.62
CA SER D 233 22.20 12.88 -10.69
C SER D 233 22.94 11.75 -11.38
N THR D 234 22.54 10.51 -11.14
CA THR D 234 23.19 9.40 -11.82
C THR D 234 22.94 9.48 -13.32
N ILE D 235 21.72 9.84 -13.73
CA ILE D 235 21.42 9.97 -15.15
C ILE D 235 22.34 11.01 -15.79
N MET D 236 22.36 12.20 -15.20
CA MET D 236 23.16 13.29 -15.76
C MET D 236 24.64 12.92 -15.75
N SER D 237 25.10 12.30 -14.66
CA SER D 237 26.48 11.91 -14.56
C SER D 237 26.85 10.88 -15.61
N ALA D 238 25.96 9.92 -15.87
CA ALA D 238 26.24 8.93 -16.91
C ALA D 238 26.40 9.60 -18.26
N SER D 239 25.47 10.51 -18.59
CA SER D 239 25.57 11.20 -19.88
C SER D 239 26.89 11.97 -19.99
N THR D 240 27.18 12.80 -18.98
CA THR D 240 28.38 13.63 -19.06
C THR D 240 29.65 12.79 -18.96
N THR D 241 29.60 11.65 -18.28
CA THR D 241 30.76 10.77 -18.22
C THR D 241 31.05 10.18 -19.59
N THR D 242 30.04 9.61 -20.23
CA THR D 242 30.27 9.06 -21.55
C THR D 242 30.72 10.14 -22.52
N LEU D 243 30.29 11.38 -22.30
CA LEU D 243 30.86 12.48 -23.06
C LEU D 243 32.35 12.65 -22.76
N ARG D 244 32.68 13.00 -21.52
CA ARG D 244 34.06 13.31 -21.18
C ARG D 244 34.97 12.10 -21.29
N TYR D 245 34.47 10.92 -20.94
CA TYR D 245 35.30 9.72 -20.96
C TYR D 245 36.01 9.62 -22.30
N PRO D 246 37.34 9.80 -22.33
CA PRO D 246 38.03 9.84 -23.62
C PRO D 246 37.80 8.56 -24.42
N GLY D 247 37.64 8.73 -25.72
CA GLY D 247 37.47 7.61 -26.62
C GLY D 247 37.51 8.09 -28.04
N TYR D 248 37.75 7.14 -28.96
CA TYR D 248 37.82 7.49 -30.37
C TYR D 248 36.45 7.79 -30.97
N MET D 249 35.37 7.55 -30.23
CA MET D 249 34.02 7.83 -30.69
C MET D 249 33.29 8.63 -29.64
N ASN D 250 32.31 9.42 -30.10
CA ASN D 250 31.40 10.13 -29.20
C ASN D 250 32.18 11.05 -28.24
N ASN D 251 32.83 12.04 -28.83
CA ASN D 251 33.62 13.01 -28.07
C ASN D 251 33.07 14.43 -28.23
N ASP D 252 31.76 14.57 -28.33
CA ASP D 252 31.14 15.89 -28.43
C ASP D 252 29.64 15.75 -28.18
N LEU D 253 29.12 16.53 -27.23
CA LEU D 253 27.70 16.45 -26.94
C LEU D 253 26.85 16.89 -28.12
N ILE D 254 27.33 17.86 -28.89
CA ILE D 254 26.60 18.30 -30.08
C ILE D 254 26.34 17.12 -31.00
N GLY D 255 27.38 16.32 -31.26
CA GLY D 255 27.20 15.17 -32.13
C GLY D 255 26.23 14.16 -31.57
N LEU D 256 26.37 13.85 -30.28
CA LEU D 256 25.47 12.89 -29.65
C LEU D 256 24.02 13.34 -29.80
N ILE D 257 23.74 14.60 -29.45
CA ILE D 257 22.36 15.07 -29.46
C ILE D 257 21.83 15.14 -30.89
N ALA D 258 22.65 15.62 -31.83
CA ALA D 258 22.19 15.74 -33.21
C ALA D 258 21.67 14.42 -33.73
N SER D 259 22.22 13.31 -33.25
CA SER D 259 21.72 12.00 -33.64
C SER D 259 20.26 11.80 -33.23
N LEU D 260 19.79 12.57 -32.25
CA LEU D 260 18.46 12.36 -31.68
C LEU D 260 17.46 13.45 -32.08
N ILE D 261 17.89 14.46 -32.83
CA ILE D 261 17.05 15.61 -33.12
C ILE D 261 16.86 15.75 -34.63
N PRO D 262 15.80 15.20 -35.21
CA PRO D 262 15.57 15.47 -36.64
C PRO D 262 15.41 16.95 -36.95
N THR D 263 14.74 17.70 -36.08
CA THR D 263 14.60 19.13 -36.24
C THR D 263 14.51 19.76 -34.87
N PRO D 264 14.85 21.05 -34.74
CA PRO D 264 14.85 21.68 -33.40
C PRO D 264 13.51 21.64 -32.72
N ARG D 265 12.40 21.69 -33.46
CA ARG D 265 11.09 21.77 -32.84
C ARG D 265 10.80 20.58 -31.95
N LEU D 266 11.47 19.45 -32.17
CA LEU D 266 11.14 18.19 -31.54
C LEU D 266 12.11 17.84 -30.40
N HIS D 267 12.91 18.80 -29.95
CA HIS D 267 14.08 18.50 -29.12
C HIS D 267 13.70 18.21 -27.66
N PHE D 268 12.82 17.22 -27.49
CA PHE D 268 12.48 16.69 -26.19
C PHE D 268 12.83 15.21 -26.15
N LEU D 269 13.35 14.77 -25.01
CA LEU D 269 13.87 13.41 -24.87
C LEU D 269 13.07 12.66 -23.81
N MET D 270 13.30 11.35 -23.76
CA MET D 270 12.65 10.45 -22.82
C MET D 270 13.73 9.56 -22.24
N THR D 271 13.78 9.48 -20.92
CA THR D 271 14.94 8.95 -20.22
C THR D 271 14.74 7.49 -19.79
N GLY D 272 15.78 6.92 -19.19
CA GLY D 272 15.76 5.56 -18.72
C GLY D 272 17.13 5.08 -18.29
N TYR D 273 17.19 4.28 -17.22
CA TYR D 273 18.45 3.76 -16.71
C TYR D 273 18.16 2.71 -15.65
N THR D 274 19.01 1.68 -15.59
CA THR D 274 18.82 0.63 -14.60
C THR D 274 19.06 1.20 -13.21
N PRO D 275 18.10 1.12 -12.29
CA PRO D 275 18.28 1.74 -10.97
C PRO D 275 19.26 0.94 -10.13
N LEU D 276 20.30 1.62 -9.64
CA LEU D 276 21.33 0.93 -8.86
C LEU D 276 21.82 1.77 -7.68
N THR D 277 21.01 2.70 -7.17
CA THR D 277 21.45 3.55 -6.06
C THR D 277 21.75 2.72 -4.81
N THR D 278 20.80 1.89 -4.40
CA THR D 278 21.00 1.08 -3.21
C THR D 278 22.05 0.01 -3.49
N ASP D 279 22.92 -0.23 -2.51
CA ASP D 279 23.95 -1.23 -2.70
C ASP D 279 23.30 -2.58 -2.93
N GLN D 280 22.65 -3.12 -1.90
CA GLN D 280 21.63 -4.17 -2.03
C GLN D 280 21.93 -5.09 -3.21
N SER D 281 23.15 -5.65 -3.21
CA SER D 281 23.57 -6.51 -4.31
C SER D 281 22.56 -7.64 -4.52
N VAL D 282 22.09 -8.26 -3.43
CA VAL D 282 21.11 -9.33 -3.56
C VAL D 282 19.81 -8.81 -4.17
N ALA D 283 19.35 -7.65 -3.72
CA ALA D 283 18.06 -7.13 -4.13
C ALA D 283 18.13 -6.21 -5.34
N SER D 284 19.28 -5.60 -5.61
CA SER D 284 19.36 -4.62 -6.70
C SER D 284 19.40 -5.31 -8.05
N VAL D 285 20.47 -6.07 -8.30
CA VAL D 285 20.60 -6.83 -9.54
C VAL D 285 21.37 -8.10 -9.27
N ARG D 286 20.70 -9.25 -9.39
CA ARG D 286 21.38 -10.52 -9.22
C ARG D 286 22.26 -10.84 -10.42
N LYS D 287 21.75 -10.61 -11.63
CA LYS D 287 22.50 -10.89 -12.84
C LYS D 287 22.23 -9.78 -13.85
N THR D 288 23.17 -9.61 -14.78
CA THR D 288 23.07 -8.58 -15.80
C THR D 288 23.48 -9.16 -17.15
N THR D 289 22.91 -8.61 -18.20
CA THR D 289 23.24 -8.99 -19.57
C THR D 289 22.70 -7.93 -20.50
N VAL D 290 23.50 -7.52 -21.48
CA VAL D 290 23.13 -6.38 -22.31
C VAL D 290 21.76 -6.60 -22.93
N LEU D 291 21.44 -7.85 -23.30
CA LEU D 291 20.13 -8.15 -23.86
C LEU D 291 19.02 -7.77 -22.91
N ASP D 292 19.10 -8.25 -21.66
CA ASP D 292 17.99 -8.03 -20.74
C ASP D 292 17.91 -6.57 -20.31
N VAL D 293 19.05 -5.90 -20.16
CA VAL D 293 19.01 -4.50 -19.77
C VAL D 293 18.41 -3.65 -20.88
N MET D 294 18.82 -3.87 -22.13
CA MET D 294 18.21 -3.10 -23.21
C MET D 294 16.73 -3.40 -23.30
N ARG D 295 16.33 -4.66 -23.10
CA ARG D 295 14.91 -4.99 -23.11
C ARG D 295 14.17 -4.23 -22.02
N ARG D 296 14.69 -4.26 -20.79
CA ARG D 296 14.04 -3.56 -19.68
C ARG D 296 13.87 -2.09 -20.00
N LEU D 297 14.96 -1.43 -20.39
CA LEU D 297 14.93 0.02 -20.54
C LEU D 297 13.96 0.47 -21.62
N LEU D 298 13.52 -0.45 -22.48
CA LEU D 298 12.49 -0.10 -23.46
C LEU D 298 11.12 0.04 -22.81
N GLN D 299 10.86 -0.73 -21.75
CA GLN D 299 9.55 -0.72 -21.13
C GLN D 299 9.25 0.64 -20.51
N PRO D 300 7.98 1.06 -20.51
CA PRO D 300 7.62 2.29 -19.78
C PRO D 300 7.88 2.20 -18.29
N LYS D 301 7.98 0.99 -17.74
CA LYS D 301 8.13 0.85 -16.29
C LYS D 301 9.38 1.57 -15.79
N ASN D 302 10.48 1.45 -16.52
CA ASN D 302 11.75 2.01 -16.09
C ASN D 302 11.97 3.44 -16.56
N VAL D 303 11.02 4.00 -17.31
CA VAL D 303 11.16 5.39 -17.73
C VAL D 303 10.87 6.32 -16.56
N MET D 304 11.35 7.56 -16.68
CA MET D 304 11.14 8.59 -15.66
C MET D 304 10.09 9.59 -16.09
N VAL D 305 9.03 9.13 -16.75
CA VAL D 305 7.91 9.97 -17.14
C VAL D 305 6.62 9.20 -16.95
N SER D 306 5.53 9.92 -16.71
CA SER D 306 4.23 9.30 -16.52
C SER D 306 3.58 8.95 -17.86
N THR D 313 -4.21 6.36 -31.93
CA THR D 313 -2.90 6.98 -32.08
C THR D 313 -1.79 6.00 -31.73
N ASN D 314 -1.27 5.33 -32.76
CA ASN D 314 -0.24 4.31 -32.58
C ASN D 314 1.10 4.98 -32.31
N HIS D 315 1.20 5.58 -31.12
CA HIS D 315 2.39 6.31 -30.75
C HIS D 315 3.60 5.39 -30.79
N CYS D 316 4.69 5.85 -31.41
CA CYS D 316 5.91 5.07 -31.56
C CYS D 316 7.11 5.98 -31.26
N TYR D 317 8.30 5.47 -31.53
CA TYR D 317 9.54 6.18 -31.27
C TYR D 317 9.93 7.05 -32.46
N ILE D 318 10.78 8.03 -32.19
CA ILE D 318 11.37 8.87 -33.23
C ILE D 318 12.87 8.64 -33.32
N ALA D 319 13.54 8.41 -32.19
CA ALA D 319 14.96 8.12 -32.19
C ALA D 319 15.35 7.65 -30.80
N ILE D 320 16.26 6.69 -30.73
CA ILE D 320 16.71 6.11 -29.47
C ILE D 320 18.22 6.01 -29.49
N LEU D 321 18.84 6.33 -28.37
CA LEU D 321 20.28 6.15 -28.19
C LEU D 321 20.52 5.45 -26.87
N ASN D 322 21.57 4.63 -26.84
CA ASN D 322 21.93 3.88 -25.64
C ASN D 322 23.43 3.95 -25.45
N ILE D 323 23.83 4.05 -24.19
CA ILE D 323 25.24 4.05 -23.80
C ILE D 323 25.45 2.91 -22.81
N ILE D 324 26.49 2.12 -23.03
CA ILE D 324 26.72 0.91 -22.26
C ILE D 324 28.11 0.97 -21.64
N GLN D 325 28.26 0.27 -20.52
CA GLN D 325 29.49 0.28 -19.76
C GLN D 325 29.90 -1.14 -19.43
N GLY D 326 31.17 -1.30 -19.06
CA GLY D 326 31.71 -2.60 -18.74
C GLY D 326 32.00 -3.42 -19.98
N GLU D 327 32.39 -4.66 -19.74
CA GLU D 327 32.70 -5.58 -20.83
C GLU D 327 31.49 -5.74 -21.74
N VAL D 328 31.73 -5.76 -23.05
CA VAL D 328 30.67 -5.88 -24.04
C VAL D 328 31.22 -6.58 -25.27
N ASP D 329 30.37 -7.39 -25.90
CA ASP D 329 30.72 -8.09 -27.13
C ASP D 329 29.89 -7.51 -28.26
N PRO D 330 30.49 -6.73 -29.18
CA PRO D 330 29.68 -6.09 -30.23
C PRO D 330 28.85 -7.07 -31.05
N THR D 331 29.40 -8.26 -31.31
CA THR D 331 28.60 -9.29 -31.98
C THR D 331 27.33 -9.57 -31.20
N GLN D 332 27.48 -9.75 -29.88
CA GLN D 332 26.33 -9.91 -29.00
C GLN D 332 25.39 -8.72 -29.13
N VAL D 333 25.94 -7.51 -29.27
CA VAL D 333 25.10 -6.32 -29.35
C VAL D 333 24.21 -6.39 -30.58
N HIS D 334 24.79 -6.65 -31.75
CA HIS D 334 23.97 -6.58 -32.95
C HIS D 334 23.01 -7.76 -33.02
N LYS D 335 23.41 -8.93 -32.53
CA LYS D 335 22.46 -10.04 -32.50
C LYS D 335 21.31 -9.76 -31.54
N SER D 336 21.60 -9.10 -30.42
CA SER D 336 20.54 -8.68 -29.52
C SER D 336 19.59 -7.72 -30.22
N LEU D 337 20.14 -6.76 -30.96
CA LEU D 337 19.30 -5.82 -31.68
C LEU D 337 18.44 -6.54 -32.71
N GLN D 338 19.01 -7.53 -33.38
CA GLN D 338 18.23 -8.32 -34.33
C GLN D 338 17.10 -9.06 -33.64
N ARG D 339 17.39 -9.66 -32.49
CA ARG D 339 16.33 -10.30 -31.70
C ARG D 339 15.22 -9.31 -31.38
N ILE D 340 15.61 -8.13 -30.91
CA ILE D 340 14.61 -7.12 -30.54
C ILE D 340 13.76 -6.76 -31.75
N ARG D 341 14.39 -6.58 -32.91
CA ARG D 341 13.63 -6.25 -34.12
C ARG D 341 12.67 -7.36 -34.48
N GLU D 342 13.11 -8.61 -34.34
CA GLU D 342 12.27 -9.73 -34.72
C GLU D 342 10.97 -9.75 -33.92
N ARG D 343 11.07 -9.49 -32.60
CA ARG D 343 9.89 -9.50 -31.76
C ARG D 343 9.04 -8.25 -31.96
N LYS D 344 9.58 -7.20 -32.58
CA LYS D 344 8.85 -5.97 -32.82
C LYS D 344 8.24 -5.44 -31.52
N LEU D 345 9.04 -5.49 -30.45
CA LEU D 345 8.56 -4.98 -29.17
C LEU D 345 8.22 -3.49 -29.26
N ALA D 346 9.05 -2.72 -29.96
CA ALA D 346 8.85 -1.30 -30.15
C ALA D 346 8.67 -1.02 -31.64
N ASN D 347 8.62 0.25 -32.00
CA ASN D 347 8.44 0.66 -33.38
C ASN D 347 9.05 2.03 -33.60
N PHE D 348 9.54 2.25 -34.81
CA PHE D 348 10.09 3.54 -35.21
C PHE D 348 9.08 4.27 -36.09
N ILE D 349 9.41 5.50 -36.47
CA ILE D 349 8.51 6.28 -37.32
C ILE D 349 8.38 5.59 -38.68
N PRO D 350 7.19 5.54 -39.27
CA PRO D 350 7.07 4.84 -40.56
C PRO D 350 7.88 5.49 -41.66
N TRP D 351 7.66 6.78 -41.91
CA TRP D 351 8.34 7.47 -43.00
C TRP D 351 9.83 7.62 -42.77
N GLY D 352 10.32 7.34 -41.56
CA GLY D 352 11.72 7.47 -41.27
C GLY D 352 12.54 6.41 -42.00
N PRO D 353 13.86 6.50 -41.83
CA PRO D 353 14.80 5.57 -42.47
C PRO D 353 14.82 4.21 -41.79
N ILE D 356 18.82 2.92 -35.02
CA ILE D 356 19.14 3.66 -33.81
C ILE D 356 20.65 3.85 -33.70
N GLN D 357 21.14 4.04 -32.48
CA GLN D 357 22.57 4.13 -32.24
C GLN D 357 22.87 3.62 -30.84
N VAL D 358 24.08 3.10 -30.66
CA VAL D 358 24.56 2.64 -29.36
C VAL D 358 26.05 2.90 -29.28
N ALA D 359 26.51 3.28 -28.08
CA ALA D 359 27.92 3.56 -27.85
C ALA D 359 28.37 2.83 -26.60
N LEU D 360 29.68 2.63 -26.49
CA LEU D 360 30.30 1.96 -25.35
C LEU D 360 31.24 2.93 -24.65
N SER D 361 31.07 3.07 -23.34
CA SER D 361 31.89 3.96 -22.54
C SER D 361 32.47 3.20 -21.36
N ARG D 362 33.55 3.75 -20.81
CA ARG D 362 34.23 3.14 -19.67
C ARG D 362 33.46 3.50 -18.40
N LYS D 363 34.08 3.23 -17.25
CA LYS D 363 33.53 3.60 -15.95
C LYS D 363 34.63 4.29 -15.14
N SER D 364 34.24 4.91 -14.04
CA SER D 364 35.22 5.55 -13.17
C SER D 364 36.25 4.52 -12.73
N PRO D 365 37.54 4.74 -12.99
CA PRO D 365 38.52 3.69 -12.69
C PRO D 365 38.53 3.28 -11.23
N TYR D 366 38.31 4.21 -10.30
CA TYR D 366 38.39 3.89 -8.88
C TYR D 366 37.06 3.45 -8.30
N LEU D 367 35.96 3.92 -8.85
CA LEU D 367 34.64 3.58 -8.30
C LEU D 367 34.36 2.10 -8.48
N PRO D 368 34.10 1.34 -7.43
CA PRO D 368 33.76 -0.08 -7.61
C PRO D 368 32.40 -0.25 -8.26
N SER D 369 32.24 -1.38 -8.94
CA SER D 369 30.99 -1.72 -9.61
C SER D 369 30.51 -3.09 -9.13
N ALA D 370 29.21 -3.19 -8.88
CA ALA D 370 28.59 -4.44 -8.43
C ALA D 370 27.91 -5.18 -9.57
N HIS D 371 28.46 -5.08 -10.78
CA HIS D 371 27.92 -5.76 -11.95
C HIS D 371 28.95 -5.62 -13.07
N ARG D 372 28.58 -6.10 -14.26
CA ARG D 372 29.45 -5.98 -15.42
C ARG D 372 28.76 -5.34 -16.62
N VAL D 373 27.44 -5.20 -16.62
CA VAL D 373 26.70 -4.60 -17.73
C VAL D 373 25.66 -3.67 -17.17
N SER D 374 25.57 -2.47 -17.74
CA SER D 374 24.50 -1.52 -17.42
C SER D 374 24.43 -0.51 -18.54
N GLY D 375 23.30 0.20 -18.61
CA GLY D 375 23.07 1.09 -19.72
C GLY D 375 22.09 2.19 -19.40
N LEU D 376 22.24 3.30 -20.14
CA LEU D 376 21.36 4.44 -20.07
C LEU D 376 20.79 4.70 -21.46
N MET D 377 19.49 4.97 -21.52
CA MET D 377 18.80 5.19 -22.78
C MET D 377 18.20 6.58 -22.82
N MET D 378 18.25 7.19 -24.00
CA MET D 378 17.57 8.44 -24.28
C MET D 378 16.70 8.25 -25.50
N ALA D 379 15.42 8.58 -25.38
CA ALA D 379 14.45 8.34 -26.44
C ALA D 379 13.61 9.57 -26.67
N ASN D 380 13.09 9.69 -27.89
CA ASN D 380 12.19 10.77 -28.28
C ASN D 380 10.92 10.10 -28.80
N HIS D 381 9.87 10.11 -27.97
CA HIS D 381 8.65 9.37 -28.25
C HIS D 381 7.49 10.33 -28.48
N THR D 382 6.73 10.08 -29.55
CA THR D 382 5.59 10.92 -29.85
C THR D 382 4.53 10.87 -28.75
N SER D 383 4.56 9.84 -27.91
CA SER D 383 3.62 9.77 -26.80
C SER D 383 3.83 10.90 -25.81
N ILE D 384 4.97 11.59 -25.87
CA ILE D 384 5.23 12.70 -24.97
C ILE D 384 4.19 13.79 -25.09
N SER D 385 3.43 13.80 -26.19
CA SER D 385 2.40 14.83 -26.37
C SER D 385 1.31 14.76 -25.31
N SER D 386 1.21 13.64 -24.59
CA SER D 386 0.17 13.51 -23.58
C SER D 386 0.34 14.56 -22.48
N LEU D 387 1.56 14.81 -22.04
CA LEU D 387 1.80 15.80 -21.01
C LEU D 387 1.31 17.17 -21.47
N PHE D 388 1.62 17.54 -22.70
CA PHE D 388 1.22 18.85 -23.20
C PHE D 388 -0.28 18.93 -23.38
N GLU D 389 -0.91 17.83 -23.78
CA GLU D 389 -2.37 17.81 -23.85
C GLU D 389 -2.97 18.06 -22.47
N ARG D 390 -2.43 17.38 -21.46
CA ARG D 390 -2.92 17.57 -20.10
C ARG D 390 -2.77 19.03 -19.66
N THR D 391 -1.60 19.60 -19.92
CA THR D 391 -1.34 20.98 -19.50
C THR D 391 -2.24 21.96 -20.24
N CYS D 392 -2.46 21.75 -21.54
CA CYS D 392 -3.36 22.62 -22.28
C CYS D 392 -4.77 22.55 -21.74
N ARG D 393 -5.25 21.33 -21.46
CA ARG D 393 -6.57 21.19 -20.87
C ARG D 393 -6.65 21.91 -19.54
N GLN D 394 -5.62 21.77 -18.71
CA GLN D 394 -5.61 22.41 -17.40
C GLN D 394 -5.66 23.92 -17.53
N TYR D 395 -4.83 24.48 -18.43
CA TYR D 395 -4.78 25.93 -18.57
C TYR D 395 -6.10 26.46 -19.10
N ASP D 396 -6.71 25.78 -20.07
CA ASP D 396 -8.02 26.20 -20.54
C ASP D 396 -9.05 26.12 -19.42
N LYS D 397 -8.93 25.08 -18.58
CA LYS D 397 -9.84 24.96 -17.45
C LYS D 397 -9.72 26.17 -16.53
N LEU D 398 -8.49 26.59 -16.23
CA LEU D 398 -8.30 27.77 -15.39
C LEU D 398 -8.81 29.02 -16.08
N ARG D 399 -8.53 29.17 -17.38
CA ARG D 399 -8.95 30.36 -18.11
C ARG D 399 -10.46 30.45 -18.23
N LYS D 400 -11.17 29.32 -18.14
CA LYS D 400 -12.62 29.34 -18.32
C LYS D 400 -13.27 30.40 -17.43
N ARG D 401 -12.94 30.39 -16.15
CA ARG D 401 -13.49 31.37 -15.21
C ARG D 401 -12.49 32.46 -14.84
N GLU D 402 -11.24 32.34 -15.30
CA GLU D 402 -10.24 33.40 -15.11
C GLU D 402 -10.03 33.70 -13.62
N ALA D 403 -9.54 32.71 -12.91
CA ALA D 403 -9.16 32.87 -11.51
C ALA D 403 -7.65 32.96 -11.38
N PHE D 404 -7.20 33.41 -10.21
CA PHE D 404 -5.78 33.51 -9.89
C PHE D 404 -5.04 34.46 -10.82
N LEU D 405 -5.73 35.43 -11.41
CA LEU D 405 -5.09 36.41 -12.26
C LEU D 405 -4.67 37.68 -11.53
N GLU D 406 -5.14 37.88 -10.31
CA GLU D 406 -4.86 39.12 -9.60
C GLU D 406 -3.35 39.33 -9.42
N GLN D 407 -2.63 38.26 -9.13
CA GLN D 407 -1.18 38.40 -8.93
C GLN D 407 -0.51 38.95 -10.18
N PHE D 408 -0.91 38.45 -11.34
CA PHE D 408 -0.30 38.90 -12.58
C PHE D 408 -0.68 40.34 -12.90
N ARG D 409 -1.90 40.74 -12.53
CA ARG D 409 -2.28 42.14 -12.69
C ARG D 409 -1.30 43.06 -11.98
N LYS D 410 -0.70 42.59 -10.89
CA LYS D 410 0.32 43.36 -10.20
C LYS D 410 1.62 43.45 -10.98
N GLU D 411 1.75 42.69 -12.07
CA GLU D 411 2.99 42.58 -12.81
C GLU D 411 2.93 43.43 -14.07
N ASP D 412 4.00 44.18 -14.33
CA ASP D 412 4.04 45.02 -15.52
C ASP D 412 3.91 44.19 -16.78
N MET D 413 4.60 43.05 -16.83
CA MET D 413 4.53 42.18 -18.01
C MET D 413 3.12 41.71 -18.28
N PHE D 414 2.25 41.74 -17.26
CA PHE D 414 0.85 41.38 -17.41
C PHE D 414 -0.07 42.49 -16.93
N LYS D 415 0.47 43.67 -16.62
CA LYS D 415 -0.37 44.75 -16.13
C LYS D 415 -1.39 45.17 -17.18
N ASP D 416 -0.97 45.27 -18.44
CA ASP D 416 -1.87 45.73 -19.49
C ASP D 416 -2.80 44.61 -19.95
N ASN D 417 -2.23 43.52 -20.46
CA ASN D 417 -3.01 42.42 -21.02
C ASN D 417 -2.31 41.11 -20.72
N PHE D 418 -2.77 40.04 -21.36
CA PHE D 418 -2.22 38.70 -21.21
C PHE D 418 -1.91 38.06 -22.55
N ASP D 419 -1.72 38.86 -23.60
CA ASP D 419 -1.46 38.30 -24.92
C ASP D 419 -0.28 37.34 -24.89
N GLU D 420 0.69 37.59 -24.02
CA GLU D 420 1.85 36.70 -23.93
C GLU D 420 1.40 35.27 -23.63
N MET D 421 0.53 35.11 -22.64
CA MET D 421 0.09 33.76 -22.27
C MET D 421 -0.73 33.13 -23.38
N ASP D 422 -1.58 33.91 -24.04
CA ASP D 422 -2.40 33.37 -25.13
C ASP D 422 -1.51 32.88 -26.27
N THR D 423 -0.53 33.69 -26.67
CA THR D 423 0.36 33.29 -27.74
C THR D 423 1.19 32.08 -27.33
N SER D 424 1.57 32.00 -26.05
CA SER D 424 2.23 30.79 -25.56
C SER D 424 1.32 29.58 -25.74
N ARG D 425 0.03 29.75 -25.43
CA ARG D 425 -0.92 28.65 -25.61
C ARG D 425 -0.96 28.21 -27.06
N GLU D 426 -1.05 29.16 -27.99
CA GLU D 426 -1.12 28.77 -29.40
C GLU D 426 0.18 28.13 -29.88
N ILE D 427 1.32 28.59 -29.36
CA ILE D 427 2.58 27.96 -29.72
C ILE D 427 2.61 26.52 -29.23
N VAL D 428 2.14 26.29 -28.00
CA VAL D 428 2.03 24.93 -27.50
C VAL D 428 1.11 24.10 -28.39
N GLN D 429 0.02 24.70 -28.84
CA GLN D 429 -0.90 23.99 -29.71
C GLN D 429 -0.19 23.56 -31.00
N GLN D 430 0.56 24.48 -31.60
CA GLN D 430 1.29 24.13 -32.82
C GLN D 430 2.29 23.02 -32.54
N LEU D 431 2.99 23.09 -31.41
CA LEU D 431 3.95 22.04 -31.09
C LEU D 431 3.26 20.69 -30.97
N ILE D 432 2.13 20.64 -30.26
CA ILE D 432 1.43 19.38 -30.07
C ILE D 432 0.93 18.84 -31.41
N ASP D 433 0.39 19.72 -32.25
CA ASP D 433 -0.08 19.29 -33.56
C ASP D 433 1.07 18.73 -34.40
N GLU D 434 2.23 19.39 -34.34
CA GLU D 434 3.39 18.90 -35.08
C GLU D 434 3.81 17.53 -34.57
N TYR D 435 3.82 17.34 -33.25
CA TYR D 435 4.11 16.02 -32.72
C TYR D 435 3.12 15.00 -33.23
N HIS D 436 1.83 15.34 -33.22
CA HIS D 436 0.81 14.40 -33.69
C HIS D 436 1.05 14.01 -35.13
N ALA D 437 1.25 14.99 -36.00
CA ALA D 437 1.44 14.72 -37.42
C ALA D 437 2.81 14.14 -37.74
N ALA D 438 3.74 14.16 -36.77
CA ALA D 438 5.08 13.62 -37.03
C ALA D 438 5.00 12.17 -37.48
N THR D 439 4.21 11.35 -36.77
CA THR D 439 4.10 9.95 -37.16
C THR D 439 3.50 9.81 -38.55
N ARG D 440 2.52 10.65 -38.88
CA ARG D 440 1.87 10.58 -40.18
C ARG D 440 2.81 11.15 -41.24
N PRO D 441 3.12 10.39 -42.31
CA PRO D 441 3.94 10.95 -43.38
C PRO D 441 3.37 12.25 -43.96
#